data_7SJL
#
_entry.id   7SJL
#
_entity_poly.entity_id   1
_entity_poly.type   'polypeptide(L)'
_entity_poly.pdbx_seq_one_letter_code
;MHHHHHHSSGRENLYFQGALPPRLKEMKSQESAAGSKLVLRCETSSEYSSLRFKWFKNGNELNRKNKPQNIKIQKKPGKS
ELRINKASLADSGEYMCKVISKLGNDSASANITIVESN
;
_entity_poly.pdbx_strand_id   A
#
# COMPACT_ATOMS: atom_id res chain seq x y z
N MET A 1 26.10 -13.50 -1.51
CA MET A 1 25.05 -14.46 -1.09
C MET A 1 23.77 -13.69 -0.74
N HIS A 2 22.64 -14.04 -1.39
CA HIS A 2 21.32 -13.42 -1.11
C HIS A 2 20.88 -13.73 0.34
N HIS A 3 21.11 -12.75 1.22
CA HIS A 3 20.75 -12.81 2.64
C HIS A 3 20.05 -11.48 2.97
N HIS A 4 18.84 -11.55 3.56
CA HIS A 4 17.96 -10.39 3.70
C HIS A 4 18.57 -9.26 4.55
N HIS A 5 19.26 -9.65 5.64
CA HIS A 5 19.78 -8.70 6.66
C HIS A 5 18.62 -7.88 7.29
N HIS A 6 18.97 -6.75 7.95
CA HIS A 6 17.99 -5.82 8.54
C HIS A 6 17.17 -6.51 9.65
N HIS A 7 17.69 -6.48 10.87
CA HIS A 7 17.04 -7.09 12.04
C HIS A 7 15.84 -6.22 12.47
N SER A 8 14.69 -6.87 12.70
CA SER A 8 13.50 -6.22 13.25
C SER A 8 13.67 -6.01 14.78
N SER A 9 14.49 -5.00 15.11
CA SER A 9 14.81 -4.64 16.51
C SER A 9 13.61 -3.91 17.15
N GLY A 10 12.82 -4.66 17.94
CA GLY A 10 11.61 -4.12 18.56
C GLY A 10 11.86 -3.56 19.94
N ARG A 11 11.11 -2.52 20.30
CA ARG A 11 11.17 -1.85 21.61
C ARG A 11 9.87 -1.08 21.88
N GLU A 12 9.40 -0.43 20.81
CA GLU A 12 8.34 0.58 20.84
C GLU A 12 7.11 0.05 20.05
N ASN A 13 6.86 -1.26 20.17
CA ASN A 13 5.82 -1.95 19.40
C ASN A 13 4.40 -1.75 20.00
N LEU A 14 4.33 -1.05 21.15
CA LEU A 14 3.05 -0.60 21.75
C LEU A 14 3.28 0.69 22.58
N TYR A 15 4.49 0.81 23.14
CA TYR A 15 4.93 2.02 23.87
C TYR A 15 5.79 2.89 22.94
N PHE A 16 5.10 3.59 22.02
CA PHE A 16 5.74 4.50 21.04
C PHE A 16 5.20 5.93 21.24
N GLN A 17 4.85 6.27 22.50
CA GLN A 17 4.24 7.56 22.87
C GLN A 17 5.17 8.71 22.44
N GLY A 18 4.70 9.52 21.47
CA GLY A 18 5.51 10.59 20.86
C GLY A 18 5.65 10.38 19.36
N ALA A 19 6.06 9.17 18.99
CA ALA A 19 6.18 8.73 17.59
C ALA A 19 4.78 8.49 17.03
N LEU A 20 4.58 8.83 15.75
CA LEU A 20 3.26 8.74 15.11
C LEU A 20 3.05 7.33 14.53
N PRO A 21 1.76 6.85 14.43
CA PRO A 21 1.46 5.59 13.75
C PRO A 21 1.70 5.73 12.21
N PRO A 22 2.03 4.62 11.49
CA PRO A 22 2.30 4.68 10.03
C PRO A 22 1.01 4.88 9.21
N ARG A 23 0.44 6.10 9.31
CA ARG A 23 -0.84 6.43 8.68
C ARG A 23 -0.68 6.52 7.14
N LEU A 24 -1.29 5.56 6.43
CA LEU A 24 -1.31 5.55 4.96
C LEU A 24 -2.18 6.70 4.44
N LYS A 25 -1.73 7.28 3.33
CA LYS A 25 -2.37 8.40 2.67
C LYS A 25 -3.41 7.86 1.69
N GLU A 26 -4.65 8.37 1.83
CA GLU A 26 -5.85 7.81 1.18
C GLU A 26 -5.71 7.76 -0.36
N MET A 27 -5.99 6.57 -0.93
CA MET A 27 -5.98 6.36 -2.39
C MET A 27 -7.38 6.64 -2.97
N LYS A 28 -7.43 6.84 -4.28
CA LYS A 28 -8.65 7.29 -4.98
C LYS A 28 -9.36 6.12 -5.68
N SER A 29 -10.71 6.14 -5.63
CA SER A 29 -11.56 5.25 -6.43
C SER A 29 -11.53 5.71 -7.89
N GLN A 30 -10.84 4.95 -8.76
CA GLN A 30 -10.59 5.35 -10.14
C GLN A 30 -11.38 4.45 -11.11
N GLU A 31 -12.11 5.07 -12.04
CA GLU A 31 -12.81 4.37 -13.12
C GLU A 31 -12.07 4.63 -14.43
N SER A 32 -11.82 3.57 -15.21
CA SER A 32 -11.08 3.67 -16.47
C SER A 32 -11.52 2.55 -17.44
N ALA A 33 -11.07 2.66 -18.70
CA ALA A 33 -11.45 1.75 -19.78
C ALA A 33 -10.66 0.42 -19.71
N ALA A 34 -11.26 -0.64 -20.30
CA ALA A 34 -10.61 -1.96 -20.40
C ALA A 34 -9.38 -1.87 -21.33
N GLY A 35 -8.19 -2.12 -20.76
CA GLY A 35 -6.91 -2.01 -21.48
C GLY A 35 -6.07 -0.82 -21.06
N SER A 36 -6.55 -0.06 -20.05
CA SER A 36 -5.84 1.14 -19.54
C SER A 36 -4.86 0.78 -18.39
N LYS A 37 -4.19 1.78 -17.80
CA LYS A 37 -3.25 1.57 -16.67
C LYS A 37 -3.65 2.46 -15.48
N LEU A 38 -3.87 1.84 -14.30
CA LEU A 38 -4.24 2.54 -13.06
C LEU A 38 -3.17 2.26 -11.99
N VAL A 39 -2.51 3.32 -11.51
CA VAL A 39 -1.45 3.23 -10.49
C VAL A 39 -1.98 3.72 -9.13
N LEU A 40 -2.09 2.79 -8.17
CA LEU A 40 -2.50 3.10 -6.80
C LEU A 40 -1.26 3.49 -5.97
N ARG A 41 -1.15 4.77 -5.65
CA ARG A 41 0.00 5.34 -4.94
C ARG A 41 -0.32 5.46 -3.44
N CYS A 42 0.24 4.53 -2.63
CA CYS A 42 -0.03 4.48 -1.18
C CYS A 42 1.29 4.51 -0.39
N GLU A 43 1.46 5.57 0.40
CA GLU A 43 2.62 5.78 1.29
C GLU A 43 2.16 6.33 2.63
N THR A 44 3.06 6.32 3.60
CA THR A 44 2.79 6.78 4.97
C THR A 44 3.06 8.29 5.08
N SER A 45 2.38 8.94 6.04
CA SER A 45 2.52 10.38 6.33
C SER A 45 3.98 10.72 6.72
N SER A 46 4.59 9.81 7.49
CA SER A 46 6.00 9.91 7.91
C SER A 46 6.72 8.63 7.48
N GLU A 47 7.90 8.77 6.84
CA GLU A 47 8.72 7.63 6.40
C GLU A 47 9.40 6.96 7.61
N TYR A 48 9.41 5.63 7.63
CA TYR A 48 10.06 4.83 8.69
C TYR A 48 10.94 3.73 8.05
N SER A 49 11.93 3.28 8.81
CA SER A 49 12.94 2.29 8.36
C SER A 49 12.42 0.83 8.47
N SER A 50 11.16 0.66 8.87
CA SER A 50 10.53 -0.66 9.00
C SER A 50 9.04 -0.55 8.59
N LEU A 51 8.79 -0.50 7.28
CA LEU A 51 7.43 -0.42 6.71
C LEU A 51 7.21 -1.60 5.76
N ARG A 52 6.39 -2.57 6.19
CA ARG A 52 6.03 -3.75 5.40
C ARG A 52 4.71 -3.48 4.66
N PHE A 53 4.79 -3.18 3.38
CA PHE A 53 3.59 -2.88 2.57
C PHE A 53 3.01 -4.15 1.96
N LYS A 54 1.69 -4.31 2.08
CA LYS A 54 0.93 -5.43 1.51
C LYS A 54 -0.28 -4.92 0.75
N TRP A 55 -0.63 -5.61 -0.34
CA TRP A 55 -1.81 -5.28 -1.13
C TRP A 55 -2.82 -6.43 -1.04
N PHE A 56 -4.07 -6.06 -0.81
CA PHE A 56 -5.20 -6.98 -0.65
C PHE A 56 -6.26 -6.64 -1.70
N LYS A 57 -7.11 -7.60 -1.99
CA LYS A 57 -8.28 -7.41 -2.84
C LYS A 57 -9.42 -8.22 -2.23
N ASN A 58 -10.41 -7.51 -1.66
CA ASN A 58 -11.57 -8.11 -0.97
C ASN A 58 -11.15 -8.86 0.30
N GLY A 59 -10.00 -8.45 0.87
CA GLY A 59 -9.42 -9.07 2.06
C GLY A 59 -8.45 -10.20 1.75
N ASN A 60 -8.33 -10.57 0.44
CA ASN A 60 -7.40 -11.62 -0.03
C ASN A 60 -6.01 -11.02 -0.21
N GLU A 61 -5.02 -11.53 0.54
CA GLU A 61 -3.63 -11.04 0.47
C GLU A 61 -3.02 -11.37 -0.90
N LEU A 62 -2.86 -10.35 -1.75
CA LEU A 62 -2.24 -10.49 -3.06
C LEU A 62 -0.72 -10.70 -2.87
N ASN A 63 -0.34 -11.98 -2.83
CA ASN A 63 1.06 -12.42 -2.92
C ASN A 63 1.45 -12.46 -4.40
N ARG A 64 2.71 -12.80 -4.70
CA ARG A 64 3.20 -12.85 -6.09
C ARG A 64 2.35 -13.81 -6.96
N LYS A 65 1.85 -14.88 -6.32
CA LYS A 65 1.03 -15.93 -6.97
C LYS A 65 -0.45 -15.53 -7.01
N ASN A 66 -0.93 -14.84 -5.97
CA ASN A 66 -2.35 -14.41 -5.83
C ASN A 66 -2.64 -13.16 -6.69
N LYS A 67 -1.58 -12.40 -6.97
CA LYS A 67 -1.63 -11.18 -7.77
C LYS A 67 -1.87 -11.53 -9.26
N PRO A 68 -2.93 -10.99 -9.91
CA PRO A 68 -3.09 -11.08 -11.38
C PRO A 68 -1.83 -10.50 -12.10
N GLN A 69 -1.34 -11.23 -13.11
CA GLN A 69 -0.01 -11.00 -13.71
C GLN A 69 0.04 -9.79 -14.66
N ASN A 70 -1.12 -9.16 -14.91
CA ASN A 70 -1.18 -7.88 -15.65
C ASN A 70 -0.85 -6.70 -14.71
N ILE A 71 -0.93 -6.95 -13.40
CA ILE A 71 -0.54 -6.00 -12.35
C ILE A 71 0.92 -6.29 -11.96
N LYS A 72 1.65 -5.23 -11.60
CA LYS A 72 3.03 -5.30 -11.11
C LYS A 72 3.13 -4.45 -9.83
N ILE A 73 3.44 -5.12 -8.71
CA ILE A 73 3.55 -4.49 -7.40
C ILE A 73 5.01 -4.03 -7.19
N GLN A 74 5.20 -2.75 -6.84
CA GLN A 74 6.53 -2.17 -6.61
C GLN A 74 6.64 -1.64 -5.16
N LYS A 75 7.43 -2.34 -4.32
CA LYS A 75 7.78 -1.88 -2.96
C LYS A 75 9.04 -1.02 -3.02
N LYS A 76 8.84 0.30 -3.09
CA LYS A 76 9.95 1.28 -3.03
C LYS A 76 10.41 1.44 -1.55
N PRO A 77 11.65 1.98 -1.28
CA PRO A 77 12.13 2.18 0.11
C PRO A 77 11.27 3.21 0.89
N GLY A 78 10.26 2.72 1.62
CA GLY A 78 9.40 3.57 2.47
C GLY A 78 8.04 3.88 1.85
N LYS A 79 7.73 3.27 0.68
CA LYS A 79 6.41 3.40 0.00
C LYS A 79 6.17 2.22 -0.93
N SER A 80 4.95 2.13 -1.48
CA SER A 80 4.59 1.06 -2.44
C SER A 80 3.45 1.53 -3.34
N GLU A 81 3.49 1.10 -4.60
CA GLU A 81 2.47 1.45 -5.61
C GLU A 81 2.05 0.20 -6.38
N LEU A 82 0.81 0.21 -6.87
CA LEU A 82 0.20 -0.92 -7.58
C LEU A 82 -0.10 -0.50 -9.03
N ARG A 83 0.79 -0.87 -9.96
CA ARG A 83 0.62 -0.54 -11.38
C ARG A 83 -0.22 -1.63 -12.08
N ILE A 84 -1.52 -1.38 -12.17
CA ILE A 84 -2.47 -2.27 -12.85
C ILE A 84 -2.42 -1.99 -14.36
N ASN A 85 -1.64 -2.79 -15.10
CA ASN A 85 -1.44 -2.60 -16.55
C ASN A 85 -2.47 -3.42 -17.33
N LYS A 86 -3.03 -2.80 -18.39
CA LYS A 86 -4.07 -3.40 -19.26
C LYS A 86 -5.30 -3.82 -18.43
N ALA A 87 -5.65 -2.96 -17.45
CA ALA A 87 -6.73 -3.18 -16.49
C ALA A 87 -8.06 -3.52 -17.20
N SER A 88 -8.51 -4.75 -16.98
CA SER A 88 -9.75 -5.28 -17.56
C SER A 88 -10.85 -5.32 -16.49
N LEU A 89 -12.02 -5.87 -16.87
CA LEU A 89 -13.19 -5.97 -15.96
C LEU A 89 -12.89 -6.92 -14.78
N ALA A 90 -11.93 -7.83 -14.99
CA ALA A 90 -11.44 -8.75 -13.95
C ALA A 90 -10.69 -8.02 -12.82
N ASP A 91 -10.23 -6.80 -13.11
CA ASP A 91 -9.48 -5.95 -12.16
C ASP A 91 -10.42 -5.04 -11.34
N SER A 92 -11.75 -5.19 -11.51
CA SER A 92 -12.73 -4.45 -10.70
C SER A 92 -12.74 -5.01 -9.25
N GLY A 93 -12.86 -4.10 -8.27
CA GLY A 93 -12.84 -4.47 -6.84
C GLY A 93 -12.01 -3.49 -6.04
N GLU A 94 -12.02 -3.63 -4.71
CA GLU A 94 -11.28 -2.72 -3.81
C GLU A 94 -9.91 -3.31 -3.49
N TYR A 95 -8.87 -2.60 -3.93
CA TYR A 95 -7.47 -2.91 -3.62
C TYR A 95 -7.05 -2.08 -2.40
N MET A 96 -6.74 -2.77 -1.29
CA MET A 96 -6.32 -2.15 -0.04
C MET A 96 -4.81 -2.26 0.12
N CYS A 97 -4.13 -1.11 0.24
CA CYS A 97 -2.73 -1.07 0.66
C CYS A 97 -2.68 -1.17 2.19
N LYS A 98 -1.67 -1.84 2.70
CA LYS A 98 -1.50 -2.09 4.14
C LYS A 98 -0.05 -1.76 4.51
N VAL A 99 0.17 -1.40 5.78
CA VAL A 99 1.51 -1.20 6.33
C VAL A 99 1.60 -1.91 7.68
N ILE A 100 2.68 -2.69 7.87
CA ILE A 100 2.96 -3.42 9.10
C ILE A 100 4.30 -2.91 9.65
N SER A 101 4.28 -2.32 10.85
CA SER A 101 5.49 -1.79 11.50
C SER A 101 5.43 -2.08 13.00
N LYS A 102 6.48 -1.65 13.71
CA LYS A 102 6.54 -1.70 15.17
C LYS A 102 5.55 -0.69 15.76
N LEU A 103 5.52 0.52 15.16
CA LEU A 103 4.67 1.63 15.63
C LEU A 103 3.18 1.30 15.48
N GLY A 104 2.85 0.43 14.52
CA GLY A 104 1.49 -0.07 14.38
C GLY A 104 1.16 -0.50 12.97
N ASN A 105 -0.13 -0.55 12.66
CA ASN A 105 -0.65 -0.93 11.35
C ASN A 105 -1.64 0.13 10.87
N ASP A 106 -1.82 0.22 9.56
CA ASP A 106 -2.82 1.10 8.93
C ASP A 106 -3.13 0.57 7.52
N SER A 107 -4.31 0.92 7.00
CA SER A 107 -4.78 0.44 5.70
C SER A 107 -5.58 1.55 4.97
N ALA A 108 -5.20 1.85 3.73
CA ALA A 108 -5.95 2.74 2.82
C ALA A 108 -6.46 1.90 1.64
N SER A 109 -7.71 2.11 1.22
CA SER A 109 -8.35 1.33 0.14
C SER A 109 -8.62 2.21 -1.09
N ALA A 110 -8.86 1.57 -2.24
CA ALA A 110 -9.24 2.24 -3.47
C ALA A 110 -10.08 1.29 -4.35
N ASN A 111 -11.32 1.71 -4.63
CA ASN A 111 -12.21 1.01 -5.54
C ASN A 111 -11.76 1.23 -7.00
N ILE A 112 -11.19 0.18 -7.60
CA ILE A 112 -10.86 0.17 -9.02
C ILE A 112 -12.09 -0.34 -9.78
N THR A 113 -12.71 0.56 -10.55
CA THR A 113 -13.86 0.26 -11.41
C THR A 113 -13.39 0.32 -12.86
N ILE A 114 -13.64 -0.75 -13.64
CA ILE A 114 -13.27 -0.78 -15.06
C ILE A 114 -14.53 -0.95 -15.90
N VAL A 115 -14.60 -0.19 -17.00
CA VAL A 115 -15.72 -0.19 -17.96
C VAL A 115 -15.19 -0.58 -19.36
N GLU A 116 -16.03 -1.21 -20.19
CA GLU A 116 -15.69 -1.48 -21.61
C GLU A 116 -15.95 -0.23 -22.43
N SER A 117 -14.89 0.29 -23.07
CA SER A 117 -14.97 1.48 -23.93
C SER A 117 -15.81 1.18 -25.19
N ASN A 118 -17.09 1.57 -25.14
CA ASN A 118 -18.07 1.38 -26.22
C ASN A 118 -18.13 2.69 -27.06
N MET A 1 22.48 38.72 11.47
CA MET A 1 22.70 37.26 11.68
C MET A 1 22.53 36.90 13.17
N HIS A 2 22.22 35.62 13.45
CA HIS A 2 22.21 35.02 14.82
C HIS A 2 21.03 35.55 15.71
N HIS A 3 20.25 36.52 15.21
CA HIS A 3 19.17 37.17 16.00
C HIS A 3 17.78 36.59 15.62
N HIS A 4 17.77 35.42 14.96
CA HIS A 4 16.53 34.68 14.64
C HIS A 4 16.67 33.22 15.10
N HIS A 5 17.37 32.38 14.30
CA HIS A 5 17.58 30.97 14.64
C HIS A 5 18.88 30.79 15.45
N HIS A 6 18.85 29.84 16.38
CA HIS A 6 20.01 29.45 17.20
C HIS A 6 20.66 28.19 16.58
N HIS A 7 21.56 27.55 17.35
CA HIS A 7 22.13 26.23 16.98
C HIS A 7 22.18 25.34 18.22
N SER A 8 22.14 24.02 17.99
CA SER A 8 22.13 23.03 19.06
C SER A 8 23.49 23.00 19.79
N SER A 9 23.58 23.75 20.91
CA SER A 9 24.77 23.81 21.77
C SER A 9 25.14 22.40 22.30
N GLY A 10 24.10 21.62 22.59
CA GLY A 10 24.21 20.18 22.82
C GLY A 10 23.48 19.40 21.74
N ARG A 11 23.94 18.17 21.45
CA ARG A 11 23.38 17.32 20.40
C ARG A 11 22.01 16.76 20.85
N GLU A 12 20.92 17.41 20.38
CA GLU A 12 19.54 17.06 20.76
C GLU A 12 19.10 15.74 20.10
N ASN A 13 19.01 14.68 20.91
CA ASN A 13 18.50 13.37 20.47
C ASN A 13 17.77 12.68 21.64
N LEU A 14 16.59 12.13 21.36
CA LEU A 14 15.77 11.39 22.33
C LEU A 14 14.72 10.56 21.60
N TYR A 15 13.99 9.73 22.36
CA TYR A 15 12.89 8.92 21.82
C TYR A 15 11.60 9.75 21.82
N PHE A 16 11.02 9.91 20.61
CA PHE A 16 9.81 10.71 20.41
C PHE A 16 8.61 10.05 21.11
N GLN A 17 8.18 10.65 22.22
CA GLN A 17 7.03 10.18 23.02
C GLN A 17 5.73 10.26 22.19
N GLY A 18 5.60 11.34 21.40
CA GLY A 18 4.48 11.54 20.50
C GLY A 18 4.74 10.98 19.10
N ALA A 19 5.20 9.71 19.06
CA ALA A 19 5.40 8.98 17.80
C ALA A 19 4.11 8.21 17.43
N LEU A 20 3.43 8.65 16.35
CA LEU A 20 2.18 8.03 15.86
C LEU A 20 2.49 6.99 14.74
N PRO A 21 1.58 5.98 14.52
CA PRO A 21 1.72 4.99 13.40
C PRO A 21 1.75 5.68 12.01
N PRO A 22 2.56 5.15 11.04
CA PRO A 22 2.64 5.69 9.65
C PRO A 22 1.30 5.56 8.91
N ARG A 23 0.68 6.70 8.59
CA ARG A 23 -0.62 6.72 7.90
C ARG A 23 -0.40 6.62 6.39
N LEU A 24 -1.05 5.64 5.75
CA LEU A 24 -1.02 5.49 4.30
C LEU A 24 -1.75 6.64 3.60
N LYS A 25 -1.24 7.04 2.42
CA LYS A 25 -1.89 8.02 1.57
C LYS A 25 -3.14 7.36 0.97
N GLU A 26 -4.32 7.76 1.48
CA GLU A 26 -5.62 7.25 1.05
C GLU A 26 -5.73 7.23 -0.49
N MET A 27 -5.72 6.01 -1.04
CA MET A 27 -5.59 5.78 -2.48
C MET A 27 -6.90 6.13 -3.18
N LYS A 28 -6.79 6.95 -4.24
CA LYS A 28 -7.94 7.54 -4.91
C LYS A 28 -8.71 6.46 -5.71
N SER A 29 -10.02 6.36 -5.43
CA SER A 29 -10.93 5.41 -6.11
C SER A 29 -11.14 5.85 -7.57
N GLN A 30 -10.75 4.98 -8.52
CA GLN A 30 -10.71 5.32 -9.94
C GLN A 30 -11.62 4.39 -10.76
N GLU A 31 -12.44 4.98 -11.62
CA GLU A 31 -13.21 4.24 -12.63
C GLU A 31 -12.57 4.49 -14.00
N SER A 32 -11.88 3.49 -14.52
CA SER A 32 -11.24 3.55 -15.84
C SER A 32 -11.79 2.46 -16.76
N ALA A 33 -11.40 2.50 -18.03
CA ALA A 33 -11.86 1.54 -19.04
C ALA A 33 -10.88 0.36 -19.18
N ALA A 34 -11.32 -0.67 -19.92
CA ALA A 34 -10.47 -1.82 -20.24
C ALA A 34 -9.33 -1.39 -21.18
N GLY A 35 -8.09 -1.67 -20.76
CA GLY A 35 -6.88 -1.23 -21.49
C GLY A 35 -6.13 -0.13 -20.77
N SER A 36 -6.81 0.58 -19.85
CA SER A 36 -6.21 1.71 -19.11
C SER A 36 -5.24 1.21 -18.01
N LYS A 37 -4.22 2.03 -17.71
CA LYS A 37 -3.23 1.73 -16.64
C LYS A 37 -3.55 2.57 -15.39
N LEU A 38 -3.86 1.89 -14.27
CA LEU A 38 -4.21 2.56 -12.99
C LEU A 38 -3.09 2.34 -11.98
N VAL A 39 -2.53 3.45 -11.44
CA VAL A 39 -1.49 3.39 -10.39
C VAL A 39 -2.11 3.76 -9.04
N LEU A 40 -1.86 2.92 -8.04
CA LEU A 40 -2.27 3.15 -6.64
C LEU A 40 -1.00 3.32 -5.79
N ARG A 41 -0.90 4.44 -5.07
CA ARG A 41 0.26 4.73 -4.22
C ARG A 41 -0.08 4.46 -2.74
N CYS A 42 0.26 3.24 -2.27
CA CYS A 42 0.29 2.95 -0.83
C CYS A 42 1.64 3.43 -0.30
N GLU A 43 1.63 4.63 0.29
CA GLU A 43 2.83 5.31 0.79
C GLU A 43 2.58 5.77 2.21
N THR A 44 3.61 5.84 3.04
CA THR A 44 3.45 6.25 4.44
C THR A 44 3.56 7.78 4.57
N SER A 45 2.93 8.32 5.63
CA SER A 45 2.90 9.77 5.92
C SER A 45 4.33 10.31 6.14
N SER A 46 5.16 9.49 6.79
CA SER A 46 6.59 9.75 7.00
C SER A 46 7.40 8.49 6.66
N GLU A 47 8.63 8.69 6.18
CA GLU A 47 9.52 7.61 5.73
C GLU A 47 10.13 6.87 6.94
N TYR A 48 9.94 5.53 6.98
CA TYR A 48 10.57 4.64 7.99
C TYR A 48 11.23 3.44 7.28
N SER A 49 12.01 2.65 8.03
CA SER A 49 12.73 1.49 7.49
C SER A 49 11.81 0.26 7.44
N SER A 50 11.28 -0.13 8.63
CA SER A 50 10.46 -1.33 8.81
C SER A 50 9.00 -1.03 8.43
N LEU A 51 8.71 -1.10 7.12
CA LEU A 51 7.36 -0.87 6.57
C LEU A 51 6.98 -2.03 5.66
N ARG A 52 6.08 -2.89 6.13
CA ARG A 52 5.63 -4.08 5.41
C ARG A 52 4.33 -3.73 4.67
N PHE A 53 4.45 -3.45 3.37
CA PHE A 53 3.28 -3.11 2.52
C PHE A 53 2.68 -4.41 1.97
N LYS A 54 1.46 -4.73 2.39
CA LYS A 54 0.68 -5.86 1.85
C LYS A 54 -0.59 -5.33 1.19
N TRP A 55 -0.74 -5.61 -0.10
CA TRP A 55 -1.93 -5.23 -0.86
C TRP A 55 -2.98 -6.33 -0.75
N PHE A 56 -4.25 -5.91 -0.74
CA PHE A 56 -5.41 -6.79 -0.73
C PHE A 56 -6.37 -6.32 -1.83
N LYS A 57 -7.01 -7.25 -2.52
CA LYS A 57 -8.07 -6.97 -3.52
C LYS A 57 -9.29 -7.83 -3.17
N ASN A 58 -10.45 -7.17 -2.95
CA ASN A 58 -11.74 -7.83 -2.60
C ASN A 58 -11.64 -8.57 -1.24
N GLY A 59 -10.65 -8.18 -0.40
CA GLY A 59 -10.38 -8.86 0.88
C GLY A 59 -9.30 -9.95 0.79
N ASN A 60 -8.96 -10.37 -0.44
CA ASN A 60 -7.94 -11.40 -0.71
C ASN A 60 -6.54 -10.76 -0.71
N GLU A 61 -5.56 -11.37 0.00
CA GLU A 61 -4.20 -10.81 0.12
C GLU A 61 -3.41 -11.00 -1.19
N LEU A 62 -3.21 -9.90 -1.93
CA LEU A 62 -2.39 -9.92 -3.15
C LEU A 62 -0.91 -10.05 -2.79
N ASN A 63 -0.44 -11.30 -2.70
CA ASN A 63 1.00 -11.61 -2.69
C ASN A 63 1.48 -11.59 -4.15
N ARG A 64 2.80 -11.77 -4.39
CA ARG A 64 3.39 -11.70 -5.75
C ARG A 64 2.74 -12.74 -6.72
N LYS A 65 2.34 -13.89 -6.15
CA LYS A 65 1.73 -15.00 -6.89
C LYS A 65 0.20 -14.81 -7.04
N ASN A 66 -0.46 -14.25 -5.99
CA ASN A 66 -1.91 -13.95 -6.01
C ASN A 66 -2.23 -12.79 -6.96
N LYS A 67 -1.23 -11.93 -7.13
CA LYS A 67 -1.28 -10.77 -8.01
C LYS A 67 -1.43 -11.21 -9.49
N PRO A 68 -2.43 -10.67 -10.26
CA PRO A 68 -2.55 -10.90 -11.73
C PRO A 68 -1.27 -10.52 -12.51
N GLN A 69 -1.04 -11.20 -13.65
CA GLN A 69 0.20 -11.03 -14.47
C GLN A 69 0.33 -9.60 -15.03
N ASN A 70 -0.81 -9.02 -15.44
CA ASN A 70 -0.83 -7.67 -16.05
C ASN A 70 -0.68 -6.56 -14.97
N ILE A 71 -0.93 -6.91 -13.70
CA ILE A 71 -0.68 -6.03 -12.55
C ILE A 71 0.77 -6.23 -12.07
N LYS A 72 1.44 -5.14 -11.68
CA LYS A 72 2.82 -5.19 -11.16
C LYS A 72 2.91 -4.31 -9.89
N ILE A 73 3.21 -4.97 -8.77
CA ILE A 73 3.39 -4.34 -7.45
C ILE A 73 4.90 -4.16 -7.18
N GLN A 74 5.29 -2.93 -6.84
CA GLN A 74 6.70 -2.58 -6.56
C GLN A 74 6.80 -1.91 -5.17
N LYS A 75 7.44 -2.62 -4.21
CA LYS A 75 7.48 -2.23 -2.79
C LYS A 75 8.86 -1.66 -2.41
N LYS A 76 8.92 -0.33 -2.33
CA LYS A 76 10.12 0.42 -1.92
C LYS A 76 10.08 0.65 -0.39
N PRO A 77 11.24 0.95 0.29
CA PRO A 77 11.21 1.42 1.70
C PRO A 77 10.55 2.81 1.79
N GLY A 78 9.28 2.86 2.26
CA GLY A 78 8.55 4.14 2.45
C GLY A 78 7.39 4.33 1.48
N LYS A 79 7.31 3.49 0.44
CA LYS A 79 6.24 3.57 -0.58
C LYS A 79 6.08 2.25 -1.34
N SER A 80 4.93 2.11 -2.02
CA SER A 80 4.64 0.97 -2.89
C SER A 80 3.57 1.39 -3.89
N GLU A 81 3.80 1.10 -5.19
CA GLU A 81 2.82 1.41 -6.25
C GLU A 81 2.33 0.11 -6.94
N LEU A 82 1.00 -0.09 -6.94
CA LEU A 82 0.34 -1.16 -7.70
C LEU A 82 -0.13 -0.57 -9.04
N ARG A 83 0.61 -0.92 -10.10
CA ARG A 83 0.34 -0.43 -11.46
C ARG A 83 -0.36 -1.54 -12.29
N ILE A 84 -1.69 -1.43 -12.43
CA ILE A 84 -2.47 -2.32 -13.30
C ILE A 84 -2.22 -1.93 -14.76
N ASN A 85 -1.42 -2.70 -15.50
CA ASN A 85 -1.18 -2.45 -16.93
C ASN A 85 -2.27 -3.20 -17.74
N LYS A 86 -2.98 -2.45 -18.62
CA LYS A 86 -4.11 -2.97 -19.41
C LYS A 86 -5.17 -3.64 -18.52
N ALA A 87 -5.92 -2.81 -17.78
CA ALA A 87 -6.96 -3.27 -16.84
C ALA A 87 -8.09 -4.04 -17.53
N SER A 88 -8.74 -4.92 -16.78
CA SER A 88 -9.93 -5.66 -17.22
C SER A 88 -10.97 -5.68 -16.09
N LEU A 89 -12.15 -6.25 -16.37
CA LEU A 89 -13.25 -6.35 -15.40
C LEU A 89 -12.87 -7.26 -14.22
N ALA A 90 -11.84 -8.11 -14.42
CA ALA A 90 -11.27 -8.97 -13.38
C ALA A 90 -10.41 -8.14 -12.40
N ASP A 91 -9.78 -7.07 -12.91
CA ASP A 91 -8.94 -6.15 -12.10
C ASP A 91 -9.80 -5.06 -11.41
N SER A 92 -11.11 -5.16 -11.59
CA SER A 92 -12.08 -4.32 -10.87
C SER A 92 -12.30 -4.89 -9.45
N GLY A 93 -12.21 -4.01 -8.42
CA GLY A 93 -12.48 -4.37 -7.03
C GLY A 93 -11.85 -3.38 -6.05
N GLU A 94 -12.10 -3.57 -4.75
CA GLU A 94 -11.52 -2.71 -3.69
C GLU A 94 -10.10 -3.16 -3.37
N TYR A 95 -9.12 -2.35 -3.77
CA TYR A 95 -7.72 -2.57 -3.38
C TYR A 95 -7.45 -1.82 -2.06
N MET A 96 -7.17 -2.58 -1.00
CA MET A 96 -6.82 -2.03 0.32
C MET A 96 -5.40 -2.49 0.69
N CYS A 97 -4.47 -1.54 0.81
CA CYS A 97 -3.09 -1.81 1.27
C CYS A 97 -3.00 -1.66 2.80
N LYS A 98 -2.05 -2.39 3.40
CA LYS A 98 -1.77 -2.33 4.85
C LYS A 98 -0.26 -2.13 5.04
N VAL A 99 0.13 -1.11 5.84
CA VAL A 99 1.52 -0.97 6.29
C VAL A 99 1.64 -1.54 7.72
N ILE A 100 2.61 -2.44 7.92
CA ILE A 100 2.93 -3.00 9.24
C ILE A 100 4.31 -2.48 9.64
N SER A 101 4.39 -1.69 10.72
CA SER A 101 5.64 -1.05 11.16
C SER A 101 5.92 -1.36 12.64
N LYS A 102 7.00 -0.77 13.17
CA LYS A 102 7.31 -0.78 14.60
C LYS A 102 6.25 0.02 15.41
N LEU A 103 5.77 1.14 14.80
CA LEU A 103 4.89 2.11 15.48
C LEU A 103 3.42 1.62 15.51
N GLY A 104 3.03 0.86 14.47
CA GLY A 104 1.67 0.31 14.38
C GLY A 104 1.29 -0.08 12.97
N ASN A 105 -0.02 -0.24 12.73
CA ASN A 105 -0.58 -0.65 11.41
C ASN A 105 -1.61 0.38 10.94
N ASP A 106 -1.59 0.70 9.63
CA ASP A 106 -2.60 1.56 8.99
C ASP A 106 -3.04 0.91 7.67
N SER A 107 -4.24 1.26 7.20
CA SER A 107 -4.82 0.70 5.96
C SER A 107 -5.38 1.84 5.08
N ALA A 108 -5.43 1.59 3.76
CA ALA A 108 -5.98 2.54 2.77
C ALA A 108 -6.68 1.77 1.64
N SER A 109 -7.98 2.04 1.43
CA SER A 109 -8.79 1.39 0.38
C SER A 109 -8.94 2.30 -0.85
N ALA A 110 -9.22 1.66 -2.00
CA ALA A 110 -9.52 2.34 -3.26
C ALA A 110 -10.42 1.44 -4.12
N ASN A 111 -11.66 1.87 -4.34
CA ASN A 111 -12.58 1.15 -5.23
C ASN A 111 -12.22 1.42 -6.70
N ILE A 112 -11.53 0.44 -7.29
CA ILE A 112 -11.13 0.46 -8.69
C ILE A 112 -12.24 -0.19 -9.53
N THR A 113 -13.04 0.63 -10.20
CA THR A 113 -14.08 0.14 -11.11
C THR A 113 -13.54 0.14 -12.53
N ILE A 114 -13.63 -1.00 -13.23
CA ILE A 114 -13.24 -1.08 -14.64
C ILE A 114 -14.50 -1.32 -15.46
N VAL A 115 -14.61 -0.61 -16.59
CA VAL A 115 -15.76 -0.69 -17.51
C VAL A 115 -15.27 -1.09 -18.91
N GLU A 116 -16.17 -1.62 -19.74
CA GLU A 116 -15.86 -2.00 -21.13
C GLU A 116 -15.74 -0.75 -22.02
N SER A 117 -14.55 -0.58 -22.60
CA SER A 117 -14.28 0.48 -23.56
C SER A 117 -14.90 0.09 -24.91
N ASN A 118 -16.15 0.55 -25.13
CA ASN A 118 -16.94 0.24 -26.33
C ASN A 118 -17.15 1.54 -27.15
N MET A 1 9.69 29.24 6.72
CA MET A 1 10.80 28.33 6.40
C MET A 1 11.80 28.30 7.56
N HIS A 2 12.16 27.10 8.02
CA HIS A 2 13.29 26.90 8.95
C HIS A 2 14.49 26.40 8.13
N HIS A 3 15.71 26.81 8.53
CA HIS A 3 16.95 26.25 7.98
C HIS A 3 17.07 24.78 8.41
N HIS A 4 16.70 23.88 7.49
CA HIS A 4 16.64 22.42 7.75
C HIS A 4 18.07 21.86 7.90
N HIS A 5 18.31 21.18 9.03
CA HIS A 5 19.61 20.53 9.33
C HIS A 5 19.66 19.16 8.63
N HIS A 6 20.86 18.80 8.13
CA HIS A 6 21.10 17.49 7.50
C HIS A 6 20.84 16.36 8.51
N HIS A 7 19.73 15.64 8.29
CA HIS A 7 19.29 14.50 9.10
C HIS A 7 20.32 13.36 9.02
N SER A 8 21.25 13.35 9.98
CA SER A 8 22.29 12.31 10.11
C SER A 8 21.77 11.19 11.02
N SER A 9 21.36 10.09 10.42
CA SER A 9 20.77 8.94 11.14
C SER A 9 21.50 7.65 10.78
N GLY A 10 22.53 7.33 11.58
CA GLY A 10 23.22 6.05 11.47
C GLY A 10 22.40 4.94 12.13
N ARG A 11 21.78 5.28 13.26
CA ARG A 11 20.81 4.42 13.98
C ARG A 11 19.49 5.20 14.17
N GLU A 12 18.50 4.51 14.75
CA GLU A 12 17.17 5.09 15.06
C GLU A 12 17.13 5.60 16.53
N ASN A 13 18.33 5.74 17.13
CA ASN A 13 18.52 6.20 18.53
C ASN A 13 18.27 7.70 18.70
N LEU A 14 18.02 8.42 17.59
CA LEU A 14 17.73 9.86 17.62
C LEU A 14 16.35 10.13 18.22
N TYR A 15 16.16 11.34 18.74
CA TYR A 15 14.95 11.75 19.45
C TYR A 15 13.86 12.19 18.46
N PHE A 16 13.03 11.22 18.04
CA PHE A 16 11.82 11.49 17.26
C PHE A 16 10.87 12.37 18.10
N GLN A 17 10.61 11.91 19.34
CA GLN A 17 9.74 12.57 20.33
C GLN A 17 8.33 12.79 19.76
N GLY A 18 7.46 11.80 20.03
CA GLY A 18 6.12 11.74 19.45
C GLY A 18 6.08 10.75 18.30
N ALA A 19 5.59 9.52 18.58
CA ALA A 19 5.43 8.47 17.55
C ALA A 19 4.05 8.57 16.91
N LEU A 20 4.00 9.08 15.66
CA LEU A 20 2.74 9.26 14.91
C LEU A 20 2.41 7.95 14.15
N PRO A 21 1.08 7.63 13.90
CA PRO A 21 0.68 6.41 13.16
C PRO A 21 1.07 6.51 11.65
N PRO A 22 1.42 5.37 10.99
CA PRO A 22 1.85 5.35 9.56
C PRO A 22 0.66 5.53 8.58
N ARG A 23 0.06 6.73 8.57
CA ARG A 23 -1.19 7.01 7.83
C ARG A 23 -0.91 6.96 6.32
N LEU A 24 -1.43 5.91 5.66
CA LEU A 24 -1.28 5.71 4.22
C LEU A 24 -1.98 6.83 3.44
N LYS A 25 -1.22 7.53 2.56
CA LYS A 25 -1.73 8.55 1.64
C LYS A 25 -2.96 8.00 0.90
N GLU A 26 -4.05 8.78 0.92
CA GLU A 26 -5.39 8.31 0.56
C GLU A 26 -5.43 7.81 -0.90
N MET A 27 -5.55 6.49 -1.08
CA MET A 27 -5.68 5.88 -2.41
C MET A 27 -7.11 6.12 -2.93
N LYS A 28 -7.22 6.95 -3.98
CA LYS A 28 -8.50 7.40 -4.55
C LYS A 28 -9.24 6.25 -5.24
N SER A 29 -10.56 6.18 -5.03
CA SER A 29 -11.46 5.29 -5.78
C SER A 29 -11.54 5.82 -7.23
N GLN A 30 -11.04 5.02 -8.18
CA GLN A 30 -10.82 5.45 -9.56
C GLN A 30 -11.72 4.68 -10.52
N GLU A 31 -12.46 5.41 -11.38
CA GLU A 31 -13.15 4.83 -12.55
C GLU A 31 -12.27 5.05 -13.78
N SER A 32 -12.13 4.00 -14.59
CA SER A 32 -11.32 4.04 -15.81
C SER A 32 -11.85 3.02 -16.82
N ALA A 33 -11.31 3.05 -18.03
CA ALA A 33 -11.75 2.20 -19.15
C ALA A 33 -10.94 0.89 -19.17
N ALA A 34 -11.50 -0.12 -19.87
CA ALA A 34 -10.86 -1.43 -20.03
C ALA A 34 -9.63 -1.32 -20.94
N GLY A 35 -8.45 -1.60 -20.38
CA GLY A 35 -7.17 -1.51 -21.10
C GLY A 35 -6.31 -0.35 -20.62
N SER A 36 -6.83 0.44 -19.67
CA SER A 36 -6.07 1.56 -19.06
C SER A 36 -5.13 1.05 -17.95
N LYS A 37 -4.17 1.90 -17.55
CA LYS A 37 -3.19 1.58 -16.50
C LYS A 37 -3.49 2.40 -15.23
N LEU A 38 -4.01 1.74 -14.18
CA LEU A 38 -4.34 2.38 -12.90
C LEU A 38 -3.24 2.10 -11.86
N VAL A 39 -2.69 3.17 -11.29
CA VAL A 39 -1.62 3.10 -10.26
C VAL A 39 -2.21 3.46 -8.88
N LEU A 40 -1.93 2.59 -7.89
CA LEU A 40 -2.33 2.80 -6.49
C LEU A 40 -1.07 3.11 -5.68
N ARG A 41 -0.94 4.37 -5.25
CA ARG A 41 0.26 4.86 -4.55
C ARG A 41 0.08 4.71 -3.04
N CYS A 42 0.54 3.58 -2.49
CA CYS A 42 0.52 3.36 -1.05
C CYS A 42 1.86 3.82 -0.44
N GLU A 43 1.81 4.99 0.20
CA GLU A 43 2.93 5.57 0.96
C GLU A 43 2.42 5.95 2.33
N THR A 44 3.31 6.13 3.31
CA THR A 44 2.93 6.59 4.67
C THR A 44 2.98 8.12 4.76
N SER A 45 2.51 8.64 5.89
CA SER A 45 2.52 10.09 6.20
C SER A 45 3.96 10.60 6.47
N SER A 46 4.84 9.68 6.90
CA SER A 46 6.27 9.93 7.09
C SER A 46 7.04 8.61 6.96
N GLU A 47 8.28 8.68 6.46
CA GLU A 47 9.12 7.50 6.14
C GLU A 47 9.49 6.69 7.41
N TYR A 48 9.62 7.39 8.54
CA TYR A 48 9.99 6.83 9.86
C TYR A 48 11.37 6.14 9.82
N SER A 49 11.40 4.88 9.32
CA SER A 49 12.64 4.12 9.09
C SER A 49 12.29 2.81 8.34
N SER A 50 11.63 1.88 9.05
CA SER A 50 11.29 0.55 8.52
C SER A 50 9.76 0.42 8.38
N LEU A 51 9.30 0.20 7.13
CA LEU A 51 7.87 0.08 6.79
C LEU A 51 7.68 -1.13 5.85
N ARG A 52 6.92 -2.13 6.34
CA ARG A 52 6.50 -3.29 5.54
C ARG A 52 5.11 -3.00 4.95
N PHE A 53 4.83 -3.51 3.74
CA PHE A 53 3.53 -3.27 3.06
C PHE A 53 2.89 -4.59 2.64
N LYS A 54 1.57 -4.54 2.45
CA LYS A 54 0.74 -5.67 2.02
C LYS A 54 -0.38 -5.14 1.13
N TRP A 55 -0.77 -5.92 0.12
CA TRP A 55 -1.88 -5.56 -0.80
C TRP A 55 -2.94 -6.66 -0.73
N PHE A 56 -4.22 -6.25 -0.68
CA PHE A 56 -5.36 -7.17 -0.64
C PHE A 56 -6.36 -6.72 -1.72
N LYS A 57 -6.56 -7.54 -2.73
CA LYS A 57 -7.57 -7.33 -3.76
C LYS A 57 -8.78 -8.20 -3.43
N ASN A 58 -9.94 -7.55 -3.25
CA ASN A 58 -11.20 -8.22 -2.83
C ASN A 58 -11.03 -8.86 -1.43
N GLY A 59 -10.09 -8.31 -0.64
CA GLY A 59 -9.71 -8.87 0.67
C GLY A 59 -8.60 -9.93 0.59
N ASN A 60 -8.28 -10.38 -0.63
CA ASN A 60 -7.30 -11.47 -0.89
C ASN A 60 -5.89 -10.88 -1.05
N GLU A 61 -4.98 -11.29 -0.14
CA GLU A 61 -3.59 -10.78 -0.09
C GLU A 61 -2.79 -11.20 -1.33
N LEU A 62 -2.53 -10.22 -2.21
CA LEU A 62 -1.71 -10.40 -3.41
C LEU A 62 -0.21 -10.48 -3.02
N ASN A 63 0.28 -11.71 -2.88
CA ASN A 63 1.72 -12.01 -2.84
C ASN A 63 2.25 -12.17 -4.30
N ARG A 64 3.47 -12.71 -4.47
CA ARG A 64 4.14 -12.82 -5.80
C ARG A 64 3.35 -13.72 -6.79
N LYS A 65 2.93 -14.91 -6.32
CA LYS A 65 2.16 -15.88 -7.14
C LYS A 65 0.70 -15.43 -7.27
N ASN A 66 0.15 -14.85 -6.18
CA ASN A 66 -1.25 -14.36 -6.12
C ASN A 66 -1.44 -13.12 -7.03
N LYS A 67 -0.36 -12.36 -7.22
CA LYS A 67 -0.32 -11.18 -8.10
C LYS A 67 -0.46 -11.63 -9.57
N PRO A 68 -1.53 -11.18 -10.30
CA PRO A 68 -1.71 -11.47 -11.76
C PRO A 68 -0.55 -10.93 -12.64
N GLN A 69 -0.55 -11.33 -13.92
CA GLN A 69 0.50 -10.94 -14.87
C GLN A 69 0.40 -9.45 -15.24
N ASN A 70 -0.83 -8.99 -15.54
CA ASN A 70 -1.05 -7.59 -15.99
C ASN A 70 -0.94 -6.59 -14.82
N ILE A 71 -1.07 -7.09 -13.59
CA ILE A 71 -0.89 -6.30 -12.36
C ILE A 71 0.56 -6.44 -11.89
N LYS A 72 1.23 -5.31 -11.62
CA LYS A 72 2.63 -5.32 -11.15
C LYS A 72 2.75 -4.54 -9.83
N ILE A 73 3.08 -5.27 -8.77
CA ILE A 73 3.34 -4.72 -7.43
C ILE A 73 4.85 -4.54 -7.25
N GLN A 74 5.30 -3.27 -7.11
CA GLN A 74 6.69 -2.95 -6.76
C GLN A 74 6.69 -2.41 -5.32
N LYS A 75 7.28 -3.20 -4.39
CA LYS A 75 7.27 -2.89 -2.96
C LYS A 75 8.64 -2.34 -2.56
N LYS A 76 8.67 -1.04 -2.28
CA LYS A 76 9.89 -0.27 -2.01
C LYS A 76 10.14 -0.14 -0.49
N PRO A 77 11.41 0.21 -0.05
CA PRO A 77 11.71 0.52 1.37
C PRO A 77 11.00 1.82 1.85
N GLY A 78 9.75 1.69 2.32
CA GLY A 78 9.00 2.83 2.88
C GLY A 78 7.80 3.28 2.03
N LYS A 79 7.50 2.51 0.96
CA LYS A 79 6.33 2.75 0.07
C LYS A 79 6.11 1.54 -0.86
N SER A 80 5.06 1.60 -1.71
CA SER A 80 4.73 0.53 -2.67
C SER A 80 3.62 1.01 -3.61
N GLU A 81 3.71 0.68 -4.92
CA GLU A 81 2.62 0.94 -5.89
C GLU A 81 2.15 -0.36 -6.55
N LEU A 82 0.83 -0.51 -6.66
CA LEU A 82 0.18 -1.59 -7.43
C LEU A 82 -0.34 -0.96 -8.73
N ARG A 83 0.26 -1.36 -9.86
CA ARG A 83 -0.01 -0.77 -11.18
C ARG A 83 -0.66 -1.83 -12.10
N ILE A 84 -1.99 -1.72 -12.27
CA ILE A 84 -2.75 -2.59 -13.20
C ILE A 84 -2.55 -2.07 -14.63
N ASN A 85 -1.61 -2.68 -15.38
CA ASN A 85 -1.39 -2.34 -16.80
C ASN A 85 -2.36 -3.20 -17.64
N LYS A 86 -3.13 -2.54 -18.54
CA LYS A 86 -4.20 -3.19 -19.34
C LYS A 86 -5.28 -3.83 -18.43
N ALA A 87 -6.09 -2.95 -17.82
CA ALA A 87 -7.18 -3.34 -16.88
C ALA A 87 -8.37 -4.00 -17.59
N SER A 88 -9.17 -4.75 -16.82
CA SER A 88 -10.43 -5.36 -17.31
C SER A 88 -11.49 -5.32 -16.20
N LEU A 89 -12.67 -5.87 -16.51
CA LEU A 89 -13.81 -5.90 -15.57
C LEU A 89 -13.55 -6.94 -14.45
N ALA A 90 -12.56 -7.82 -14.66
CA ALA A 90 -12.09 -8.79 -13.64
C ALA A 90 -11.07 -8.16 -12.68
N ASP A 91 -10.41 -7.08 -13.13
CA ASP A 91 -9.47 -6.30 -12.29
C ASP A 91 -10.23 -5.33 -11.36
N SER A 92 -11.42 -4.88 -11.82
CA SER A 92 -12.25 -3.94 -11.04
C SER A 92 -12.72 -4.58 -9.71
N GLY A 93 -12.36 -3.94 -8.60
CA GLY A 93 -12.62 -4.45 -7.25
C GLY A 93 -12.00 -3.57 -6.18
N GLU A 94 -12.25 -3.89 -4.91
CA GLU A 94 -11.77 -3.08 -3.79
C GLU A 94 -10.38 -3.57 -3.38
N TYR A 95 -9.35 -2.80 -3.74
CA TYR A 95 -7.96 -3.03 -3.32
C TYR A 95 -7.73 -2.33 -1.97
N MET A 96 -6.82 -2.88 -1.18
CA MET A 96 -6.51 -2.37 0.16
C MET A 96 -5.02 -2.56 0.44
N CYS A 97 -4.30 -1.47 0.63
CA CYS A 97 -2.90 -1.52 1.08
C CYS A 97 -2.87 -1.53 2.61
N LYS A 98 -1.77 -2.03 3.19
CA LYS A 98 -1.69 -2.32 4.62
C LYS A 98 -0.21 -2.21 5.06
N VAL A 99 0.12 -1.20 5.87
CA VAL A 99 1.48 -1.00 6.37
C VAL A 99 1.63 -1.59 7.79
N ILE A 100 2.71 -2.36 7.99
CA ILE A 100 3.11 -2.90 9.29
C ILE A 100 4.38 -2.14 9.74
N SER A 101 4.32 -1.49 10.92
CA SER A 101 5.48 -0.79 11.51
C SER A 101 5.43 -0.91 13.03
N LYS A 102 6.56 -0.56 13.67
CA LYS A 102 6.70 -0.56 15.14
C LYS A 102 5.70 0.42 15.81
N LEU A 103 5.29 1.46 15.05
CA LEU A 103 4.40 2.51 15.56
C LEU A 103 2.92 2.07 15.49
N GLY A 104 2.60 1.23 14.50
CA GLY A 104 1.28 0.61 14.39
C GLY A 104 0.99 0.09 12.99
N ASN A 105 -0.30 -0.15 12.70
CA ASN A 105 -0.77 -0.67 11.41
C ASN A 105 -1.85 0.26 10.87
N ASP A 106 -1.74 0.63 9.59
CA ASP A 106 -2.74 1.48 8.92
C ASP A 106 -3.16 0.85 7.60
N SER A 107 -4.30 1.29 7.06
CA SER A 107 -4.93 0.70 5.90
C SER A 107 -5.54 1.81 5.02
N ALA A 108 -5.32 1.69 3.71
CA ALA A 108 -5.95 2.55 2.69
C ALA A 108 -6.68 1.64 1.70
N SER A 109 -7.88 2.02 1.27
CA SER A 109 -8.72 1.19 0.39
C SER A 109 -9.23 2.03 -0.79
N ALA A 110 -8.97 1.54 -2.02
CA ALA A 110 -9.40 2.20 -3.27
C ALA A 110 -10.36 1.28 -4.05
N ASN A 111 -11.57 1.77 -4.31
CA ASN A 111 -12.56 1.10 -5.15
C ASN A 111 -12.21 1.35 -6.63
N ILE A 112 -11.67 0.31 -7.28
CA ILE A 112 -11.31 0.36 -8.71
C ILE A 112 -12.54 -0.04 -9.55
N THR A 113 -13.16 0.96 -10.18
CA THR A 113 -14.25 0.78 -11.13
C THR A 113 -13.66 0.73 -12.55
N ILE A 114 -13.99 -0.30 -13.32
CA ILE A 114 -13.59 -0.39 -14.74
C ILE A 114 -14.86 -0.57 -15.59
N VAL A 115 -14.95 0.26 -16.63
CA VAL A 115 -16.02 0.17 -17.65
C VAL A 115 -15.41 -0.29 -18.97
N GLU A 116 -16.26 -0.74 -19.89
CA GLU A 116 -15.83 -1.16 -21.24
C GLU A 116 -15.59 0.08 -22.11
N SER A 117 -14.38 0.17 -22.71
CA SER A 117 -14.02 1.25 -23.65
C SER A 117 -14.93 1.21 -24.90
N ASN A 118 -15.97 2.07 -24.89
CA ASN A 118 -16.98 2.13 -25.96
C ASN A 118 -16.71 3.36 -26.88
N MET A 1 34.22 13.22 1.15
CA MET A 1 33.54 11.90 1.18
C MET A 1 32.50 11.85 2.32
N HIS A 2 31.66 10.80 2.31
CA HIS A 2 30.67 10.55 3.38
C HIS A 2 30.57 9.02 3.60
N HIS A 3 30.14 8.32 2.52
CA HIS A 3 29.93 6.84 2.49
C HIS A 3 28.71 6.41 3.34
N HIS A 4 27.85 5.54 2.75
CA HIS A 4 26.66 4.97 3.43
C HIS A 4 27.03 3.61 4.04
N HIS A 5 26.80 3.48 5.35
CA HIS A 5 27.07 2.24 6.09
C HIS A 5 26.37 2.28 7.45
N HIS A 6 25.76 1.15 7.84
CA HIS A 6 25.15 1.00 9.17
C HIS A 6 24.82 -0.48 9.40
N HIS A 7 25.08 -0.95 10.62
CA HIS A 7 24.57 -2.23 11.11
C HIS A 7 23.13 -2.01 11.59
N SER A 8 22.27 -3.00 11.35
CA SER A 8 20.86 -2.94 11.80
C SER A 8 20.80 -2.97 13.33
N SER A 9 20.58 -1.79 13.94
CA SER A 9 20.34 -1.69 15.39
C SER A 9 18.97 -2.32 15.73
N GLY A 10 18.98 -3.64 16.02
CA GLY A 10 17.79 -4.34 16.51
C GLY A 10 17.57 -4.08 17.99
N ARG A 11 17.40 -2.78 18.32
CA ARG A 11 17.27 -2.29 19.68
C ARG A 11 15.85 -1.78 19.88
N GLU A 12 15.24 -2.15 21.01
CA GLU A 12 13.90 -1.68 21.38
C GLU A 12 13.93 -0.15 21.60
N ASN A 13 13.07 0.56 20.85
CA ASN A 13 12.97 2.02 20.93
C ASN A 13 12.10 2.42 22.15
N LEU A 14 12.72 2.37 23.35
CA LEU A 14 12.11 2.88 24.59
C LEU A 14 12.06 4.42 24.56
N TYR A 15 12.89 5.02 23.68
CA TYR A 15 12.88 6.47 23.39
C TYR A 15 11.73 6.81 22.41
N PHE A 16 11.66 8.09 21.98
CA PHE A 16 10.64 8.60 21.03
C PHE A 16 9.22 8.49 21.63
N GLN A 17 8.93 9.41 22.56
CA GLN A 17 7.59 9.50 23.19
C GLN A 17 6.59 10.14 22.23
N GLY A 18 5.32 9.68 22.29
CA GLY A 18 4.26 10.20 21.42
C GLY A 18 4.47 9.81 19.95
N ALA A 19 4.80 8.54 19.72
CA ALA A 19 5.02 8.01 18.37
C ALA A 19 3.67 7.77 17.66
N LEU A 20 3.50 8.30 16.43
CA LEU A 20 2.22 8.23 15.69
C LEU A 20 2.15 6.95 14.82
N PRO A 21 0.92 6.40 14.54
CA PRO A 21 0.71 5.21 13.66
C PRO A 21 1.17 5.47 12.19
N PRO A 22 1.46 4.38 11.40
CA PRO A 22 1.89 4.49 9.97
C PRO A 22 0.74 4.93 9.02
N ARG A 23 0.39 6.22 9.10
CA ARG A 23 -0.75 6.80 8.37
C ARG A 23 -0.52 6.81 6.85
N LEU A 24 -1.17 5.89 6.14
CA LEU A 24 -1.16 5.85 4.67
C LEU A 24 -1.99 7.03 4.12
N LYS A 25 -1.49 7.69 3.06
CA LYS A 25 -2.23 8.76 2.37
C LYS A 25 -3.37 8.13 1.55
N GLU A 26 -4.42 8.93 1.28
CA GLU A 26 -5.64 8.46 0.64
C GLU A 26 -5.35 7.92 -0.78
N MET A 27 -5.45 6.58 -0.93
CA MET A 27 -5.33 5.90 -2.22
C MET A 27 -6.61 6.17 -3.03
N LYS A 28 -6.48 7.01 -4.07
CA LYS A 28 -7.61 7.52 -4.86
C LYS A 28 -8.36 6.40 -5.61
N SER A 29 -9.68 6.36 -5.40
CA SER A 29 -10.62 5.49 -6.12
C SER A 29 -10.72 5.97 -7.59
N GLN A 30 -10.46 5.06 -8.55
CA GLN A 30 -10.36 5.41 -9.98
C GLN A 30 -11.29 4.53 -10.83
N GLU A 31 -12.08 5.18 -11.71
CA GLU A 31 -12.83 4.49 -12.78
C GLU A 31 -12.12 4.78 -14.13
N SER A 32 -11.89 3.73 -14.91
CA SER A 32 -11.25 3.84 -16.24
C SER A 32 -11.81 2.76 -17.19
N ALA A 33 -11.50 2.90 -18.50
CA ALA A 33 -11.94 1.94 -19.52
C ALA A 33 -10.98 0.72 -19.61
N ALA A 34 -11.47 -0.35 -20.27
CA ALA A 34 -10.72 -1.62 -20.42
C ALA A 34 -9.50 -1.46 -21.35
N GLY A 35 -8.30 -1.85 -20.85
CA GLY A 35 -7.04 -1.70 -21.59
C GLY A 35 -6.17 -0.56 -21.09
N SER A 36 -6.57 0.07 -19.97
CA SER A 36 -5.83 1.19 -19.35
C SER A 36 -4.81 0.70 -18.31
N LYS A 37 -4.09 1.66 -17.68
CA LYS A 37 -3.14 1.37 -16.60
C LYS A 37 -3.43 2.32 -15.41
N LEU A 38 -3.85 1.75 -14.26
CA LEU A 38 -4.22 2.54 -13.04
C LEU A 38 -3.17 2.33 -11.94
N VAL A 39 -2.62 3.44 -11.42
CA VAL A 39 -1.55 3.40 -10.37
C VAL A 39 -2.15 3.72 -8.98
N LEU A 40 -1.77 2.90 -7.98
CA LEU A 40 -2.16 3.09 -6.58
C LEU A 40 -0.89 3.26 -5.73
N ARG A 41 -0.67 4.48 -5.19
CA ARG A 41 0.56 4.80 -4.42
C ARG A 41 0.27 4.69 -2.91
N CYS A 42 0.67 3.56 -2.33
CA CYS A 42 0.54 3.30 -0.89
C CYS A 42 1.83 3.70 -0.16
N GLU A 43 1.76 4.79 0.59
CA GLU A 43 2.90 5.36 1.32
C GLU A 43 2.40 6.20 2.50
N THR A 44 3.23 6.31 3.54
CA THR A 44 2.88 7.00 4.79
C THR A 44 3.24 8.50 4.70
N SER A 45 2.34 9.36 5.24
CA SER A 45 2.49 10.83 5.26
C SER A 45 3.75 11.26 6.06
N SER A 46 4.00 10.52 7.14
CA SER A 46 5.23 10.64 7.95
C SER A 46 6.05 9.35 7.78
N GLU A 47 7.29 9.49 7.28
CA GLU A 47 8.17 8.34 6.97
C GLU A 47 8.74 7.74 8.28
N TYR A 48 8.49 6.43 8.49
CA TYR A 48 8.95 5.72 9.71
C TYR A 48 10.03 4.70 9.38
N SER A 49 10.73 4.24 10.44
CA SER A 49 11.71 3.17 10.34
C SER A 49 11.00 1.82 10.15
N SER A 50 11.32 1.14 9.02
CA SER A 50 10.84 -0.22 8.68
C SER A 50 9.31 -0.22 8.38
N LEU A 51 8.97 -0.06 7.09
CA LEU A 51 7.57 -0.04 6.60
C LEU A 51 7.36 -1.21 5.60
N ARG A 52 6.53 -2.18 5.98
CA ARG A 52 6.16 -3.37 5.17
C ARG A 52 4.80 -3.11 4.51
N PHE A 53 4.57 -3.63 3.29
CA PHE A 53 3.33 -3.34 2.51
C PHE A 53 2.73 -4.61 1.91
N LYS A 54 1.42 -4.79 2.12
CA LYS A 54 0.61 -5.83 1.52
C LYS A 54 -0.52 -5.19 0.72
N TRP A 55 -1.03 -5.91 -0.27
CA TRP A 55 -2.10 -5.45 -1.15
C TRP A 55 -3.21 -6.49 -1.16
N PHE A 56 -4.42 -6.07 -0.80
CA PHE A 56 -5.60 -6.93 -0.77
C PHE A 56 -6.53 -6.53 -1.90
N LYS A 57 -6.81 -7.44 -2.82
CA LYS A 57 -7.78 -7.21 -3.89
C LYS A 57 -9.10 -7.90 -3.50
N ASN A 58 -10.09 -7.09 -3.10
CA ASN A 58 -11.43 -7.56 -2.67
C ASN A 58 -11.33 -8.47 -1.42
N GLY A 59 -10.30 -8.21 -0.58
CA GLY A 59 -10.04 -9.02 0.62
C GLY A 59 -8.98 -10.10 0.42
N ASN A 60 -8.61 -10.37 -0.84
CA ASN A 60 -7.60 -11.41 -1.19
C ASN A 60 -6.18 -10.87 -0.98
N GLU A 61 -5.48 -11.44 0.02
CA GLU A 61 -4.08 -11.08 0.37
C GLU A 61 -3.14 -11.50 -0.80
N LEU A 62 -2.72 -10.49 -1.59
CA LEU A 62 -1.90 -10.70 -2.79
C LEU A 62 -0.40 -10.79 -2.46
N ASN A 63 0.10 -12.03 -2.37
CA ASN A 63 1.55 -12.32 -2.47
C ASN A 63 2.01 -12.18 -3.94
N ARG A 64 3.30 -12.46 -4.21
CA ARG A 64 3.87 -12.42 -5.58
C ARG A 64 3.13 -13.41 -6.52
N LYS A 65 2.77 -14.59 -5.97
CA LYS A 65 2.04 -15.64 -6.70
C LYS A 65 0.52 -15.31 -6.77
N ASN A 66 -0.04 -14.84 -5.65
CA ASN A 66 -1.49 -14.50 -5.54
C ASN A 66 -1.83 -13.26 -6.40
N LYS A 67 -0.81 -12.43 -6.66
CA LYS A 67 -0.90 -11.26 -7.54
C LYS A 67 -1.12 -11.72 -9.00
N PRO A 68 -2.19 -11.22 -9.71
CA PRO A 68 -2.43 -11.56 -11.13
C PRO A 68 -1.31 -11.07 -12.07
N GLN A 69 -1.28 -11.62 -13.29
CA GLN A 69 -0.19 -11.43 -14.28
C GLN A 69 -0.14 -9.97 -14.79
N ASN A 70 -1.34 -9.39 -15.02
CA ASN A 70 -1.48 -8.04 -15.60
C ASN A 70 -1.17 -6.92 -14.58
N ILE A 71 -1.18 -7.29 -13.29
CA ILE A 71 -0.84 -6.38 -12.19
C ILE A 71 0.61 -6.62 -11.75
N LYS A 72 1.31 -5.53 -11.42
CA LYS A 72 2.69 -5.58 -10.91
C LYS A 72 2.83 -4.59 -9.74
N ILE A 73 3.43 -5.08 -8.64
CA ILE A 73 3.64 -4.31 -7.40
C ILE A 73 5.14 -3.96 -7.31
N GLN A 74 5.45 -2.66 -7.33
CA GLN A 74 6.83 -2.14 -7.31
C GLN A 74 7.14 -1.50 -5.92
N LYS A 75 8.21 -1.96 -5.26
CA LYS A 75 8.62 -1.47 -3.93
C LYS A 75 9.63 -0.32 -4.09
N LYS A 76 9.28 0.84 -3.53
CA LYS A 76 10.15 2.02 -3.40
C LYS A 76 10.70 2.08 -1.94
N PRO A 77 11.78 2.91 -1.65
CA PRO A 77 12.28 3.10 -0.26
C PRO A 77 11.18 3.48 0.76
N GLY A 78 10.75 2.46 1.53
CA GLY A 78 9.76 2.61 2.60
C GLY A 78 8.32 2.78 2.10
N LYS A 79 8.04 2.29 0.87
CA LYS A 79 6.69 2.39 0.25
C LYS A 79 6.54 1.42 -0.95
N SER A 80 5.30 1.34 -1.51
CA SER A 80 4.96 0.37 -2.57
C SER A 80 3.79 0.92 -3.42
N GLU A 81 3.80 0.58 -4.73
CA GLU A 81 2.77 1.04 -5.69
C GLU A 81 2.28 -0.17 -6.53
N LEU A 82 0.95 -0.23 -6.76
CA LEU A 82 0.34 -1.31 -7.57
C LEU A 82 -0.17 -0.70 -8.89
N ARG A 83 0.42 -1.14 -10.01
CA ARG A 83 0.01 -0.74 -11.37
C ARG A 83 -0.81 -1.87 -12.02
N ILE A 84 -2.09 -1.59 -12.32
CA ILE A 84 -2.97 -2.49 -13.06
C ILE A 84 -2.80 -2.23 -14.56
N ASN A 85 -1.94 -3.00 -15.22
CA ASN A 85 -1.64 -2.82 -16.67
C ASN A 85 -2.62 -3.66 -17.49
N LYS A 86 -3.26 -3.03 -18.50
CA LYS A 86 -4.34 -3.64 -19.31
C LYS A 86 -5.51 -4.07 -18.38
N ALA A 87 -5.96 -3.08 -17.60
CA ALA A 87 -7.03 -3.20 -16.61
C ALA A 87 -8.34 -3.73 -17.23
N SER A 88 -8.89 -4.78 -16.62
CA SER A 88 -10.13 -5.44 -17.08
C SER A 88 -11.21 -5.36 -16.00
N LEU A 89 -12.41 -5.90 -16.31
CA LEU A 89 -13.57 -5.90 -15.39
C LEU A 89 -13.30 -6.77 -14.15
N ALA A 90 -12.35 -7.71 -14.30
CA ALA A 90 -11.86 -8.59 -13.21
C ALA A 90 -11.03 -7.80 -12.19
N ASP A 91 -10.56 -6.60 -12.57
CA ASP A 91 -9.78 -5.70 -11.70
C ASP A 91 -10.68 -4.65 -11.03
N SER A 92 -12.00 -4.73 -11.28
CA SER A 92 -12.98 -3.85 -10.63
C SER A 92 -13.22 -4.36 -9.19
N GLY A 93 -12.68 -3.62 -8.21
CA GLY A 93 -12.85 -3.95 -6.80
C GLY A 93 -12.00 -3.08 -5.88
N GLU A 94 -12.18 -3.27 -4.57
CA GLU A 94 -11.50 -2.47 -3.55
C GLU A 94 -10.10 -3.04 -3.26
N TYR A 95 -9.05 -2.31 -3.67
CA TYR A 95 -7.66 -2.64 -3.30
C TYR A 95 -7.33 -1.94 -1.98
N MET A 96 -7.19 -2.71 -0.91
CA MET A 96 -6.82 -2.19 0.41
C MET A 96 -5.37 -2.52 0.69
N CYS A 97 -4.50 -1.49 0.68
CA CYS A 97 -3.09 -1.65 1.04
C CYS A 97 -2.95 -1.64 2.57
N LYS A 98 -1.96 -2.39 3.07
CA LYS A 98 -1.85 -2.74 4.49
C LYS A 98 -0.38 -2.56 4.90
N VAL A 99 -0.10 -1.53 5.71
CA VAL A 99 1.27 -1.25 6.16
C VAL A 99 1.48 -1.84 7.56
N ILE A 100 2.61 -2.54 7.75
CA ILE A 100 3.06 -3.08 9.03
C ILE A 100 4.33 -2.31 9.42
N SER A 101 4.37 -1.75 10.64
CA SER A 101 5.54 -1.03 11.14
C SER A 101 5.79 -1.39 12.60
N LYS A 102 6.79 -0.75 13.18
CA LYS A 102 7.08 -0.81 14.62
C LYS A 102 5.95 -0.13 15.42
N LEU A 103 5.36 0.92 14.84
CA LEU A 103 4.38 1.79 15.52
C LEU A 103 2.92 1.32 15.28
N GLY A 104 2.75 0.22 14.52
CA GLY A 104 1.44 -0.44 14.38
C GLY A 104 1.11 -0.75 12.93
N ASN A 105 -0.19 -0.94 12.65
CA ASN A 105 -0.71 -1.19 11.28
C ASN A 105 -1.71 -0.11 10.87
N ASP A 106 -1.88 0.07 9.55
CA ASP A 106 -2.91 0.96 8.97
C ASP A 106 -3.32 0.45 7.58
N SER A 107 -4.48 0.92 7.09
CA SER A 107 -5.10 0.42 5.84
C SER A 107 -5.60 1.59 4.98
N ALA A 108 -5.50 1.45 3.64
CA ALA A 108 -5.98 2.47 2.66
C ALA A 108 -6.71 1.76 1.50
N SER A 109 -8.02 2.00 1.37
CA SER A 109 -8.88 1.31 0.39
C SER A 109 -9.16 2.21 -0.83
N ALA A 110 -8.85 1.70 -2.03
CA ALA A 110 -9.13 2.38 -3.31
C ALA A 110 -10.11 1.55 -4.12
N ASN A 111 -11.32 2.08 -4.34
CA ASN A 111 -12.33 1.44 -5.18
C ASN A 111 -11.97 1.65 -6.67
N ILE A 112 -11.42 0.60 -7.28
CA ILE A 112 -11.18 0.57 -8.72
C ILE A 112 -12.42 0.00 -9.42
N THR A 113 -12.85 0.65 -10.50
CA THR A 113 -13.98 0.20 -11.31
C THR A 113 -13.60 0.36 -12.79
N ILE A 114 -13.60 -0.73 -13.54
CA ILE A 114 -13.28 -0.71 -14.96
C ILE A 114 -14.57 -0.95 -15.76
N VAL A 115 -14.73 -0.19 -16.84
CA VAL A 115 -15.85 -0.31 -17.79
C VAL A 115 -15.30 -0.74 -19.16
N GLU A 116 -16.17 -1.27 -20.02
CA GLU A 116 -15.78 -1.66 -21.39
C GLU A 116 -15.58 -0.40 -22.26
N SER A 117 -14.41 -0.32 -22.89
CA SER A 117 -14.06 0.78 -23.80
C SER A 117 -14.94 0.75 -25.07
N ASN A 118 -16.08 1.49 -25.02
CA ASN A 118 -17.11 1.49 -26.07
C ASN A 118 -17.30 2.95 -26.58
N MET A 1 -7.99 -19.75 32.38
CA MET A 1 -6.98 -19.31 31.38
C MET A 1 -5.75 -18.74 32.10
N HIS A 2 -4.56 -19.20 31.71
CA HIS A 2 -3.28 -18.73 32.26
C HIS A 2 -2.93 -17.36 31.66
N HIS A 3 -3.48 -16.30 32.27
CA HIS A 3 -3.19 -14.91 31.91
C HIS A 3 -1.87 -14.51 32.57
N HIS A 4 -0.77 -14.55 31.78
CA HIS A 4 0.59 -14.29 32.30
C HIS A 4 0.73 -12.83 32.76
N HIS A 5 1.41 -12.63 33.89
CA HIS A 5 1.66 -11.31 34.50
C HIS A 5 3.12 -10.90 34.29
N HIS A 6 3.41 -10.36 33.09
CA HIS A 6 4.72 -9.80 32.76
C HIS A 6 4.49 -8.47 32.01
N HIS A 7 3.84 -7.54 32.72
CA HIS A 7 3.46 -6.23 32.16
C HIS A 7 4.02 -5.13 33.08
N SER A 8 5.27 -4.72 32.79
CA SER A 8 6.00 -3.74 33.58
C SER A 8 6.73 -2.78 32.63
N SER A 9 5.98 -1.75 32.18
CA SER A 9 6.47 -0.71 31.28
C SER A 9 6.82 0.56 32.07
N GLY A 10 5.79 1.17 32.68
CA GLY A 10 5.95 2.43 33.40
C GLY A 10 6.23 3.59 32.47
N ARG A 11 7.52 3.80 32.16
CA ARG A 11 7.99 4.82 31.22
C ARG A 11 8.36 4.15 29.88
N GLU A 12 7.36 4.02 29.00
CA GLU A 12 7.55 3.52 27.62
C GLU A 12 6.63 4.30 26.66
N ASN A 13 6.88 4.12 25.36
CA ASN A 13 6.06 4.69 24.29
C ASN A 13 5.14 3.59 23.74
N LEU A 14 4.62 2.76 24.67
CA LEU A 14 3.67 1.67 24.35
C LEU A 14 2.31 2.23 23.89
N TYR A 15 2.00 3.47 24.33
CA TYR A 15 0.82 4.24 23.87
C TYR A 15 1.19 5.17 22.68
N PHE A 16 2.39 4.91 22.09
CA PHE A 16 2.91 5.60 20.89
C PHE A 16 3.01 7.12 21.11
N GLN A 17 3.91 7.51 22.03
CA GLN A 17 4.12 8.92 22.42
C GLN A 17 5.24 9.53 21.57
N GLY A 18 4.96 10.68 20.92
CA GLY A 18 5.90 11.36 20.03
C GLY A 18 5.89 10.77 18.62
N ALA A 19 6.13 9.45 18.54
CA ALA A 19 6.07 8.69 17.28
C ALA A 19 4.68 8.02 17.16
N LEU A 20 3.86 8.56 16.26
CA LEU A 20 2.48 8.11 16.02
C LEU A 20 2.44 6.93 15.00
N PRO A 21 1.32 6.11 14.99
CA PRO A 21 1.12 5.00 14.00
C PRO A 21 1.32 5.43 12.51
N PRO A 22 1.69 4.45 11.61
CA PRO A 22 1.98 4.73 10.19
C PRO A 22 0.69 4.99 9.37
N ARG A 23 0.23 6.24 9.39
CA ARG A 23 -0.99 6.65 8.69
C ARG A 23 -0.70 6.75 7.17
N LEU A 24 -1.28 5.81 6.40
CA LEU A 24 -1.20 5.77 4.93
C LEU A 24 -1.88 6.99 4.27
N LYS A 25 -1.65 7.12 2.96
CA LYS A 25 -2.31 8.12 2.12
C LYS A 25 -3.55 7.51 1.48
N GLU A 26 -4.59 8.34 1.34
CA GLU A 26 -5.87 7.92 0.74
C GLU A 26 -5.67 7.60 -0.76
N MET A 27 -5.78 6.32 -1.12
CA MET A 27 -5.80 5.90 -2.54
C MET A 27 -7.22 6.16 -3.08
N LYS A 28 -7.29 6.90 -4.19
CA LYS A 28 -8.57 7.35 -4.77
C LYS A 28 -9.30 6.18 -5.47
N SER A 29 -10.63 6.16 -5.33
CA SER A 29 -11.51 5.27 -6.07
C SER A 29 -11.63 5.79 -7.53
N GLN A 30 -11.08 5.02 -8.48
CA GLN A 30 -10.88 5.47 -9.88
C GLN A 30 -11.52 4.50 -10.87
N GLU A 31 -12.20 5.07 -11.88
CA GLU A 31 -12.76 4.32 -13.02
C GLU A 31 -11.91 4.59 -14.27
N SER A 32 -11.69 3.56 -15.09
CA SER A 32 -10.95 3.68 -16.36
C SER A 32 -11.44 2.63 -17.37
N ALA A 33 -11.07 2.84 -18.65
CA ALA A 33 -11.34 1.90 -19.75
C ALA A 33 -10.47 0.65 -19.61
N ALA A 34 -10.95 -0.48 -20.14
CA ALA A 34 -10.20 -1.73 -20.18
C ALA A 34 -9.05 -1.63 -21.19
N GLY A 35 -7.82 -1.94 -20.73
CA GLY A 35 -6.61 -1.79 -21.53
C GLY A 35 -5.71 -0.65 -21.04
N SER A 36 -6.24 0.19 -20.13
CA SER A 36 -5.51 1.33 -19.57
C SER A 36 -4.56 0.89 -18.43
N LYS A 37 -3.65 1.80 -18.04
CA LYS A 37 -2.70 1.55 -16.93
C LYS A 37 -3.02 2.49 -15.75
N LEU A 38 -3.53 1.91 -14.65
CA LEU A 38 -3.81 2.64 -13.40
C LEU A 38 -2.69 2.34 -12.40
N VAL A 39 -2.18 3.37 -11.71
CA VAL A 39 -1.16 3.20 -10.65
C VAL A 39 -1.73 3.70 -9.31
N LEU A 40 -1.77 2.80 -8.32
CA LEU A 40 -2.20 3.14 -6.95
C LEU A 40 -0.96 3.36 -6.09
N ARG A 41 -0.80 4.57 -5.55
CA ARG A 41 0.30 4.89 -4.63
C ARG A 41 -0.17 4.73 -3.18
N CYS A 42 0.46 3.80 -2.45
CA CYS A 42 0.23 3.63 -1.02
C CYS A 42 1.55 3.78 -0.26
N GLU A 43 1.70 4.94 0.39
CA GLU A 43 2.80 5.23 1.33
C GLU A 43 2.26 6.01 2.51
N THR A 44 3.08 6.13 3.54
CA THR A 44 2.71 6.70 4.84
C THR A 44 2.96 8.22 4.90
N SER A 45 2.51 8.82 6.01
CA SER A 45 2.67 10.25 6.30
C SER A 45 4.15 10.59 6.58
N SER A 46 4.82 9.70 7.31
CA SER A 46 6.26 9.79 7.62
C SER A 46 6.94 8.48 7.20
N GLU A 47 8.23 8.53 6.87
CA GLU A 47 8.99 7.37 6.35
C GLU A 47 9.29 6.33 7.44
N TYR A 48 9.37 6.77 8.71
CA TYR A 48 9.55 5.91 9.91
C TYR A 48 10.82 5.03 9.85
N SER A 49 10.87 4.02 10.74
CA SER A 49 12.00 3.07 10.84
C SER A 49 11.82 1.89 9.86
N SER A 50 10.77 1.06 10.09
CA SER A 50 10.50 -0.15 9.29
C SER A 50 9.02 -0.22 8.95
N LEU A 51 8.70 -0.35 7.65
CA LEU A 51 7.31 -0.37 7.13
C LEU A 51 7.14 -1.54 6.14
N ARG A 52 6.23 -2.49 6.45
CA ARG A 52 5.88 -3.59 5.54
C ARG A 52 4.62 -3.21 4.74
N PHE A 53 4.77 -2.85 3.47
CA PHE A 53 3.63 -2.48 2.61
C PHE A 53 3.08 -3.75 1.92
N LYS A 54 1.84 -4.11 2.24
CA LYS A 54 1.11 -5.20 1.59
C LYS A 54 -0.06 -4.63 0.80
N TRP A 55 -0.54 -5.40 -0.18
CA TRP A 55 -1.73 -5.08 -0.98
C TRP A 55 -2.74 -6.23 -0.86
N PHE A 56 -4.05 -5.89 -0.86
CA PHE A 56 -5.15 -6.87 -0.69
C PHE A 56 -6.27 -6.56 -1.68
N LYS A 57 -6.72 -7.57 -2.43
CA LYS A 57 -7.96 -7.47 -3.22
C LYS A 57 -9.11 -8.03 -2.36
N ASN A 58 -9.84 -7.10 -1.71
CA ASN A 58 -11.02 -7.40 -0.87
C ASN A 58 -10.66 -8.33 0.30
N GLY A 59 -9.52 -8.04 0.95
CA GLY A 59 -9.05 -8.80 2.13
C GLY A 59 -8.11 -9.95 1.77
N ASN A 60 -8.12 -10.37 0.51
CA ASN A 60 -7.25 -11.46 0.00
C ASN A 60 -5.88 -10.87 -0.36
N GLU A 61 -4.81 -11.37 0.30
CA GLU A 61 -3.43 -10.85 0.12
C GLU A 61 -2.98 -10.94 -1.35
N LEU A 62 -2.85 -9.78 -2.02
CA LEU A 62 -2.16 -9.71 -3.32
C LEU A 62 -0.66 -9.98 -3.06
N ASN A 63 -0.29 -11.24 -3.20
CA ASN A 63 1.09 -11.73 -3.06
C ASN A 63 1.54 -12.17 -4.46
N ARG A 64 2.84 -12.46 -4.64
CA ARG A 64 3.42 -12.92 -5.94
C ARG A 64 2.64 -14.10 -6.58
N LYS A 65 1.94 -14.89 -5.74
CA LYS A 65 1.13 -16.04 -6.19
C LYS A 65 -0.31 -15.60 -6.55
N ASN A 66 -0.88 -14.71 -5.73
CA ASN A 66 -2.30 -14.27 -5.84
C ASN A 66 -2.46 -13.12 -6.85
N LYS A 67 -1.32 -12.52 -7.24
CA LYS A 67 -1.26 -11.34 -8.11
C LYS A 67 -1.72 -11.72 -9.55
N PRO A 68 -2.72 -10.99 -10.15
CA PRO A 68 -3.14 -11.22 -11.56
C PRO A 68 -2.03 -10.84 -12.57
N GLN A 69 -2.14 -11.40 -13.79
CA GLN A 69 -1.10 -11.29 -14.84
C GLN A 69 -0.85 -9.84 -15.28
N ASN A 70 -1.90 -9.00 -15.21
CA ASN A 70 -1.86 -7.63 -15.71
C ASN A 70 -1.29 -6.64 -14.67
N ILE A 71 -1.26 -7.04 -13.39
CA ILE A 71 -0.75 -6.18 -12.30
C ILE A 71 0.67 -6.60 -11.90
N LYS A 72 1.50 -5.61 -11.57
CA LYS A 72 2.79 -5.81 -10.90
C LYS A 72 2.83 -4.97 -9.62
N ILE A 73 3.22 -5.60 -8.51
CA ILE A 73 3.42 -4.93 -7.22
C ILE A 73 4.89 -4.51 -7.13
N GLN A 74 5.14 -3.19 -7.12
CA GLN A 74 6.50 -2.64 -7.10
C GLN A 74 6.75 -1.89 -5.79
N LYS A 75 7.82 -2.29 -5.06
CA LYS A 75 8.29 -1.59 -3.86
C LYS A 75 9.41 -0.62 -4.27
N LYS A 76 9.29 0.63 -3.81
CA LYS A 76 10.29 1.69 -4.01
C LYS A 76 10.74 2.22 -2.63
N PRO A 77 11.92 2.94 -2.52
CA PRO A 77 12.44 3.48 -1.22
C PRO A 77 11.40 4.29 -0.39
N GLY A 78 10.74 3.60 0.54
CA GLY A 78 9.78 4.23 1.47
C GLY A 78 8.34 4.27 0.96
N LYS A 79 8.02 3.42 -0.05
CA LYS A 79 6.65 3.35 -0.64
C LYS A 79 6.44 2.06 -1.43
N SER A 80 5.21 1.89 -1.95
CA SER A 80 4.82 0.81 -2.86
C SER A 80 3.71 1.30 -3.79
N GLU A 81 3.74 0.85 -5.06
CA GLU A 81 2.69 1.16 -6.04
C GLU A 81 2.13 -0.15 -6.61
N LEU A 82 0.81 -0.20 -6.77
CA LEU A 82 0.13 -1.28 -7.49
C LEU A 82 -0.05 -0.81 -8.94
N ARG A 83 0.86 -1.25 -9.81
CA ARG A 83 0.87 -0.81 -11.20
C ARG A 83 0.03 -1.79 -12.03
N ILE A 84 -1.25 -1.43 -12.21
CA ILE A 84 -2.22 -2.21 -12.99
C ILE A 84 -2.06 -1.87 -14.47
N ASN A 85 -1.33 -2.72 -15.21
CA ASN A 85 -1.04 -2.50 -16.65
C ASN A 85 -2.04 -3.30 -17.50
N LYS A 86 -2.72 -2.62 -18.43
CA LYS A 86 -3.80 -3.23 -19.25
C LYS A 86 -4.88 -3.85 -18.33
N ALA A 87 -5.63 -2.97 -17.66
CA ALA A 87 -6.65 -3.35 -16.69
C ALA A 87 -7.83 -4.05 -17.38
N SER A 88 -8.18 -5.22 -16.89
CA SER A 88 -9.38 -5.97 -17.34
C SER A 88 -10.57 -5.64 -16.43
N LEU A 89 -11.78 -6.08 -16.81
CA LEU A 89 -13.00 -5.86 -16.02
C LEU A 89 -12.93 -6.60 -14.67
N ALA A 90 -12.05 -7.63 -14.61
CA ALA A 90 -11.83 -8.47 -13.41
C ALA A 90 -11.10 -7.70 -12.27
N ASP A 91 -10.60 -6.50 -12.58
CA ASP A 91 -9.94 -5.62 -11.58
C ASP A 91 -10.94 -4.86 -10.70
N SER A 92 -12.25 -4.97 -11.01
CA SER A 92 -13.31 -4.32 -10.22
C SER A 92 -13.35 -4.85 -8.78
N GLY A 93 -13.18 -3.93 -7.80
CA GLY A 93 -13.25 -4.27 -6.38
C GLY A 93 -12.39 -3.33 -5.54
N GLU A 94 -12.26 -3.67 -4.24
CA GLU A 94 -11.51 -2.86 -3.27
C GLU A 94 -10.05 -3.32 -3.19
N TYR A 95 -9.14 -2.50 -3.69
CA TYR A 95 -7.70 -2.66 -3.44
C TYR A 95 -7.35 -1.89 -2.17
N MET A 96 -6.98 -2.62 -1.13
CA MET A 96 -6.71 -2.08 0.19
C MET A 96 -5.29 -2.49 0.61
N CYS A 97 -4.44 -1.50 0.80
CA CYS A 97 -3.05 -1.71 1.23
C CYS A 97 -2.98 -1.59 2.77
N LYS A 98 -2.07 -2.37 3.39
CA LYS A 98 -1.77 -2.28 4.83
C LYS A 98 -0.28 -1.95 5.00
N VAL A 99 0.05 -1.29 6.11
CA VAL A 99 1.43 -1.02 6.50
C VAL A 99 1.69 -1.60 7.90
N ILE A 100 2.37 -2.75 7.94
CA ILE A 100 2.68 -3.47 9.16
C ILE A 100 4.02 -2.93 9.72
N SER A 101 3.96 -2.25 10.87
CA SER A 101 5.16 -1.65 11.50
C SER A 101 5.08 -1.81 13.02
N LYS A 102 6.11 -1.31 13.70
CA LYS A 102 6.24 -1.38 15.16
C LYS A 102 5.29 -0.38 15.85
N LEU A 103 4.92 0.70 15.15
CA LEU A 103 4.03 1.74 15.70
C LEU A 103 2.54 1.41 15.44
N GLY A 104 2.29 0.26 14.82
CA GLY A 104 0.93 -0.23 14.54
C GLY A 104 0.75 -0.59 13.09
N ASN A 105 -0.49 -0.97 12.72
CA ASN A 105 -0.84 -1.32 11.33
C ASN A 105 -2.05 -0.48 10.90
N ASP A 106 -1.93 0.21 9.76
CA ASP A 106 -3.03 1.03 9.19
C ASP A 106 -3.38 0.51 7.78
N SER A 107 -4.63 0.74 7.36
CA SER A 107 -5.16 0.28 6.07
C SER A 107 -5.77 1.46 5.29
N ALA A 108 -5.61 1.44 3.96
CA ALA A 108 -6.23 2.43 3.04
C ALA A 108 -6.80 1.67 1.83
N SER A 109 -8.11 1.81 1.58
CA SER A 109 -8.83 1.10 0.50
C SER A 109 -9.08 2.03 -0.69
N ALA A 110 -9.28 1.43 -1.87
CA ALA A 110 -9.58 2.14 -3.12
C ALA A 110 -10.37 1.24 -4.08
N ASN A 111 -11.61 1.64 -4.36
CA ASN A 111 -12.46 0.94 -5.34
C ASN A 111 -12.04 1.30 -6.77
N ILE A 112 -11.48 0.34 -7.47
CA ILE A 112 -11.14 0.46 -8.90
C ILE A 112 -12.24 -0.21 -9.73
N THR A 113 -12.84 0.55 -10.65
CA THR A 113 -13.89 0.06 -11.57
C THR A 113 -13.35 0.17 -13.00
N ILE A 114 -13.33 -0.94 -13.74
CA ILE A 114 -12.82 -0.96 -15.13
C ILE A 114 -13.96 -1.30 -16.08
N VAL A 115 -14.22 -0.40 -17.03
CA VAL A 115 -15.40 -0.47 -17.90
C VAL A 115 -15.01 -0.65 -19.38
N GLU A 116 -15.88 -1.34 -20.14
CA GLU A 116 -15.73 -1.46 -21.60
C GLU A 116 -16.10 -0.13 -22.27
N SER A 117 -15.09 0.52 -22.84
CA SER A 117 -15.26 1.78 -23.60
C SER A 117 -15.04 1.49 -25.08
N ASN A 118 -16.15 1.34 -25.83
CA ASN A 118 -16.12 0.96 -27.26
C ASN A 118 -15.81 2.18 -28.17
N MET A 1 38.46 -5.60 -2.16
CA MET A 1 37.56 -5.63 -0.98
C MET A 1 36.78 -4.31 -0.89
N HIS A 2 35.45 -4.40 -0.90
CA HIS A 2 34.54 -3.25 -0.76
C HIS A 2 34.16 -3.05 0.73
N HIS A 3 33.73 -1.83 1.07
CA HIS A 3 33.30 -1.45 2.42
C HIS A 3 31.94 -2.08 2.77
N HIS A 4 31.64 -2.14 4.08
CA HIS A 4 30.36 -2.67 4.60
C HIS A 4 29.18 -1.77 4.15
N HIS A 5 28.56 -2.14 3.02
CA HIS A 5 27.42 -1.38 2.45
C HIS A 5 26.10 -2.06 2.85
N HIS A 6 25.72 -1.86 4.11
CA HIS A 6 24.41 -2.26 4.64
C HIS A 6 23.91 -1.15 5.55
N HIS A 7 22.77 -0.54 5.19
CA HIS A 7 22.15 0.52 6.00
C HIS A 7 21.63 -0.07 7.32
N SER A 8 22.49 -0.03 8.34
CA SER A 8 22.17 -0.46 9.70
C SER A 8 21.17 0.54 10.30
N SER A 9 19.95 0.05 10.63
CA SER A 9 18.86 0.88 11.19
C SER A 9 19.19 1.38 12.60
N GLY A 10 20.18 0.74 13.25
CA GLY A 10 20.55 1.05 14.62
C GLY A 10 19.70 0.29 15.62
N ARG A 11 20.36 -0.50 16.51
CA ARG A 11 19.66 -1.27 17.55
C ARG A 11 19.43 -0.38 18.80
N GLU A 12 18.66 0.71 18.60
CA GLU A 12 18.17 1.60 19.65
C GLU A 12 16.77 2.09 19.25
N ASN A 13 15.92 2.32 20.26
CA ASN A 13 14.50 2.67 20.07
C ASN A 13 14.29 4.15 20.42
N LEU A 14 15.12 5.00 19.79
CA LEU A 14 15.12 6.46 19.98
C LEU A 14 13.78 7.08 19.53
N TYR A 15 13.37 8.17 20.19
CA TYR A 15 12.06 8.81 19.94
C TYR A 15 12.19 10.04 19.06
N PHE A 16 11.29 10.13 18.08
CA PHE A 16 11.19 11.26 17.16
C PHE A 16 10.00 12.11 17.59
N GLN A 17 10.28 13.35 18.02
CA GLN A 17 9.28 14.23 18.64
C GLN A 17 8.34 14.80 17.56
N GLY A 18 7.25 14.07 17.26
CA GLY A 18 6.29 14.43 16.21
C GLY A 18 6.10 13.32 15.18
N ALA A 19 6.58 12.10 15.49
CA ALA A 19 6.38 10.90 14.64
C ALA A 19 5.11 10.16 15.09
N LEU A 20 4.07 10.21 14.25
CA LEU A 20 2.79 9.51 14.49
C LEU A 20 2.88 8.07 13.92
N PRO A 21 1.88 7.14 14.20
CA PRO A 21 1.79 5.84 13.49
C PRO A 21 1.74 6.02 11.94
N PRO A 22 2.23 5.00 11.14
CA PRO A 22 2.37 5.14 9.67
C PRO A 22 1.01 5.18 8.94
N ARG A 23 0.35 6.34 9.02
CA ARG A 23 -1.01 6.55 8.48
C ARG A 23 -0.88 6.68 6.96
N LEU A 24 -1.32 5.64 6.24
CA LEU A 24 -1.24 5.57 4.78
C LEU A 24 -2.01 6.72 4.10
N LYS A 25 -1.57 7.08 2.89
CA LYS A 25 -2.17 8.18 2.15
C LYS A 25 -3.49 7.71 1.52
N GLU A 26 -4.49 8.62 1.57
CA GLU A 26 -5.85 8.33 1.11
C GLU A 26 -5.86 7.84 -0.33
N MET A 27 -6.20 6.55 -0.51
CA MET A 27 -6.49 5.99 -1.82
C MET A 27 -7.80 6.56 -2.34
N LYS A 28 -7.89 6.75 -3.66
CA LYS A 28 -9.05 7.34 -4.31
C LYS A 28 -9.82 6.28 -5.10
N SER A 29 -11.16 6.39 -5.09
CA SER A 29 -12.04 5.57 -5.89
C SER A 29 -11.95 6.02 -7.36
N GLN A 30 -11.28 5.20 -8.18
CA GLN A 30 -10.96 5.55 -9.58
C GLN A 30 -11.73 4.64 -10.54
N GLU A 31 -12.39 5.27 -11.53
CA GLU A 31 -13.09 4.58 -12.62
C GLU A 31 -12.38 4.91 -13.95
N SER A 32 -12.10 3.88 -14.74
CA SER A 32 -11.42 4.04 -16.03
C SER A 32 -11.93 2.97 -17.02
N ALA A 33 -11.58 3.12 -18.30
CA ALA A 33 -12.02 2.18 -19.36
C ALA A 33 -11.06 0.98 -19.51
N ALA A 34 -11.51 -0.01 -20.29
CA ALA A 34 -10.77 -1.26 -20.52
C ALA A 34 -9.52 -1.04 -21.39
N GLY A 35 -8.35 -1.50 -20.89
CA GLY A 35 -7.08 -1.35 -21.58
C GLY A 35 -6.23 -0.22 -21.03
N SER A 36 -6.79 0.56 -20.09
CA SER A 36 -6.09 1.69 -19.43
C SER A 36 -5.06 1.19 -18.40
N LYS A 37 -4.07 2.04 -18.05
CA LYS A 37 -3.09 1.73 -16.99
C LYS A 37 -3.35 2.64 -15.78
N LEU A 38 -3.74 2.05 -14.65
CA LEU A 38 -3.96 2.75 -13.37
C LEU A 38 -2.79 2.41 -12.43
N VAL A 39 -2.39 3.35 -11.56
CA VAL A 39 -1.37 3.11 -10.52
C VAL A 39 -1.98 3.46 -9.15
N LEU A 40 -2.04 2.45 -8.27
CA LEU A 40 -2.48 2.61 -6.89
C LEU A 40 -1.27 2.88 -6.01
N ARG A 41 -1.21 4.08 -5.45
CA ARG A 41 -0.07 4.53 -4.64
C ARG A 41 -0.41 4.41 -3.16
N CYS A 42 0.31 3.52 -2.46
CA CYS A 42 0.20 3.37 -1.02
C CYS A 42 1.51 3.82 -0.37
N GLU A 43 1.50 5.05 0.15
CA GLU A 43 2.64 5.61 0.89
C GLU A 43 2.21 5.85 2.32
N THR A 44 3.16 5.91 3.24
CA THR A 44 2.87 6.25 4.64
C THR A 44 2.92 7.77 4.84
N SER A 45 2.42 8.23 6.00
CA SER A 45 2.43 9.66 6.40
C SER A 45 3.87 10.21 6.36
N SER A 46 4.78 9.43 6.95
CA SER A 46 6.22 9.72 6.95
C SER A 46 6.97 8.44 6.57
N GLU A 47 7.92 8.57 5.62
CA GLU A 47 8.65 7.41 5.04
C GLU A 47 9.67 6.86 6.05
N TYR A 48 9.30 5.81 6.77
CA TYR A 48 10.20 5.12 7.73
C TYR A 48 10.97 4.00 7.01
N SER A 49 12.12 3.64 7.58
CA SER A 49 13.01 2.62 7.00
C SER A 49 12.44 1.20 7.15
N SER A 50 11.91 0.90 8.35
CA SER A 50 11.37 -0.42 8.69
C SER A 50 9.83 -0.42 8.56
N LEU A 51 9.35 -0.60 7.32
CA LEU A 51 7.92 -0.66 6.97
C LEU A 51 7.64 -1.86 6.06
N ARG A 52 6.76 -2.75 6.52
CA ARG A 52 6.23 -3.88 5.74
C ARG A 52 4.96 -3.40 5.02
N PHE A 53 4.73 -3.86 3.78
CA PHE A 53 3.51 -3.53 3.01
C PHE A 53 2.91 -4.80 2.39
N LYS A 54 1.60 -4.94 2.56
CA LYS A 54 0.80 -5.96 1.87
C LYS A 54 -0.23 -5.27 0.97
N TRP A 55 -0.85 -6.03 0.06
CA TRP A 55 -1.98 -5.56 -0.77
C TRP A 55 -3.06 -6.64 -0.77
N PHE A 56 -4.34 -6.23 -0.72
CA PHE A 56 -5.49 -7.15 -0.60
C PHE A 56 -6.54 -6.76 -1.65
N LYS A 57 -6.81 -7.66 -2.59
CA LYS A 57 -7.87 -7.44 -3.59
C LYS A 57 -9.17 -8.08 -3.07
N ASN A 58 -10.12 -7.21 -2.66
CA ASN A 58 -11.42 -7.60 -2.08
C ASN A 58 -11.22 -8.41 -0.78
N GLY A 59 -10.17 -8.01 -0.01
CA GLY A 59 -9.79 -8.66 1.23
C GLY A 59 -8.80 -9.81 1.06
N ASN A 60 -8.58 -10.25 -0.19
CA ASN A 60 -7.71 -11.40 -0.50
C ASN A 60 -6.32 -10.90 -0.90
N GLU A 61 -5.32 -11.12 -0.02
CA GLU A 61 -3.94 -10.62 -0.22
C GLU A 61 -3.31 -11.16 -1.52
N LEU A 62 -2.86 -10.22 -2.36
CA LEU A 62 -2.13 -10.52 -3.59
C LEU A 62 -0.68 -10.87 -3.23
N ASN A 63 -0.44 -12.17 -3.04
CA ASN A 63 0.90 -12.76 -2.88
C ASN A 63 1.61 -12.79 -4.25
N ARG A 64 2.80 -13.39 -4.32
CA ARG A 64 3.57 -13.55 -5.59
C ARG A 64 2.73 -14.37 -6.61
N LYS A 65 2.06 -15.40 -6.08
CA LYS A 65 1.26 -16.34 -6.87
C LYS A 65 -0.13 -15.74 -7.18
N ASN A 66 -0.66 -14.93 -6.24
CA ASN A 66 -2.02 -14.33 -6.34
C ASN A 66 -2.01 -13.07 -7.21
N LYS A 67 -0.82 -12.45 -7.35
CA LYS A 67 -0.61 -11.22 -8.11
C LYS A 67 -0.98 -11.45 -9.60
N PRO A 68 -2.00 -10.73 -10.15
CA PRO A 68 -2.40 -10.85 -11.58
C PRO A 68 -1.22 -10.59 -12.55
N GLN A 69 -1.23 -11.28 -13.70
CA GLN A 69 -0.11 -11.28 -14.69
C GLN A 69 0.17 -9.88 -15.27
N ASN A 70 -0.88 -9.04 -15.31
CA ASN A 70 -0.79 -7.66 -15.84
C ASN A 70 -0.46 -6.63 -14.73
N ILE A 71 -0.66 -7.02 -13.46
CA ILE A 71 -0.43 -6.19 -12.28
C ILE A 71 0.97 -6.46 -11.71
N LYS A 72 1.69 -5.39 -11.34
CA LYS A 72 3.02 -5.48 -10.72
C LYS A 72 3.06 -4.63 -9.44
N ILE A 73 3.35 -5.30 -8.31
CA ILE A 73 3.50 -4.67 -7.01
C ILE A 73 5.01 -4.52 -6.72
N GLN A 74 5.50 -3.29 -6.55
CA GLN A 74 6.91 -3.03 -6.23
C GLN A 74 6.99 -2.28 -4.88
N LYS A 75 7.83 -2.82 -3.97
CA LYS A 75 8.07 -2.23 -2.64
C LYS A 75 9.29 -1.30 -2.73
N LYS A 76 9.09 -0.10 -2.23
CA LYS A 76 10.08 0.98 -2.22
C LYS A 76 10.35 1.38 -0.73
N PRO A 77 11.48 2.10 -0.40
CA PRO A 77 11.76 2.55 0.99
C PRO A 77 10.68 3.53 1.53
N GLY A 78 9.67 2.97 2.24
CA GLY A 78 8.63 3.79 2.90
C GLY A 78 7.32 3.85 2.14
N LYS A 79 7.18 3.08 1.04
CA LYS A 79 5.96 3.04 0.20
C LYS A 79 5.93 1.78 -0.68
N SER A 80 4.79 1.54 -1.33
CA SER A 80 4.58 0.44 -2.28
C SER A 80 3.47 0.85 -3.26
N GLU A 81 3.59 0.42 -4.53
CA GLU A 81 2.60 0.77 -5.59
C GLU A 81 2.22 -0.46 -6.41
N LEU A 82 0.91 -0.56 -6.69
CA LEU A 82 0.30 -1.64 -7.47
C LEU A 82 -0.13 -1.03 -8.82
N ARG A 83 0.69 -1.24 -9.85
CA ARG A 83 0.46 -0.72 -11.20
C ARG A 83 -0.39 -1.71 -11.99
N ILE A 84 -1.68 -1.39 -12.17
CA ILE A 84 -2.59 -2.18 -13.03
C ILE A 84 -2.38 -1.77 -14.50
N ASN A 85 -1.78 -2.66 -15.31
CA ASN A 85 -1.54 -2.40 -16.75
C ASN A 85 -2.58 -3.17 -17.57
N LYS A 86 -3.17 -2.53 -18.59
CA LYS A 86 -4.25 -3.13 -19.43
C LYS A 86 -5.47 -3.53 -18.57
N ALA A 87 -5.79 -2.63 -17.60
CA ALA A 87 -6.89 -2.80 -16.63
C ALA A 87 -8.21 -3.18 -17.32
N SER A 88 -8.69 -4.38 -16.99
CA SER A 88 -9.89 -4.98 -17.56
C SER A 88 -10.97 -5.12 -16.48
N LEU A 89 -12.12 -5.72 -16.84
CA LEU A 89 -13.25 -5.94 -15.91
C LEU A 89 -12.84 -6.90 -14.76
N ALA A 90 -11.82 -7.73 -15.02
CA ALA A 90 -11.22 -8.62 -14.03
C ALA A 90 -10.44 -7.85 -12.96
N ASP A 91 -9.85 -6.70 -13.37
CA ASP A 91 -9.07 -5.83 -12.47
C ASP A 91 -9.97 -4.86 -11.69
N SER A 92 -11.25 -4.79 -12.08
CA SER A 92 -12.26 -4.01 -11.36
C SER A 92 -12.56 -4.69 -10.00
N GLY A 93 -12.17 -4.01 -8.92
CA GLY A 93 -12.37 -4.51 -7.56
C GLY A 93 -11.74 -3.62 -6.51
N GLU A 94 -11.92 -4.02 -5.24
CA GLU A 94 -11.31 -3.34 -4.08
C GLU A 94 -9.80 -3.69 -3.99
N TYR A 95 -8.95 -2.71 -3.62
CA TYR A 95 -7.54 -2.98 -3.31
C TYR A 95 -7.13 -2.21 -2.04
N MET A 96 -6.92 -2.93 -0.93
CA MET A 96 -6.48 -2.36 0.35
C MET A 96 -5.01 -2.72 0.60
N CYS A 97 -4.14 -1.71 0.73
CA CYS A 97 -2.77 -1.93 1.21
C CYS A 97 -2.75 -1.85 2.73
N LYS A 98 -1.81 -2.56 3.38
CA LYS A 98 -1.61 -2.50 4.84
C LYS A 98 -0.14 -2.34 5.16
N VAL A 99 0.19 -1.34 6.00
CA VAL A 99 1.55 -1.15 6.51
C VAL A 99 1.65 -1.75 7.92
N ILE A 100 2.79 -2.42 8.20
CA ILE A 100 3.08 -3.03 9.50
C ILE A 100 4.44 -2.46 9.98
N SER A 101 4.44 -1.83 11.17
CA SER A 101 5.68 -1.35 11.82
C SER A 101 5.52 -1.48 13.33
N LYS A 102 6.55 -1.04 14.08
CA LYS A 102 6.49 -0.99 15.55
C LYS A 102 5.72 0.25 16.02
N LEU A 103 5.60 1.27 15.15
CA LEU A 103 4.79 2.49 15.43
C LEU A 103 3.29 2.18 15.30
N GLY A 104 2.96 1.07 14.63
CA GLY A 104 1.59 0.59 14.50
C GLY A 104 1.29 -0.01 13.14
N ASN A 105 0.08 -0.59 13.02
CA ASN A 105 -0.46 -1.09 11.75
C ASN A 105 -1.55 -0.12 11.27
N ASP A 106 -1.67 0.01 9.94
CA ASP A 106 -2.65 0.92 9.30
C ASP A 106 -3.02 0.35 7.92
N SER A 107 -4.16 0.82 7.36
CA SER A 107 -4.67 0.33 6.07
C SER A 107 -5.37 1.46 5.29
N ALA A 108 -5.29 1.39 3.95
CA ALA A 108 -5.99 2.31 3.03
C ALA A 108 -6.54 1.49 1.84
N SER A 109 -7.83 1.69 1.47
CA SER A 109 -8.48 0.89 0.40
C SER A 109 -8.94 1.79 -0.76
N ALA A 110 -8.81 1.27 -2.00
CA ALA A 110 -9.23 1.94 -3.24
C ALA A 110 -10.36 1.15 -3.91
N ASN A 111 -11.27 1.88 -4.57
CA ASN A 111 -12.36 1.27 -5.36
C ASN A 111 -12.05 1.46 -6.85
N ILE A 112 -11.58 0.39 -7.50
CA ILE A 112 -11.29 0.39 -8.93
C ILE A 112 -12.49 -0.16 -9.71
N THR A 113 -13.20 0.73 -10.42
CA THR A 113 -14.26 0.36 -11.35
C THR A 113 -13.70 0.45 -12.78
N ILE A 114 -13.77 -0.63 -13.55
CA ILE A 114 -13.37 -0.61 -14.95
C ILE A 114 -14.61 -0.83 -15.80
N VAL A 115 -14.81 0.04 -16.80
CA VAL A 115 -15.90 -0.06 -17.77
C VAL A 115 -15.34 -0.49 -19.13
N GLU A 116 -16.21 -0.98 -20.01
CA GLU A 116 -15.86 -1.29 -21.40
C GLU A 116 -15.68 0.00 -22.22
N SER A 117 -14.62 0.01 -23.04
CA SER A 117 -14.36 1.07 -24.03
C SER A 117 -15.55 1.18 -25.02
N ASN A 118 -16.30 2.28 -24.92
CA ASN A 118 -17.53 2.53 -25.70
C ASN A 118 -17.17 2.85 -27.18
N MET A 1 0.38 30.87 25.86
CA MET A 1 1.18 31.36 26.99
C MET A 1 2.43 30.46 27.23
N HIS A 2 2.30 29.14 27.01
CA HIS A 2 3.38 28.17 27.24
C HIS A 2 3.78 27.51 25.90
N HIS A 3 5.06 27.65 25.54
CA HIS A 3 5.58 27.24 24.22
C HIS A 3 5.78 25.70 24.15
N HIS A 4 5.40 25.09 23.01
CA HIS A 4 5.53 23.63 22.78
C HIS A 4 6.05 23.36 21.36
N HIS A 5 7.04 22.45 21.28
CA HIS A 5 7.66 22.01 20.03
C HIS A 5 8.16 20.56 20.19
N HIS A 6 7.69 19.65 19.33
CA HIS A 6 8.13 18.25 19.30
C HIS A 6 9.17 18.00 18.19
N HIS A 7 9.50 19.06 17.44
CA HIS A 7 10.60 19.03 16.45
C HIS A 7 11.98 19.14 17.14
N SER A 8 11.98 19.21 18.49
CA SER A 8 13.20 19.20 19.33
C SER A 8 14.12 18.02 18.96
N SER A 9 15.28 18.34 18.36
CA SER A 9 16.22 17.38 17.81
C SER A 9 17.66 17.81 18.16
N GLY A 10 18.06 17.49 19.40
CA GLY A 10 19.42 17.70 19.87
C GLY A 10 20.28 16.50 19.53
N ARG A 11 20.32 15.51 20.44
CA ARG A 11 20.97 14.20 20.20
C ARG A 11 20.13 13.11 20.87
N GLU A 12 18.85 13.04 20.46
CA GLU A 12 17.93 11.99 20.90
C GLU A 12 18.18 10.70 20.08
N ASN A 13 19.21 9.95 20.51
CA ASN A 13 19.57 8.63 19.92
C ASN A 13 19.07 7.49 20.83
N LEU A 14 18.20 7.84 21.80
CA LEU A 14 17.59 6.91 22.75
C LEU A 14 16.08 6.82 22.46
N TYR A 15 15.26 6.37 23.45
CA TYR A 15 13.80 6.20 23.25
C TYR A 15 13.10 7.53 22.91
N PHE A 16 12.26 7.49 21.88
CA PHE A 16 11.50 8.65 21.39
C PHE A 16 10.10 8.69 22.05
N GLN A 17 9.56 9.90 22.19
CA GLN A 17 8.21 10.17 22.74
C GLN A 17 7.32 10.79 21.63
N GLY A 18 6.01 10.93 21.96
CA GLY A 18 5.06 11.71 21.14
C GLY A 18 5.01 11.30 19.66
N ALA A 19 5.03 9.99 19.41
CA ALA A 19 5.12 9.42 18.05
C ALA A 19 3.76 8.90 17.61
N LEU A 20 3.33 9.31 16.41
CA LEU A 20 2.04 8.91 15.83
C LEU A 20 2.20 7.62 14.99
N PRO A 21 1.11 6.78 14.87
CA PRO A 21 1.11 5.54 14.04
C PRO A 21 1.39 5.82 12.53
N PRO A 22 1.78 4.79 11.71
CA PRO A 22 2.11 5.00 10.27
C PRO A 22 0.87 5.38 9.43
N ARG A 23 0.64 6.70 9.29
CA ARG A 23 -0.51 7.25 8.56
C ARG A 23 -0.28 7.10 7.05
N LEU A 24 -1.01 6.16 6.41
CA LEU A 24 -1.05 6.06 4.93
C LEU A 24 -1.86 7.21 4.35
N LYS A 25 -1.55 7.56 3.09
CA LYS A 25 -2.35 8.48 2.30
C LYS A 25 -3.41 7.66 1.57
N GLU A 26 -4.69 8.04 1.75
CA GLU A 26 -5.84 7.37 1.13
C GLU A 26 -5.66 7.22 -0.39
N MET A 27 -5.70 5.97 -0.87
CA MET A 27 -5.63 5.66 -2.30
C MET A 27 -7.00 5.95 -2.93
N LYS A 28 -6.99 6.57 -4.11
CA LYS A 28 -8.21 7.07 -4.76
C LYS A 28 -8.90 5.95 -5.55
N SER A 29 -10.22 5.84 -5.34
CA SER A 29 -11.10 4.99 -6.13
C SER A 29 -11.14 5.53 -7.57
N GLN A 30 -10.52 4.78 -8.49
CA GLN A 30 -10.30 5.21 -9.88
C GLN A 30 -11.08 4.31 -10.84
N GLU A 31 -11.79 4.93 -11.79
CA GLU A 31 -12.49 4.21 -12.87
C GLU A 31 -11.83 4.59 -14.21
N SER A 32 -11.73 3.62 -15.13
CA SER A 32 -11.13 3.84 -16.46
C SER A 32 -11.58 2.75 -17.45
N ALA A 33 -11.09 2.87 -18.70
CA ALA A 33 -11.39 1.94 -19.79
C ALA A 33 -10.68 0.59 -19.62
N ALA A 34 -11.19 -0.44 -20.30
CA ALA A 34 -10.52 -1.73 -20.46
C ALA A 34 -9.27 -1.53 -21.36
N GLY A 35 -8.08 -1.82 -20.81
CA GLY A 35 -6.81 -1.59 -21.50
C GLY A 35 -6.00 -0.43 -20.90
N SER A 36 -6.53 0.20 -19.83
CA SER A 36 -5.88 1.35 -19.17
C SER A 36 -4.99 0.92 -17.98
N LYS A 37 -4.09 1.82 -17.55
CA LYS A 37 -3.20 1.61 -16.39
C LYS A 37 -3.72 2.43 -15.19
N LEU A 38 -4.16 1.74 -14.13
CA LEU A 38 -4.63 2.37 -12.89
C LEU A 38 -3.63 2.06 -11.78
N VAL A 39 -2.98 3.12 -11.28
CA VAL A 39 -1.91 3.03 -10.25
C VAL A 39 -2.45 3.52 -8.91
N LEU A 40 -2.20 2.72 -7.86
CA LEU A 40 -2.51 3.06 -6.48
C LEU A 40 -1.19 3.35 -5.75
N ARG A 41 -1.09 4.54 -5.11
CA ARG A 41 0.12 4.95 -4.38
C ARG A 41 -0.10 4.80 -2.86
N CYS A 42 0.40 3.68 -2.31
CA CYS A 42 0.42 3.45 -0.87
C CYS A 42 1.73 3.96 -0.27
N GLU A 43 1.64 5.11 0.40
CA GLU A 43 2.79 5.78 0.99
C GLU A 43 2.34 6.48 2.27
N THR A 44 3.27 6.60 3.22
CA THR A 44 3.00 7.27 4.49
C THR A 44 3.32 8.77 4.36
N SER A 45 2.53 9.60 5.09
CA SER A 45 2.66 11.07 5.07
C SER A 45 3.83 11.58 5.95
N SER A 46 4.57 10.64 6.54
CA SER A 46 5.81 10.90 7.27
C SER A 46 6.81 9.77 6.98
N GLU A 47 8.11 10.07 7.06
CA GLU A 47 9.18 9.09 6.83
C GLU A 47 9.47 8.29 8.13
N TYR A 48 8.77 7.16 8.31
CA TYR A 48 8.98 6.27 9.46
C TYR A 48 10.08 5.25 9.14
N SER A 49 10.65 4.67 10.20
CA SER A 49 11.66 3.61 10.09
C SER A 49 10.95 2.23 10.11
N SER A 50 11.39 1.32 9.21
CA SER A 50 10.87 -0.06 9.09
C SER A 50 9.37 -0.09 8.71
N LEU A 51 9.11 -0.02 7.39
CA LEU A 51 7.73 0.01 6.84
C LEU A 51 7.55 -1.17 5.84
N ARG A 52 6.65 -2.13 6.20
CA ARG A 52 6.32 -3.29 5.36
C ARG A 52 4.96 -3.05 4.68
N PHE A 53 4.86 -3.33 3.36
CA PHE A 53 3.65 -3.04 2.56
C PHE A 53 3.06 -4.32 1.98
N LYS A 54 1.76 -4.55 2.23
CA LYS A 54 1.00 -5.69 1.69
C LYS A 54 -0.21 -5.16 0.93
N TRP A 55 -0.39 -5.58 -0.31
CA TRP A 55 -1.58 -5.22 -1.13
C TRP A 55 -2.61 -6.34 -1.08
N PHE A 56 -3.88 -5.96 -0.97
CA PHE A 56 -5.02 -6.89 -0.88
C PHE A 56 -6.02 -6.61 -2.00
N LYS A 57 -6.96 -7.53 -2.18
CA LYS A 57 -8.13 -7.36 -3.04
C LYS A 57 -9.27 -8.15 -2.41
N ASN A 58 -10.25 -7.43 -1.83
CA ASN A 58 -11.43 -8.01 -1.15
C ASN A 58 -11.01 -8.93 0.02
N GLY A 59 -9.83 -8.61 0.63
CA GLY A 59 -9.31 -9.34 1.78
C GLY A 59 -8.21 -10.35 1.44
N ASN A 60 -8.06 -10.71 0.15
CA ASN A 60 -7.00 -11.62 -0.32
C ASN A 60 -5.78 -10.82 -0.78
N GLU A 61 -4.68 -10.93 -0.01
CA GLU A 61 -3.40 -10.29 -0.35
C GLU A 61 -2.84 -10.86 -1.68
N LEU A 62 -2.51 -9.95 -2.61
CA LEU A 62 -1.94 -10.30 -3.90
C LEU A 62 -0.51 -10.85 -3.71
N ASN A 63 -0.42 -12.18 -3.59
CA ASN A 63 0.84 -12.93 -3.67
C ASN A 63 1.22 -13.13 -5.15
N ARG A 64 2.25 -13.95 -5.42
CA ARG A 64 2.73 -14.25 -6.80
C ARG A 64 1.59 -14.85 -7.65
N LYS A 65 0.88 -15.81 -7.05
CA LYS A 65 -0.17 -16.57 -7.73
C LYS A 65 -1.54 -15.86 -7.66
N ASN A 66 -1.75 -15.09 -6.57
CA ASN A 66 -3.04 -14.38 -6.30
C ASN A 66 -3.18 -13.15 -7.19
N LYS A 67 -2.03 -12.58 -7.57
CA LYS A 67 -1.95 -11.37 -8.38
C LYS A 67 -2.18 -11.72 -9.87
N PRO A 68 -3.09 -10.99 -10.57
CA PRO A 68 -3.14 -11.01 -12.06
C PRO A 68 -1.79 -10.53 -12.66
N GLN A 69 -1.37 -11.16 -13.76
CA GLN A 69 -0.01 -10.97 -14.35
C GLN A 69 0.12 -9.59 -15.04
N ASN A 70 -1.02 -8.96 -15.36
CA ASN A 70 -1.05 -7.58 -15.93
C ASN A 70 -0.76 -6.53 -14.83
N ILE A 71 -0.91 -6.96 -13.57
CA ILE A 71 -0.63 -6.15 -12.36
C ILE A 71 0.77 -6.47 -11.84
N LYS A 72 1.41 -5.50 -11.16
CA LYS A 72 2.68 -5.70 -10.42
C LYS A 72 2.73 -4.81 -9.18
N ILE A 73 3.23 -5.39 -8.08
CA ILE A 73 3.50 -4.69 -6.82
C ILE A 73 4.99 -4.29 -6.80
N GLN A 74 5.26 -2.98 -6.78
CA GLN A 74 6.64 -2.47 -6.59
C GLN A 74 6.75 -1.83 -5.19
N LYS A 75 7.25 -2.64 -4.23
CA LYS A 75 7.49 -2.22 -2.85
C LYS A 75 8.84 -1.51 -2.77
N LYS A 76 8.74 -0.20 -2.60
CA LYS A 76 9.89 0.72 -2.54
C LYS A 76 10.26 0.98 -1.05
N PRO A 77 11.50 1.50 -0.75
CA PRO A 77 11.89 1.89 0.62
C PRO A 77 10.99 3.05 1.17
N GLY A 78 9.97 2.67 1.96
CA GLY A 78 9.09 3.64 2.66
C GLY A 78 7.77 3.89 1.93
N LYS A 79 7.48 3.09 0.88
CA LYS A 79 6.22 3.19 0.08
C LYS A 79 6.07 1.96 -0.84
N SER A 80 4.97 1.94 -1.62
CA SER A 80 4.73 0.91 -2.64
C SER A 80 3.65 1.41 -3.60
N GLU A 81 3.70 0.96 -4.87
CA GLU A 81 2.67 1.27 -5.87
C GLU A 81 2.17 -0.03 -6.50
N LEU A 82 0.85 -0.10 -6.70
CA LEU A 82 0.19 -1.19 -7.43
C LEU A 82 -0.16 -0.67 -8.83
N ARG A 83 0.67 -1.00 -9.80
CA ARG A 83 0.45 -0.60 -11.20
C ARG A 83 -0.32 -1.72 -11.93
N ILE A 84 -1.64 -1.52 -12.05
CA ILE A 84 -2.53 -2.41 -12.80
C ILE A 84 -2.52 -1.97 -14.28
N ASN A 85 -1.81 -2.72 -15.13
CA ASN A 85 -1.55 -2.30 -16.53
C ASN A 85 -2.43 -3.12 -17.47
N LYS A 86 -3.17 -2.43 -18.37
CA LYS A 86 -4.13 -3.04 -19.31
C LYS A 86 -5.22 -3.79 -18.53
N ALA A 87 -5.81 -3.06 -17.57
CA ALA A 87 -6.84 -3.55 -16.66
C ALA A 87 -8.15 -3.89 -17.38
N SER A 88 -8.70 -5.08 -17.09
CA SER A 88 -9.97 -5.57 -17.66
C SER A 88 -11.07 -5.57 -16.56
N LEU A 89 -12.30 -5.97 -16.94
CA LEU A 89 -13.48 -5.96 -16.04
C LEU A 89 -13.30 -6.90 -14.82
N ALA A 90 -12.40 -7.89 -14.94
CA ALA A 90 -12.07 -8.83 -13.84
C ALA A 90 -11.09 -8.19 -12.85
N ASP A 91 -10.25 -7.24 -13.33
CA ASP A 91 -9.26 -6.51 -12.48
C ASP A 91 -9.92 -5.45 -11.60
N SER A 92 -11.24 -5.28 -11.76
CA SER A 92 -12.01 -4.37 -10.90
C SER A 92 -12.23 -5.00 -9.50
N GLY A 93 -11.94 -4.22 -8.44
CA GLY A 93 -12.14 -4.65 -7.05
C GLY A 93 -11.60 -3.64 -6.06
N GLU A 94 -11.83 -3.91 -4.77
CA GLU A 94 -11.34 -3.05 -3.70
C GLU A 94 -9.94 -3.51 -3.29
N TYR A 95 -8.92 -2.75 -3.71
CA TYR A 95 -7.54 -3.02 -3.36
C TYR A 95 -7.16 -2.20 -2.12
N MET A 96 -6.52 -2.86 -1.15
CA MET A 96 -6.18 -2.26 0.14
C MET A 96 -4.72 -2.53 0.48
N CYS A 97 -3.94 -1.46 0.64
CA CYS A 97 -2.57 -1.56 1.14
C CYS A 97 -2.55 -1.59 2.67
N LYS A 98 -1.53 -2.26 3.22
CA LYS A 98 -1.30 -2.43 4.66
C LYS A 98 0.13 -2.05 4.98
N VAL A 99 0.31 -1.05 5.84
CA VAL A 99 1.63 -0.69 6.35
C VAL A 99 1.79 -1.27 7.76
N ILE A 100 2.89 -2.01 7.97
CA ILE A 100 3.21 -2.64 9.25
C ILE A 100 4.54 -2.02 9.74
N SER A 101 4.53 -1.52 10.99
CA SER A 101 5.72 -0.91 11.64
C SER A 101 5.66 -1.16 13.14
N LYS A 102 6.73 -0.80 13.85
CA LYS A 102 6.83 -0.92 15.32
C LYS A 102 5.80 -0.01 16.04
N LEU A 103 5.42 1.10 15.36
CA LEU A 103 4.47 2.09 15.90
C LEU A 103 3.03 1.59 15.80
N GLY A 104 2.77 0.74 14.80
CA GLY A 104 1.44 0.17 14.58
C GLY A 104 1.21 -0.17 13.13
N ASN A 105 -0.07 -0.39 12.76
CA ASN A 105 -0.49 -0.72 11.38
C ASN A 105 -1.57 0.25 10.89
N ASP A 106 -1.77 0.32 9.56
CA ASP A 106 -2.81 1.17 8.93
C ASP A 106 -3.19 0.61 7.55
N SER A 107 -4.37 1.00 7.04
CA SER A 107 -4.91 0.48 5.78
C SER A 107 -5.41 1.64 4.90
N ALA A 108 -5.04 1.60 3.61
CA ALA A 108 -5.57 2.52 2.58
C ALA A 108 -6.30 1.67 1.52
N SER A 109 -7.62 1.84 1.39
CA SER A 109 -8.46 1.07 0.44
C SER A 109 -8.90 1.96 -0.73
N ALA A 110 -9.22 1.33 -1.87
CA ALA A 110 -9.60 2.04 -3.10
C ALA A 110 -10.33 1.11 -4.07
N ASN A 111 -11.41 1.61 -4.66
CA ASN A 111 -12.20 0.90 -5.68
C ASN A 111 -11.61 1.16 -7.06
N ILE A 112 -10.89 0.17 -7.60
CA ILE A 112 -10.47 0.18 -9.01
C ILE A 112 -11.63 -0.42 -9.81
N THR A 113 -12.33 0.43 -10.58
CA THR A 113 -13.48 0.03 -11.38
C THR A 113 -13.10 0.14 -12.86
N ILE A 114 -13.40 -0.90 -13.65
CA ILE A 114 -13.14 -0.91 -15.09
C ILE A 114 -14.47 -1.02 -15.82
N VAL A 115 -14.62 -0.22 -16.89
CA VAL A 115 -15.82 -0.17 -17.73
C VAL A 115 -15.44 -0.27 -19.21
N GLU A 116 -16.29 -0.93 -20.00
CA GLU A 116 -16.14 -0.98 -21.47
C GLU A 116 -16.40 0.40 -22.06
N SER A 117 -15.34 1.02 -22.57
CA SER A 117 -15.37 2.37 -23.14
C SER A 117 -15.17 2.29 -24.66
N ASN A 118 -16.05 2.98 -25.40
CA ASN A 118 -16.04 3.01 -26.88
C ASN A 118 -15.97 4.49 -27.34
N MET A 1 25.57 1.01 0.52
CA MET A 1 24.33 0.99 1.32
C MET A 1 24.30 -0.28 2.20
N HIS A 2 23.93 -0.10 3.49
CA HIS A 2 23.87 -1.19 4.48
C HIS A 2 22.46 -1.84 4.55
N HIS A 3 21.55 -1.43 3.64
CA HIS A 3 20.15 -1.94 3.62
C HIS A 3 19.90 -2.93 2.47
N HIS A 4 20.93 -3.71 2.10
CA HIS A 4 20.71 -4.92 1.27
C HIS A 4 20.35 -6.04 2.24
N HIS A 5 19.08 -6.02 2.67
CA HIS A 5 18.54 -6.87 3.76
C HIS A 5 19.31 -6.60 5.08
N HIS A 6 19.21 -7.55 6.04
CA HIS A 6 19.94 -7.51 7.33
C HIS A 6 19.47 -6.34 8.22
N HIS A 7 20.18 -6.14 9.37
CA HIS A 7 19.88 -5.08 10.37
C HIS A 7 18.51 -5.29 11.02
N SER A 8 18.12 -6.58 11.08
CA SER A 8 16.87 -7.03 11.70
C SER A 8 16.95 -6.85 13.22
N SER A 9 16.18 -5.87 13.75
CA SER A 9 16.13 -5.50 15.18
C SER A 9 17.48 -4.96 15.70
N GLY A 10 17.61 -4.82 17.03
CA GLY A 10 18.84 -4.33 17.66
C GLY A 10 18.72 -2.86 18.02
N ARG A 11 18.98 -1.99 17.02
CA ARG A 11 18.84 -0.53 17.17
C ARG A 11 17.63 -0.05 16.36
N GLU A 12 16.57 0.37 17.07
CA GLU A 12 15.33 0.91 16.50
C GLU A 12 14.94 2.19 17.25
N ASN A 13 14.06 3.02 16.67
CA ASN A 13 13.58 4.28 17.31
C ASN A 13 12.55 3.94 18.39
N LEU A 14 13.06 3.54 19.58
CA LEU A 14 12.23 3.31 20.78
C LEU A 14 11.67 4.66 21.29
N TYR A 15 12.49 5.73 21.16
CA TYR A 15 12.08 7.12 21.38
C TYR A 15 12.33 7.91 20.09
N PHE A 16 11.27 8.48 19.53
CA PHE A 16 11.31 9.35 18.35
C PHE A 16 10.43 10.61 18.62
N GLN A 17 10.34 10.95 19.93
CA GLN A 17 9.61 12.12 20.46
C GLN A 17 8.09 12.05 20.13
N GLY A 18 7.71 12.52 18.92
CA GLY A 18 6.32 12.54 18.48
C GLY A 18 6.06 11.51 17.41
N ALA A 19 6.48 10.26 17.69
CA ALA A 19 6.26 9.12 16.78
C ALA A 19 4.77 8.75 16.81
N LEU A 20 4.06 9.13 15.74
CA LEU A 20 2.61 8.91 15.61
C LEU A 20 2.35 7.67 14.74
N PRO A 21 1.21 6.92 14.94
CA PRO A 21 0.85 5.75 14.10
C PRO A 21 0.88 6.11 12.58
N PRO A 22 1.40 5.19 11.71
CA PRO A 22 1.58 5.48 10.26
C PRO A 22 0.23 5.74 9.56
N ARG A 23 0.19 6.69 8.62
CA ARG A 23 -1.04 7.03 7.88
C ARG A 23 -0.78 6.91 6.38
N LEU A 24 -1.30 5.85 5.77
CA LEU A 24 -1.21 5.63 4.32
C LEU A 24 -2.05 6.68 3.58
N LYS A 25 -1.50 7.24 2.49
CA LYS A 25 -2.25 8.17 1.62
C LYS A 25 -3.37 7.38 0.96
N GLU A 26 -4.60 7.60 1.45
CA GLU A 26 -5.77 6.82 1.05
C GLU A 26 -6.02 7.00 -0.46
N MET A 27 -5.76 5.93 -1.21
CA MET A 27 -5.91 5.89 -2.66
C MET A 27 -7.42 5.95 -2.98
N LYS A 28 -7.83 7.06 -3.60
CA LYS A 28 -9.26 7.36 -3.81
C LYS A 28 -9.86 6.49 -4.93
N SER A 29 -11.19 6.35 -4.89
CA SER A 29 -11.98 5.61 -5.88
C SER A 29 -11.77 6.18 -7.29
N GLN A 30 -11.15 5.37 -8.17
CA GLN A 30 -10.79 5.75 -9.53
C GLN A 30 -11.52 4.84 -10.54
N GLU A 31 -12.19 5.44 -11.54
CA GLU A 31 -12.80 4.71 -12.65
C GLU A 31 -12.01 4.97 -13.93
N SER A 32 -11.68 3.89 -14.64
CA SER A 32 -10.85 3.94 -15.86
C SER A 32 -11.45 2.99 -16.91
N ALA A 33 -10.85 2.99 -18.12
CA ALA A 33 -11.36 2.23 -19.27
C ALA A 33 -10.62 0.88 -19.44
N ALA A 34 -11.14 0.04 -20.33
CA ALA A 34 -10.53 -1.26 -20.67
C ALA A 34 -9.22 -1.05 -21.48
N GLY A 35 -8.13 -1.67 -21.01
CA GLY A 35 -6.81 -1.54 -21.62
C GLY A 35 -5.97 -0.44 -20.97
N SER A 36 -6.60 0.35 -20.08
CA SER A 36 -5.95 1.50 -19.41
C SER A 36 -5.03 1.05 -18.25
N LYS A 37 -4.40 2.04 -17.58
CA LYS A 37 -3.50 1.81 -16.45
C LYS A 37 -3.87 2.69 -15.24
N LEU A 38 -3.85 2.09 -14.03
CA LEU A 38 -4.06 2.80 -12.75
C LEU A 38 -2.90 2.49 -11.81
N VAL A 39 -2.29 3.54 -11.21
CA VAL A 39 -1.18 3.38 -10.26
C VAL A 39 -1.67 3.72 -8.84
N LEU A 40 -1.85 2.69 -8.03
CA LEU A 40 -2.15 2.80 -6.60
C LEU A 40 -0.83 2.86 -5.83
N ARG A 41 -0.65 3.84 -4.94
CA ARG A 41 0.61 4.01 -4.18
C ARG A 41 0.32 3.87 -2.68
N CYS A 42 0.73 2.74 -2.10
CA CYS A 42 0.62 2.48 -0.66
C CYS A 42 1.93 2.92 0.02
N GLU A 43 1.89 4.11 0.64
CA GLU A 43 2.99 4.69 1.43
C GLU A 43 2.45 5.84 2.28
N THR A 44 3.18 6.17 3.35
CA THR A 44 2.67 7.05 4.41
C THR A 44 2.98 8.53 4.14
N SER A 45 2.15 9.41 4.75
CA SER A 45 2.27 10.88 4.65
C SER A 45 3.58 11.37 5.29
N SER A 46 3.85 10.90 6.52
CA SER A 46 5.12 11.15 7.22
C SER A 46 6.15 10.09 6.79
N GLU A 47 7.43 10.50 6.63
CA GLU A 47 8.50 9.60 6.18
C GLU A 47 8.76 8.53 7.26
N TYR A 48 8.59 7.25 6.88
CA TYR A 48 8.99 6.09 7.68
C TYR A 48 9.59 5.04 6.72
N SER A 49 10.76 4.50 7.08
CA SER A 49 11.47 3.48 6.26
C SER A 49 11.06 2.04 6.67
N SER A 50 10.56 1.90 7.91
CA SER A 50 10.31 0.61 8.58
C SER A 50 8.86 0.11 8.36
N LEU A 51 8.40 0.21 7.11
CA LEU A 51 7.00 -0.07 6.72
C LEU A 51 6.90 -1.36 5.86
N ARG A 52 5.83 -2.14 6.06
CA ARG A 52 5.59 -3.42 5.35
C ARG A 52 4.19 -3.40 4.73
N PHE A 53 4.12 -3.15 3.42
CA PHE A 53 2.85 -2.98 2.70
C PHE A 53 2.38 -4.32 2.12
N LYS A 54 1.14 -4.70 2.42
CA LYS A 54 0.49 -5.89 1.85
C LYS A 54 -0.82 -5.47 1.19
N TRP A 55 -0.97 -5.78 -0.10
CA TRP A 55 -2.15 -5.44 -0.89
C TRP A 55 -3.20 -6.56 -0.77
N PHE A 56 -4.46 -6.17 -0.58
CA PHE A 56 -5.59 -7.09 -0.44
C PHE A 56 -6.66 -6.72 -1.50
N LYS A 57 -6.99 -7.67 -2.39
CA LYS A 57 -8.09 -7.49 -3.34
C LYS A 57 -9.37 -8.04 -2.69
N ASN A 58 -10.16 -7.12 -2.12
CA ASN A 58 -11.40 -7.42 -1.38
C ASN A 58 -11.10 -8.35 -0.18
N GLY A 59 -9.96 -8.06 0.49
CA GLY A 59 -9.51 -8.82 1.66
C GLY A 59 -8.60 -10.00 1.32
N ASN A 60 -8.37 -10.27 0.02
CA ASN A 60 -7.55 -11.40 -0.45
C ASN A 60 -6.09 -10.96 -0.65
N GLU A 61 -5.17 -11.51 0.18
CA GLU A 61 -3.74 -11.12 0.21
C GLU A 61 -3.03 -11.45 -1.13
N LEU A 62 -2.80 -10.41 -1.96
CA LEU A 62 -2.11 -10.56 -3.25
C LEU A 62 -0.59 -10.59 -3.02
N ASN A 63 -0.03 -11.79 -2.87
CA ASN A 63 1.43 -11.99 -2.82
C ASN A 63 1.99 -11.88 -4.25
N ARG A 64 3.33 -11.99 -4.40
CA ARG A 64 4.03 -11.83 -5.70
C ARG A 64 3.52 -12.85 -6.76
N LYS A 65 3.13 -14.06 -6.28
CA LYS A 65 2.62 -15.15 -7.13
C LYS A 65 1.10 -15.00 -7.37
N ASN A 66 0.37 -14.54 -6.33
CA ASN A 66 -1.11 -14.31 -6.38
C ASN A 66 -1.46 -13.07 -7.22
N LYS A 67 -0.45 -12.21 -7.38
CA LYS A 67 -0.50 -11.00 -8.21
C LYS A 67 -0.58 -11.42 -9.70
N PRO A 68 -1.65 -11.02 -10.45
CA PRO A 68 -1.81 -11.38 -11.89
C PRO A 68 -0.74 -10.74 -12.79
N GLN A 69 -0.74 -11.14 -14.07
CA GLN A 69 0.34 -10.81 -15.04
C GLN A 69 0.33 -9.31 -15.40
N ASN A 70 -0.89 -8.76 -15.61
CA ASN A 70 -1.08 -7.38 -16.07
C ASN A 70 -0.90 -6.36 -14.92
N ILE A 71 -1.02 -6.84 -13.66
CA ILE A 71 -0.77 -6.02 -12.45
C ILE A 71 0.67 -6.26 -11.98
N LYS A 72 1.36 -5.18 -11.59
CA LYS A 72 2.73 -5.26 -11.07
C LYS A 72 2.86 -4.46 -9.76
N ILE A 73 3.35 -5.13 -8.70
CA ILE A 73 3.54 -4.52 -7.37
C ILE A 73 5.04 -4.40 -7.09
N GLN A 74 5.58 -3.18 -7.15
CA GLN A 74 7.03 -2.93 -6.98
C GLN A 74 7.34 -2.46 -5.54
N LYS A 75 8.15 -3.27 -4.83
CA LYS A 75 8.62 -3.01 -3.45
C LYS A 75 9.89 -2.13 -3.49
N LYS A 76 9.70 -0.84 -3.23
CA LYS A 76 10.78 0.15 -3.10
C LYS A 76 11.06 0.42 -1.59
N PRO A 77 12.28 0.94 -1.20
CA PRO A 77 12.58 1.34 0.20
C PRO A 77 11.52 2.30 0.84
N GLY A 78 10.58 1.71 1.60
CA GLY A 78 9.57 2.46 2.36
C GLY A 78 8.36 2.92 1.54
N LYS A 79 8.11 2.24 0.39
CA LYS A 79 6.94 2.50 -0.48
C LYS A 79 6.68 1.31 -1.43
N SER A 80 5.40 1.02 -1.74
CA SER A 80 4.98 -0.05 -2.67
C SER A 80 3.86 0.48 -3.57
N GLU A 81 3.89 0.11 -4.85
CA GLU A 81 2.91 0.61 -5.85
C GLU A 81 2.33 -0.57 -6.67
N LEU A 82 0.99 -0.64 -6.74
CA LEU A 82 0.25 -1.63 -7.52
C LEU A 82 -0.23 -0.93 -8.80
N ARG A 83 0.43 -1.25 -9.90
CA ARG A 83 0.18 -0.62 -11.21
C ARG A 83 -0.57 -1.61 -12.12
N ILE A 84 -1.91 -1.45 -12.16
CA ILE A 84 -2.79 -2.20 -13.06
C ILE A 84 -2.56 -1.75 -14.50
N ASN A 85 -1.99 -2.62 -15.34
CA ASN A 85 -1.90 -2.39 -16.80
C ASN A 85 -2.97 -3.25 -17.48
N LYS A 86 -3.42 -2.84 -18.68
CA LYS A 86 -4.43 -3.58 -19.47
C LYS A 86 -5.66 -3.91 -18.59
N ALA A 87 -6.24 -2.84 -18.03
CA ALA A 87 -7.32 -2.91 -17.03
C ALA A 87 -8.59 -3.56 -17.61
N SER A 88 -9.27 -4.36 -16.79
CA SER A 88 -10.47 -5.11 -17.18
C SER A 88 -11.46 -5.16 -16.01
N LEU A 89 -12.61 -5.78 -16.24
CA LEU A 89 -13.68 -5.91 -15.23
C LEU A 89 -13.24 -6.83 -14.06
N ALA A 90 -12.17 -7.62 -14.28
CA ALA A 90 -11.54 -8.46 -13.25
C ALA A 90 -10.65 -7.61 -12.33
N ASP A 91 -10.06 -6.54 -12.90
CA ASP A 91 -9.24 -5.56 -12.16
C ASP A 91 -10.13 -4.62 -11.31
N SER A 92 -11.43 -4.57 -11.65
CA SER A 92 -12.43 -3.86 -10.84
C SER A 92 -12.59 -4.54 -9.46
N GLY A 93 -12.74 -3.72 -8.42
CA GLY A 93 -12.86 -4.18 -7.03
C GLY A 93 -12.08 -3.27 -6.10
N GLU A 94 -12.09 -3.56 -4.80
CA GLU A 94 -11.48 -2.69 -3.79
C GLU A 94 -10.09 -3.24 -3.39
N TYR A 95 -9.03 -2.45 -3.64
CA TYR A 95 -7.66 -2.79 -3.21
C TYR A 95 -7.34 -2.05 -1.89
N MET A 96 -7.26 -2.80 -0.80
CA MET A 96 -6.94 -2.31 0.54
C MET A 96 -5.52 -2.75 0.92
N CYS A 97 -4.58 -1.81 0.96
CA CYS A 97 -3.21 -2.08 1.41
C CYS A 97 -3.08 -1.81 2.92
N LYS A 98 -2.49 -2.77 3.66
CA LYS A 98 -2.14 -2.60 5.09
C LYS A 98 -0.66 -2.28 5.21
N VAL A 99 -0.31 -1.32 6.07
CA VAL A 99 1.08 -1.09 6.50
C VAL A 99 1.29 -1.71 7.90
N ILE A 100 2.32 -2.57 8.00
CA ILE A 100 2.71 -3.25 9.24
C ILE A 100 4.05 -2.63 9.70
N SER A 101 4.06 -1.98 10.87
CA SER A 101 5.25 -1.25 11.35
C SER A 101 5.42 -1.38 12.87
N LYS A 102 6.42 -0.65 13.40
CA LYS A 102 6.77 -0.63 14.83
C LYS A 102 5.74 0.20 15.62
N LEU A 103 5.21 1.26 14.96
CA LEU A 103 4.30 2.22 15.58
C LEU A 103 2.84 1.71 15.54
N GLY A 104 2.57 0.75 14.63
CA GLY A 104 1.27 0.08 14.56
C GLY A 104 0.87 -0.33 13.14
N ASN A 105 -0.45 -0.52 12.94
CA ASN A 105 -1.03 -0.94 11.64
C ASN A 105 -2.04 0.11 11.16
N ASP A 106 -2.07 0.32 9.83
CA ASP A 106 -3.00 1.24 9.16
C ASP A 106 -3.37 0.65 7.79
N SER A 107 -4.35 1.25 7.10
CA SER A 107 -4.82 0.76 5.80
C SER A 107 -5.20 1.93 4.88
N ALA A 108 -5.24 1.64 3.57
CA ALA A 108 -5.75 2.55 2.53
C ALA A 108 -6.48 1.71 1.49
N SER A 109 -7.81 1.87 1.42
CA SER A 109 -8.68 1.12 0.50
C SER A 109 -9.06 1.98 -0.71
N ALA A 110 -9.01 1.38 -1.92
CA ALA A 110 -9.26 2.06 -3.19
C ALA A 110 -10.35 1.33 -3.97
N ASN A 111 -11.51 1.98 -4.15
CA ASN A 111 -12.60 1.40 -4.94
C ASN A 111 -12.33 1.63 -6.43
N ILE A 112 -11.84 0.59 -7.10
CA ILE A 112 -11.51 0.63 -8.53
C ILE A 112 -12.70 0.11 -9.35
N THR A 113 -13.09 0.87 -10.38
CA THR A 113 -14.11 0.46 -11.35
C THR A 113 -13.51 0.59 -12.75
N ILE A 114 -13.48 -0.50 -13.49
CA ILE A 114 -13.08 -0.49 -14.91
C ILE A 114 -14.34 -0.69 -15.74
N VAL A 115 -14.42 0.01 -16.87
CA VAL A 115 -15.55 -0.09 -17.81
C VAL A 115 -15.01 -0.54 -19.18
N GLU A 116 -15.77 -1.41 -19.87
CA GLU A 116 -15.38 -1.90 -21.19
C GLU A 116 -15.50 -0.80 -22.24
N SER A 117 -14.37 -0.52 -22.87
CA SER A 117 -14.27 0.39 -24.00
C SER A 117 -14.91 -0.29 -25.22
N ASN A 118 -16.10 0.17 -25.61
CA ASN A 118 -16.83 -0.36 -26.78
C ASN A 118 -16.39 0.40 -28.04
N MET A 1 1.12 23.20 43.68
CA MET A 1 2.52 22.80 43.91
C MET A 1 3.36 23.12 42.65
N HIS A 2 4.19 24.19 42.74
CA HIS A 2 5.09 24.59 41.65
C HIS A 2 6.31 23.65 41.58
N HIS A 3 6.05 22.42 41.09
CA HIS A 3 7.02 21.33 41.10
C HIS A 3 6.57 20.26 40.09
N HIS A 4 7.47 19.92 39.16
CA HIS A 4 7.29 18.82 38.20
C HIS A 4 7.39 17.47 38.91
N HIS A 5 6.35 16.63 38.78
CA HIS A 5 6.36 15.25 39.29
C HIS A 5 7.43 14.45 38.51
N HIS A 6 8.49 14.02 39.22
CA HIS A 6 9.58 13.21 38.64
C HIS A 6 9.01 11.85 38.18
N HIS A 7 9.50 11.34 37.06
CA HIS A 7 9.16 9.99 36.60
C HIS A 7 9.88 8.99 37.52
N SER A 8 9.13 8.44 38.49
CA SER A 8 9.58 7.39 39.40
C SER A 8 9.80 6.05 38.61
N SER A 9 9.82 4.91 39.32
CA SER A 9 9.98 3.59 38.68
C SER A 9 8.72 3.24 37.84
N GLY A 10 8.69 3.77 36.60
CA GLY A 10 7.56 3.65 35.71
C GLY A 10 7.51 2.32 34.99
N ARG A 11 6.33 1.67 35.00
CA ARG A 11 6.11 0.37 34.37
C ARG A 11 6.32 0.46 32.84
N GLU A 12 7.14 -0.47 32.30
CA GLU A 12 7.49 -0.52 30.87
C GLU A 12 6.27 -0.99 30.02
N ASN A 13 5.33 -0.05 29.83
CA ASN A 13 4.08 -0.26 29.11
C ASN A 13 3.95 0.77 28.01
N LEU A 14 4.09 2.05 28.42
CA LEU A 14 4.03 3.20 27.52
C LEU A 14 5.34 3.28 26.72
N TYR A 15 5.23 3.16 25.39
CA TYR A 15 6.36 3.23 24.45
C TYR A 15 5.97 4.09 23.25
N PHE A 16 7.01 4.61 22.57
CA PHE A 16 6.91 5.43 21.35
C PHE A 16 6.02 6.67 21.59
N GLN A 17 6.29 7.37 22.72
CA GLN A 17 5.63 8.64 23.06
C GLN A 17 6.10 9.78 22.13
N GLY A 18 5.14 10.61 21.68
CA GLY A 18 5.40 11.64 20.68
C GLY A 18 5.61 11.06 19.27
N ALA A 19 5.24 9.78 19.09
CA ALA A 19 5.33 9.05 17.81
C ALA A 19 3.94 8.63 17.37
N LEU A 20 3.53 9.10 16.20
CA LEU A 20 2.20 8.84 15.61
C LEU A 20 2.24 7.57 14.72
N PRO A 21 1.07 6.86 14.55
CA PRO A 21 0.97 5.64 13.69
C PRO A 21 1.42 5.89 12.21
N PRO A 22 1.78 4.81 11.44
CA PRO A 22 2.12 4.93 10.00
C PRO A 22 0.87 5.23 9.14
N ARG A 23 0.51 6.52 9.11
CA ARG A 23 -0.73 7.01 8.48
C ARG A 23 -0.63 6.96 6.94
N LEU A 24 -1.22 5.90 6.35
CA LEU A 24 -1.31 5.75 4.89
C LEU A 24 -2.29 6.78 4.32
N LYS A 25 -1.79 7.63 3.42
CA LYS A 25 -2.63 8.56 2.66
C LYS A 25 -3.56 7.75 1.75
N GLU A 26 -4.81 8.19 1.66
CA GLU A 26 -5.87 7.50 0.92
C GLU A 26 -5.50 7.34 -0.58
N MET A 27 -5.39 6.07 -1.02
CA MET A 27 -5.22 5.74 -2.43
C MET A 27 -6.57 5.98 -3.12
N LYS A 28 -6.57 6.79 -4.18
CA LYS A 28 -7.81 7.25 -4.82
C LYS A 28 -8.56 6.11 -5.51
N SER A 29 -9.87 6.00 -5.20
CA SER A 29 -10.80 5.11 -5.89
C SER A 29 -10.97 5.61 -7.34
N GLN A 30 -10.41 4.88 -8.30
CA GLN A 30 -10.28 5.36 -9.70
C GLN A 30 -11.10 4.49 -10.65
N GLU A 31 -11.89 5.15 -11.53
CA GLU A 31 -12.55 4.49 -12.66
C GLU A 31 -11.66 4.65 -13.91
N SER A 32 -11.64 3.62 -14.77
CA SER A 32 -10.85 3.62 -16.00
C SER A 32 -11.47 2.61 -16.99
N ALA A 33 -10.97 2.58 -18.23
CA ALA A 33 -11.51 1.72 -19.29
C ALA A 33 -10.76 0.38 -19.37
N ALA A 34 -11.36 -0.60 -20.07
CA ALA A 34 -10.78 -1.94 -20.25
C ALA A 34 -9.63 -1.88 -21.26
N GLY A 35 -8.41 -2.16 -20.76
CA GLY A 35 -7.17 -2.01 -21.53
C GLY A 35 -6.34 -0.81 -21.08
N SER A 36 -6.87 -0.03 -20.12
CA SER A 36 -6.15 1.15 -19.55
C SER A 36 -5.31 0.74 -18.32
N LYS A 37 -4.28 1.54 -18.03
CA LYS A 37 -3.38 1.29 -16.88
C LYS A 37 -3.72 2.26 -15.73
N LEU A 38 -3.78 1.71 -14.50
CA LEU A 38 -4.02 2.50 -13.27
C LEU A 38 -2.81 2.32 -12.33
N VAL A 39 -2.36 3.43 -11.72
CA VAL A 39 -1.26 3.42 -10.73
C VAL A 39 -1.84 3.75 -9.35
N LEU A 40 -1.62 2.87 -8.38
CA LEU A 40 -2.01 3.06 -6.98
C LEU A 40 -0.73 3.28 -6.17
N ARG A 41 -0.70 4.35 -5.36
CA ARG A 41 0.48 4.71 -4.55
C ARG A 41 0.11 4.73 -3.08
N CYS A 42 0.53 3.70 -2.34
CA CYS A 42 0.34 3.58 -0.90
C CYS A 42 1.60 4.03 -0.16
N GLU A 43 1.48 5.09 0.64
CA GLU A 43 2.63 5.72 1.31
C GLU A 43 2.17 6.44 2.57
N THR A 44 3.09 6.53 3.54
CA THR A 44 2.83 7.11 4.86
C THR A 44 3.07 8.63 4.85
N SER A 45 2.40 9.33 5.79
CA SER A 45 2.49 10.80 5.95
C SER A 45 3.91 11.20 6.41
N SER A 46 4.55 10.32 7.18
CA SER A 46 5.95 10.49 7.64
C SER A 46 6.76 9.23 7.31
N GLU A 47 7.94 9.43 6.69
CA GLU A 47 8.85 8.34 6.31
C GLU A 47 9.48 7.71 7.57
N TYR A 48 9.00 6.52 7.93
CA TYR A 48 9.57 5.74 9.05
C TYR A 48 10.49 4.65 8.51
N SER A 49 11.29 4.08 9.41
CA SER A 49 12.12 2.90 9.12
C SER A 49 11.31 1.63 9.45
N SER A 50 11.46 0.60 8.58
CA SER A 50 10.77 -0.69 8.69
C SER A 50 9.26 -0.54 8.42
N LEU A 51 8.91 -0.30 7.14
CA LEU A 51 7.52 -0.19 6.67
C LEU A 51 7.25 -1.29 5.62
N ARG A 52 6.46 -2.30 6.01
CA ARG A 52 6.03 -3.40 5.11
C ARG A 52 4.74 -2.97 4.41
N PHE A 53 4.48 -3.42 3.17
CA PHE A 53 3.23 -3.05 2.43
C PHE A 53 2.57 -4.29 1.82
N LYS A 54 1.33 -4.60 2.27
CA LYS A 54 0.53 -5.73 1.78
C LYS A 54 -0.76 -5.22 1.11
N TRP A 55 -0.87 -5.48 -0.20
CA TRP A 55 -2.04 -5.14 -1.01
C TRP A 55 -3.07 -6.28 -0.97
N PHE A 56 -4.36 -5.93 -0.94
CA PHE A 56 -5.48 -6.89 -0.85
C PHE A 56 -6.48 -6.61 -1.97
N LYS A 57 -6.86 -7.64 -2.74
CA LYS A 57 -7.92 -7.54 -3.75
C LYS A 57 -9.22 -8.15 -3.18
N ASN A 58 -10.16 -7.27 -2.75
CA ASN A 58 -11.44 -7.65 -2.10
C ASN A 58 -11.19 -8.39 -0.78
N GLY A 59 -10.01 -8.13 -0.19
CA GLY A 59 -9.59 -8.77 1.06
C GLY A 59 -8.60 -9.92 0.85
N ASN A 60 -8.27 -10.25 -0.41
CA ASN A 60 -7.31 -11.34 -0.72
C ASN A 60 -5.88 -10.79 -0.81
N GLU A 61 -5.03 -11.18 0.15
CA GLU A 61 -3.63 -10.73 0.23
C GLU A 61 -2.86 -11.19 -1.04
N LEU A 62 -2.56 -10.22 -1.92
CA LEU A 62 -1.99 -10.46 -3.24
C LEU A 62 -0.51 -10.87 -3.13
N ASN A 63 -0.29 -12.18 -3.09
CA ASN A 63 1.04 -12.79 -3.25
C ASN A 63 1.42 -12.80 -4.75
N ARG A 64 2.50 -13.51 -5.09
CA ARG A 64 3.04 -13.56 -6.45
C ARG A 64 2.06 -14.27 -7.42
N LYS A 65 1.61 -15.47 -7.01
CA LYS A 65 0.66 -16.30 -7.78
C LYS A 65 -0.80 -15.89 -7.55
N ASN A 66 -1.07 -15.25 -6.39
CA ASN A 66 -2.41 -14.69 -6.06
C ASN A 66 -2.70 -13.44 -6.93
N LYS A 67 -1.62 -12.84 -7.42
CA LYS A 67 -1.66 -11.65 -8.28
C LYS A 67 -1.91 -12.08 -9.74
N PRO A 68 -2.85 -11.41 -10.48
CA PRO A 68 -2.97 -11.57 -11.96
C PRO A 68 -1.69 -11.09 -12.70
N GLN A 69 -1.49 -11.65 -13.91
CA GLN A 69 -0.27 -11.48 -14.72
C GLN A 69 -0.02 -10.00 -15.09
N ASN A 70 -1.13 -9.28 -15.32
CA ASN A 70 -1.11 -7.89 -15.83
C ASN A 70 -0.82 -6.86 -14.71
N ILE A 71 -1.00 -7.28 -13.44
CA ILE A 71 -0.75 -6.43 -12.26
C ILE A 71 0.70 -6.62 -11.78
N LYS A 72 1.29 -5.54 -11.26
CA LYS A 72 2.65 -5.55 -10.68
C LYS A 72 2.64 -4.77 -9.35
N ILE A 73 3.45 -5.23 -8.38
CA ILE A 73 3.65 -4.56 -7.08
C ILE A 73 5.16 -4.30 -6.90
N GLN A 74 5.51 -3.09 -6.44
CA GLN A 74 6.90 -2.67 -6.22
C GLN A 74 7.01 -1.97 -4.86
N LYS A 75 8.01 -2.37 -4.05
CA LYS A 75 8.27 -1.79 -2.73
C LYS A 75 9.45 -0.80 -2.81
N LYS A 76 9.23 0.40 -2.27
CA LYS A 76 10.26 1.45 -2.14
C LYS A 76 10.36 1.85 -0.63
N PRO A 77 11.48 2.50 -0.16
CA PRO A 77 11.60 2.98 1.25
C PRO A 77 10.51 4.02 1.62
N GLY A 78 9.44 3.54 2.30
CA GLY A 78 8.35 4.40 2.80
C GLY A 78 7.08 4.38 1.95
N LYS A 79 7.10 3.60 0.85
CA LYS A 79 5.96 3.51 -0.09
C LYS A 79 5.96 2.19 -0.89
N SER A 80 4.87 1.97 -1.64
CA SER A 80 4.70 0.87 -2.58
C SER A 80 3.69 1.29 -3.64
N GLU A 81 3.79 0.68 -4.83
CA GLU A 81 2.87 0.96 -5.94
C GLU A 81 2.34 -0.34 -6.54
N LEU A 82 1.05 -0.32 -6.93
CA LEU A 82 0.39 -1.41 -7.66
C LEU A 82 -0.13 -0.83 -8.97
N ARG A 83 0.48 -1.24 -10.08
CA ARG A 83 0.14 -0.74 -11.42
C ARG A 83 -0.58 -1.84 -12.20
N ILE A 84 -1.89 -1.63 -12.45
CA ILE A 84 -2.73 -2.57 -13.21
C ILE A 84 -2.58 -2.25 -14.71
N ASN A 85 -1.69 -2.97 -15.40
CA ASN A 85 -1.50 -2.82 -16.86
C ASN A 85 -2.66 -3.51 -17.59
N LYS A 86 -3.30 -2.82 -18.56
CA LYS A 86 -4.39 -3.40 -19.39
C LYS A 86 -5.56 -3.93 -18.53
N ALA A 87 -5.95 -3.13 -17.52
CA ALA A 87 -7.03 -3.47 -16.55
C ALA A 87 -8.34 -3.82 -17.26
N SER A 88 -8.79 -5.07 -17.10
CA SER A 88 -10.07 -5.54 -17.63
C SER A 88 -11.15 -5.48 -16.53
N LEU A 89 -12.37 -5.97 -16.84
CA LEU A 89 -13.50 -5.97 -15.90
C LEU A 89 -13.27 -6.96 -14.73
N ALA A 90 -12.26 -7.83 -14.88
CA ALA A 90 -11.86 -8.79 -13.82
C ALA A 90 -10.87 -8.14 -12.82
N ASP A 91 -10.27 -7.00 -13.20
CA ASP A 91 -9.33 -6.26 -12.32
C ASP A 91 -10.04 -5.15 -11.53
N SER A 92 -11.36 -5.03 -11.72
CA SER A 92 -12.19 -4.10 -10.94
C SER A 92 -12.51 -4.72 -9.56
N GLY A 93 -12.39 -3.90 -8.52
CA GLY A 93 -12.67 -4.29 -7.13
C GLY A 93 -11.90 -3.43 -6.15
N GLU A 94 -11.85 -3.84 -4.88
CA GLU A 94 -11.16 -3.08 -3.84
C GLU A 94 -9.68 -3.46 -3.78
N TYR A 95 -8.81 -2.46 -3.69
CA TYR A 95 -7.38 -2.64 -3.43
C TYR A 95 -7.05 -1.91 -2.13
N MET A 96 -6.71 -2.67 -1.09
CA MET A 96 -6.38 -2.14 0.23
C MET A 96 -4.93 -2.49 0.56
N CYS A 97 -4.07 -1.48 0.66
CA CYS A 97 -2.68 -1.66 1.07
C CYS A 97 -2.61 -1.66 2.61
N LYS A 98 -1.57 -2.29 3.17
CA LYS A 98 -1.41 -2.43 4.63
C LYS A 98 0.04 -2.15 5.01
N VAL A 99 0.28 -1.13 5.86
CA VAL A 99 1.62 -0.85 6.36
C VAL A 99 1.79 -1.49 7.75
N ILE A 100 2.95 -2.13 7.95
CA ILE A 100 3.33 -2.79 9.22
C ILE A 100 4.63 -2.15 9.71
N SER A 101 4.62 -1.63 10.95
CA SER A 101 5.80 -0.98 11.56
C SER A 101 5.86 -1.28 13.06
N LYS A 102 6.92 -0.77 13.70
CA LYS A 102 7.14 -0.86 15.15
C LYS A 102 6.23 0.12 15.92
N LEU A 103 5.59 1.06 15.20
CA LEU A 103 4.61 2.00 15.77
C LEU A 103 3.20 1.39 15.75
N GLY A 104 2.94 0.53 14.73
CA GLY A 104 1.67 -0.17 14.59
C GLY A 104 1.36 -0.53 13.14
N ASN A 105 0.11 -0.94 12.89
CA ASN A 105 -0.38 -1.28 11.54
C ASN A 105 -1.50 -0.33 11.13
N ASP A 106 -1.61 -0.04 9.83
CA ASP A 106 -2.61 0.87 9.26
C ASP A 106 -2.91 0.42 7.82
N SER A 107 -4.06 0.84 7.24
CA SER A 107 -4.50 0.38 5.90
C SER A 107 -5.30 1.45 5.15
N ALA A 108 -4.93 1.71 3.87
CA ALA A 108 -5.67 2.63 2.97
C ALA A 108 -6.30 1.82 1.83
N SER A 109 -7.51 2.23 1.40
CA SER A 109 -8.33 1.48 0.43
C SER A 109 -8.61 2.31 -0.84
N ALA A 110 -8.79 1.62 -1.98
CA ALA A 110 -9.08 2.23 -3.29
C ALA A 110 -10.05 1.33 -4.07
N ASN A 111 -11.28 1.81 -4.30
CA ASN A 111 -12.27 1.10 -5.12
C ASN A 111 -11.99 1.37 -6.61
N ILE A 112 -11.40 0.40 -7.29
CA ILE A 112 -11.12 0.45 -8.73
C ILE A 112 -12.34 -0.07 -9.50
N THR A 113 -12.85 0.75 -10.42
CA THR A 113 -13.99 0.43 -11.27
C THR A 113 -13.53 0.46 -12.72
N ILE A 114 -13.68 -0.65 -13.44
CA ILE A 114 -13.29 -0.72 -14.85
C ILE A 114 -14.55 -0.88 -15.70
N VAL A 115 -14.63 -0.05 -16.76
CA VAL A 115 -15.76 -0.01 -17.70
C VAL A 115 -15.22 -0.29 -19.12
N GLU A 116 -16.10 -0.75 -20.01
CA GLU A 116 -15.77 -0.90 -21.44
C GLU A 116 -16.11 0.40 -22.19
N SER A 117 -15.35 0.66 -23.24
CA SER A 117 -15.43 1.89 -24.05
C SER A 117 -16.29 1.70 -25.32
N ASN A 118 -17.55 2.14 -25.24
CA ASN A 118 -18.49 2.11 -26.39
C ASN A 118 -18.31 3.39 -27.26
N MET A 1 18.71 -34.20 10.19
CA MET A 1 19.11 -32.85 10.65
C MET A 1 17.96 -31.86 10.41
N HIS A 2 17.06 -31.77 11.41
CA HIS A 2 15.94 -30.81 11.44
C HIS A 2 15.63 -30.45 12.90
N HIS A 3 15.78 -29.16 13.23
CA HIS A 3 15.58 -28.59 14.57
C HIS A 3 15.51 -27.06 14.46
N HIS A 4 15.10 -26.38 15.54
CA HIS A 4 15.09 -24.91 15.58
C HIS A 4 15.01 -24.40 17.02
N HIS A 5 15.19 -23.08 17.16
CA HIS A 5 14.98 -22.35 18.41
C HIS A 5 13.93 -21.26 18.14
N HIS A 6 13.59 -20.45 19.18
CA HIS A 6 12.67 -19.27 19.06
C HIS A 6 11.20 -19.70 18.76
N HIS A 7 10.29 -18.73 18.89
CA HIS A 7 8.82 -18.96 18.76
C HIS A 7 8.10 -17.64 18.42
N SER A 8 8.51 -16.53 19.08
CA SER A 8 7.92 -15.21 18.87
C SER A 8 8.96 -14.12 19.19
N SER A 9 9.83 -13.84 18.19
CA SER A 9 10.89 -12.82 18.29
C SER A 9 10.35 -11.48 17.76
N GLY A 10 10.27 -10.48 18.65
CA GLY A 10 9.83 -9.14 18.27
C GLY A 10 9.22 -8.37 19.42
N ARG A 11 9.08 -7.04 19.22
CA ARG A 11 8.62 -6.09 20.24
C ARG A 11 8.12 -4.81 19.54
N GLU A 12 6.87 -4.41 19.81
CA GLU A 12 6.30 -3.16 19.26
C GLU A 12 6.63 -1.97 20.17
N ASN A 13 7.80 -1.37 19.94
CA ASN A 13 8.24 -0.17 20.67
C ASN A 13 7.61 1.08 20.00
N LEU A 14 6.40 1.44 20.43
CA LEU A 14 5.67 2.60 19.85
C LEU A 14 5.62 3.78 20.82
N TYR A 15 5.84 3.52 22.14
CA TYR A 15 5.66 4.53 23.20
C TYR A 15 6.79 5.58 23.14
N PHE A 16 6.63 6.58 22.27
CA PHE A 16 7.60 7.64 22.03
C PHE A 16 6.86 8.92 21.64
N GLN A 17 7.24 10.05 22.27
CA GLN A 17 6.66 11.37 21.99
C GLN A 17 7.28 11.91 20.68
N GLY A 18 6.64 11.55 19.55
CA GLY A 18 7.09 11.95 18.21
C GLY A 18 6.91 10.85 17.18
N ALA A 19 6.68 9.59 17.65
CA ALA A 19 6.45 8.43 16.77
C ALA A 19 4.93 8.21 16.56
N LEU A 20 4.44 8.56 15.36
CA LEU A 20 3.01 8.41 15.00
C LEU A 20 2.77 7.05 14.30
N PRO A 21 1.50 6.55 14.23
CA PRO A 21 1.15 5.39 13.38
C PRO A 21 1.52 5.63 11.89
N PRO A 22 1.85 4.55 11.11
CA PRO A 22 2.30 4.67 9.71
C PRO A 22 1.13 5.01 8.74
N ARG A 23 0.76 6.31 8.70
CA ARG A 23 -0.44 6.80 8.01
C ARG A 23 -0.28 6.78 6.48
N LEU A 24 -0.90 5.78 5.83
CA LEU A 24 -0.97 5.67 4.36
C LEU A 24 -1.84 6.79 3.77
N LYS A 25 -1.45 7.28 2.58
CA LYS A 25 -2.21 8.32 1.85
C LYS A 25 -3.50 7.72 1.29
N GLU A 26 -4.59 8.51 1.33
CA GLU A 26 -5.92 8.08 0.91
C GLU A 26 -5.98 8.01 -0.64
N MET A 27 -6.07 6.79 -1.18
CA MET A 27 -6.27 6.57 -2.63
C MET A 27 -7.74 6.82 -2.99
N LYS A 28 -7.98 7.32 -4.19
CA LYS A 28 -9.34 7.62 -4.69
C LYS A 28 -9.94 6.38 -5.40
N SER A 29 -11.25 6.17 -5.17
CA SER A 29 -12.06 5.18 -5.91
C SER A 29 -12.18 5.66 -7.37
N GLN A 30 -11.48 4.97 -8.28
CA GLN A 30 -11.36 5.38 -9.68
C GLN A 30 -12.09 4.39 -10.58
N GLU A 31 -12.92 4.92 -11.48
CA GLU A 31 -13.51 4.16 -12.59
C GLU A 31 -12.72 4.49 -13.87
N SER A 32 -12.44 3.48 -14.69
CA SER A 32 -11.63 3.65 -15.90
C SER A 32 -12.08 2.66 -16.99
N ALA A 33 -11.68 2.93 -18.23
CA ALA A 33 -11.96 2.08 -19.38
C ALA A 33 -10.96 0.91 -19.43
N ALA A 34 -11.36 -0.17 -20.13
CA ALA A 34 -10.51 -1.35 -20.35
C ALA A 34 -9.35 -1.00 -21.30
N GLY A 35 -8.13 -1.47 -20.94
CA GLY A 35 -6.91 -1.16 -21.70
C GLY A 35 -6.12 -0.01 -21.09
N SER A 36 -6.69 0.63 -20.04
CA SER A 36 -6.02 1.74 -19.33
C SER A 36 -5.14 1.19 -18.20
N LYS A 37 -4.00 1.84 -17.96
CA LYS A 37 -3.09 1.49 -16.85
C LYS A 37 -3.39 2.40 -15.64
N LEU A 38 -3.86 1.79 -14.53
CA LEU A 38 -4.13 2.53 -13.28
C LEU A 38 -2.99 2.28 -12.29
N VAL A 39 -2.35 3.37 -11.85
CA VAL A 39 -1.26 3.31 -10.86
C VAL A 39 -1.77 3.82 -9.51
N LEU A 40 -1.84 2.90 -8.55
CA LEU A 40 -2.14 3.22 -7.15
C LEU A 40 -0.83 3.49 -6.41
N ARG A 41 -0.84 4.41 -5.45
CA ARG A 41 0.35 4.71 -4.60
C ARG A 41 -0.08 4.65 -3.14
N CYS A 42 0.66 3.88 -2.34
CA CYS A 42 0.43 3.71 -0.90
C CYS A 42 1.76 3.75 -0.16
N GLU A 43 2.00 4.89 0.48
CA GLU A 43 3.19 5.18 1.28
C GLU A 43 2.78 5.94 2.53
N THR A 44 3.67 6.00 3.51
CA THR A 44 3.40 6.60 4.81
C THR A 44 3.72 8.10 4.79
N SER A 45 2.95 8.87 5.58
CA SER A 45 3.10 10.33 5.71
C SER A 45 4.48 10.68 6.30
N SER A 46 4.91 9.85 7.25
CA SER A 46 6.22 9.95 7.90
C SER A 46 7.00 8.65 7.63
N GLU A 47 8.21 8.78 7.06
CA GLU A 47 9.09 7.64 6.75
C GLU A 47 9.59 6.97 8.04
N TYR A 48 9.44 5.63 8.11
CA TYR A 48 9.92 4.81 9.25
C TYR A 48 10.78 3.66 8.69
N SER A 49 11.73 3.18 9.49
CA SER A 49 12.74 2.18 9.04
C SER A 49 12.15 0.75 8.92
N SER A 50 11.03 0.50 9.63
CA SER A 50 10.34 -0.80 9.61
C SER A 50 8.91 -0.59 9.06
N LEU A 51 8.74 -0.73 7.73
CA LEU A 51 7.45 -0.57 7.03
C LEU A 51 7.23 -1.75 6.05
N ARG A 52 6.31 -2.64 6.43
CA ARG A 52 5.92 -3.78 5.58
C ARG A 52 4.61 -3.44 4.86
N PHE A 53 4.72 -3.07 3.58
CA PHE A 53 3.56 -2.80 2.71
C PHE A 53 3.12 -4.12 2.09
N LYS A 54 1.81 -4.38 2.10
CA LYS A 54 1.21 -5.52 1.41
C LYS A 54 -0.09 -5.04 0.77
N TRP A 55 -0.27 -5.36 -0.52
CA TRP A 55 -1.48 -5.03 -1.27
C TRP A 55 -2.51 -6.14 -1.09
N PHE A 56 -3.77 -5.74 -0.93
CA PHE A 56 -4.91 -6.64 -0.75
C PHE A 56 -5.99 -6.23 -1.76
N LYS A 57 -6.66 -7.21 -2.36
CA LYS A 57 -7.82 -6.97 -3.23
C LYS A 57 -9.02 -7.71 -2.66
N ASN A 58 -10.09 -6.96 -2.30
CA ASN A 58 -11.31 -7.50 -1.66
C ASN A 58 -10.98 -8.16 -0.30
N GLY A 59 -9.89 -7.69 0.33
CA GLY A 59 -9.40 -8.25 1.61
C GLY A 59 -8.41 -9.40 1.44
N ASN A 60 -8.29 -9.94 0.22
CA ASN A 60 -7.40 -11.09 -0.08
C ASN A 60 -5.97 -10.59 -0.36
N GLU A 61 -4.97 -11.16 0.34
CA GLU A 61 -3.56 -10.72 0.24
C GLU A 61 -2.98 -11.01 -1.16
N LEU A 62 -2.73 -9.94 -1.92
CA LEU A 62 -1.99 -10.01 -3.19
C LEU A 62 -0.50 -10.24 -2.89
N ASN A 63 -0.10 -11.51 -2.89
CA ASN A 63 1.32 -11.91 -2.90
C ASN A 63 1.82 -11.90 -4.36
N ARG A 64 3.06 -12.38 -4.59
CA ARG A 64 3.62 -12.51 -5.95
C ARG A 64 2.83 -13.55 -6.78
N LYS A 65 2.32 -14.60 -6.08
CA LYS A 65 1.48 -15.65 -6.67
C LYS A 65 0.06 -15.12 -6.99
N ASN A 66 -0.51 -14.35 -6.06
CA ASN A 66 -1.89 -13.80 -6.19
C ASN A 66 -1.91 -12.59 -7.15
N LYS A 67 -0.71 -12.03 -7.40
CA LYS A 67 -0.49 -10.94 -8.37
C LYS A 67 -0.84 -11.43 -9.78
N PRO A 68 -1.90 -10.86 -10.44
CA PRO A 68 -2.25 -11.19 -11.85
C PRO A 68 -1.11 -10.86 -12.84
N GLN A 69 -1.18 -11.45 -14.05
CA GLN A 69 -0.17 -11.29 -15.10
C GLN A 69 -0.02 -9.80 -15.51
N ASN A 70 -1.17 -9.11 -15.60
CA ASN A 70 -1.21 -7.71 -16.09
C ASN A 70 -0.85 -6.70 -14.98
N ILE A 71 -0.90 -7.15 -13.70
CA ILE A 71 -0.54 -6.31 -12.54
C ILE A 71 0.92 -6.57 -12.15
N LYS A 72 1.61 -5.51 -11.68
CA LYS A 72 2.96 -5.60 -11.14
C LYS A 72 3.00 -4.91 -9.75
N ILE A 73 3.37 -5.70 -8.73
CA ILE A 73 3.55 -5.21 -7.35
C ILE A 73 5.01 -4.77 -7.17
N GLN A 74 5.23 -3.47 -6.94
CA GLN A 74 6.56 -2.91 -6.70
C GLN A 74 6.59 -2.23 -5.31
N LYS A 75 7.28 -2.87 -4.36
CA LYS A 75 7.33 -2.41 -2.95
C LYS A 75 8.75 -1.99 -2.59
N LYS A 76 8.88 -0.74 -2.13
CA LYS A 76 10.15 -0.08 -1.78
C LYS A 76 10.23 0.15 -0.25
N PRO A 77 11.45 0.38 0.34
CA PRO A 77 11.61 0.79 1.75
C PRO A 77 11.00 2.21 2.03
N GLY A 78 9.71 2.24 2.42
CA GLY A 78 9.04 3.50 2.82
C GLY A 78 7.96 3.97 1.86
N LYS A 79 7.76 3.21 0.76
CA LYS A 79 6.75 3.54 -0.29
C LYS A 79 6.43 2.29 -1.12
N SER A 80 5.35 2.34 -1.92
CA SER A 80 4.94 1.21 -2.76
C SER A 80 3.87 1.66 -3.77
N GLU A 81 3.93 1.13 -5.01
CA GLU A 81 2.95 1.41 -6.07
C GLU A 81 2.40 0.10 -6.66
N LEU A 82 1.19 0.15 -7.23
CA LEU A 82 0.54 -0.97 -7.92
C LEU A 82 0.16 -0.50 -9.33
N ARG A 83 0.92 -0.95 -10.34
CA ARG A 83 0.67 -0.56 -11.74
C ARG A 83 -0.11 -1.68 -12.46
N ILE A 84 -1.44 -1.50 -12.52
CA ILE A 84 -2.35 -2.40 -13.25
C ILE A 84 -2.30 -2.06 -14.75
N ASN A 85 -1.44 -2.78 -15.50
CA ASN A 85 -1.29 -2.56 -16.96
C ASN A 85 -2.46 -3.21 -17.69
N LYS A 86 -3.14 -2.44 -18.58
CA LYS A 86 -4.28 -2.91 -19.37
C LYS A 86 -5.36 -3.56 -18.46
N ALA A 87 -5.95 -2.73 -17.60
CA ALA A 87 -6.98 -3.15 -16.65
C ALA A 87 -8.24 -3.65 -17.38
N SER A 88 -8.93 -4.61 -16.75
CA SER A 88 -10.12 -5.27 -17.31
C SER A 88 -11.19 -5.41 -16.23
N LEU A 89 -12.33 -6.02 -16.59
CA LEU A 89 -13.43 -6.30 -15.63
C LEU A 89 -12.97 -7.27 -14.52
N ALA A 90 -11.90 -8.04 -14.82
CA ALA A 90 -11.27 -8.96 -13.85
C ALA A 90 -10.50 -8.21 -12.76
N ASP A 91 -10.13 -6.94 -13.03
CA ASP A 91 -9.40 -6.07 -12.08
C ASP A 91 -10.37 -5.18 -11.28
N SER A 92 -11.66 -5.21 -11.63
CA SER A 92 -12.71 -4.45 -10.93
C SER A 92 -12.95 -5.02 -9.51
N GLY A 93 -12.55 -4.24 -8.48
CA GLY A 93 -12.80 -4.59 -7.07
C GLY A 93 -12.15 -3.62 -6.10
N GLU A 94 -12.16 -3.98 -4.80
CA GLU A 94 -11.49 -3.21 -3.74
C GLU A 94 -9.97 -3.39 -3.84
N TYR A 95 -9.21 -2.32 -3.59
CA TYR A 95 -7.76 -2.40 -3.38
C TYR A 95 -7.40 -1.67 -2.08
N MET A 96 -6.97 -2.45 -1.10
CA MET A 96 -6.60 -2.00 0.24
C MET A 96 -5.11 -2.22 0.48
N CYS A 97 -4.36 -1.14 0.67
CA CYS A 97 -2.95 -1.19 1.07
C CYS A 97 -2.89 -1.32 2.58
N LYS A 98 -2.04 -2.22 3.11
CA LYS A 98 -1.88 -2.45 4.55
C LYS A 98 -0.39 -2.40 4.94
N VAL A 99 -0.03 -1.44 5.78
CA VAL A 99 1.34 -1.29 6.31
C VAL A 99 1.42 -1.85 7.75
N ILE A 100 2.52 -2.56 8.04
CA ILE A 100 2.78 -3.19 9.34
C ILE A 100 4.08 -2.59 9.91
N SER A 101 4.04 -2.10 11.16
CA SER A 101 5.22 -1.53 11.85
C SER A 101 5.10 -1.73 13.37
N LYS A 102 6.19 -1.38 14.08
CA LYS A 102 6.21 -1.37 15.56
C LYS A 102 5.37 -0.20 16.13
N LEU A 103 4.99 0.76 15.24
CA LEU A 103 4.16 1.92 15.59
C LEU A 103 2.67 1.65 15.30
N GLY A 104 2.38 0.42 14.81
CA GLY A 104 1.01 -0.04 14.59
C GLY A 104 0.75 -0.37 13.13
N ASN A 105 -0.55 -0.34 12.76
CA ASN A 105 -1.00 -0.64 11.39
C ASN A 105 -1.88 0.50 10.87
N ASP A 106 -2.00 0.57 9.54
CA ASP A 106 -2.89 1.50 8.85
C ASP A 106 -3.24 0.94 7.47
N SER A 107 -4.45 1.23 6.98
CA SER A 107 -4.98 0.68 5.74
C SER A 107 -5.71 1.78 4.93
N ALA A 108 -5.39 1.88 3.62
CA ALA A 108 -6.05 2.80 2.67
C ALA A 108 -6.80 1.98 1.60
N SER A 109 -8.14 2.05 1.59
CA SER A 109 -9.00 1.29 0.67
C SER A 109 -9.60 2.19 -0.42
N ALA A 110 -9.55 1.71 -1.68
CA ALA A 110 -10.10 2.43 -2.84
C ALA A 110 -10.68 1.43 -3.84
N ASN A 111 -11.96 1.60 -4.20
CA ASN A 111 -12.65 0.75 -5.17
C ASN A 111 -12.22 1.12 -6.61
N ILE A 112 -11.40 0.27 -7.23
CA ILE A 112 -11.02 0.42 -8.65
C ILE A 112 -12.03 -0.34 -9.52
N THR A 113 -12.98 0.42 -10.10
CA THR A 113 -13.96 -0.11 -11.04
C THR A 113 -13.41 0.05 -12.47
N ILE A 114 -13.52 -1.01 -13.28
CA ILE A 114 -13.17 -0.95 -14.70
C ILE A 114 -14.42 -1.33 -15.51
N VAL A 115 -14.58 -0.68 -16.66
CA VAL A 115 -15.67 -0.92 -17.60
C VAL A 115 -15.08 -1.14 -19.01
N GLU A 116 -15.75 -1.94 -19.84
CA GLU A 116 -15.37 -2.11 -21.25
C GLU A 116 -15.61 -0.80 -22.01
N SER A 117 -14.55 -0.36 -22.71
CA SER A 117 -14.60 0.83 -23.58
C SER A 117 -15.59 0.60 -24.73
N ASN A 118 -16.64 1.44 -24.81
CA ASN A 118 -17.68 1.37 -25.85
C ASN A 118 -17.76 2.72 -26.61
N MET A 1 21.62 -26.99 17.23
CA MET A 1 20.29 -27.58 16.95
C MET A 1 19.62 -26.80 15.82
N HIS A 2 19.86 -27.27 14.57
CA HIS A 2 19.25 -26.72 13.32
C HIS A 2 19.71 -25.27 13.01
N HIS A 3 19.41 -24.82 11.78
CA HIS A 3 19.74 -23.46 11.32
C HIS A 3 18.74 -22.45 11.94
N HIS A 4 19.01 -22.01 13.16
CA HIS A 4 18.23 -20.95 13.83
C HIS A 4 19.07 -19.65 13.80
N HIS A 5 20.07 -19.55 14.70
CA HIS A 5 20.87 -18.33 14.93
C HIS A 5 19.93 -17.17 15.29
N HIS A 6 19.44 -17.21 16.53
CA HIS A 6 18.50 -16.21 17.06
C HIS A 6 19.20 -14.84 17.15
N HIS A 7 18.46 -13.77 16.91
CA HIS A 7 18.96 -12.40 17.07
C HIS A 7 18.50 -11.82 18.42
N SER A 8 17.41 -12.41 18.98
CA SER A 8 16.77 -11.98 20.25
C SER A 8 16.12 -10.57 20.11
N SER A 9 15.36 -10.16 21.13
CA SER A 9 14.56 -8.94 21.08
C SER A 9 14.53 -8.22 22.44
N GLY A 10 14.64 -6.88 22.42
CA GLY A 10 14.65 -6.06 23.63
C GLY A 10 13.74 -4.83 23.50
N ARG A 11 13.80 -3.96 24.53
CA ARG A 11 13.03 -2.69 24.61
C ARG A 11 11.51 -2.98 24.71
N GLU A 12 11.03 -3.14 25.96
CA GLU A 12 9.58 -3.29 26.27
C GLU A 12 9.12 -2.16 27.21
N ASN A 13 7.78 -1.96 27.27
CA ASN A 13 7.13 -1.02 28.23
C ASN A 13 7.41 0.46 27.91
N LEU A 14 7.89 0.74 26.68
CA LEU A 14 8.23 2.10 26.21
C LEU A 14 7.23 2.56 25.13
N TYR A 15 7.33 3.86 24.76
CA TYR A 15 6.47 4.48 23.74
C TYR A 15 7.30 5.33 22.79
N PHE A 16 6.82 5.45 21.54
CA PHE A 16 7.41 6.36 20.54
C PHE A 16 6.74 7.74 20.64
N GLN A 17 7.55 8.80 20.47
CA GLN A 17 7.09 10.19 20.56
C GLN A 17 7.92 11.03 19.56
N GLY A 18 7.29 12.09 19.00
CA GLY A 18 7.89 12.88 17.92
C GLY A 18 7.53 12.27 16.56
N ALA A 19 7.78 10.95 16.45
CA ALA A 19 7.27 10.13 15.36
C ALA A 19 5.80 9.81 15.65
N LEU A 20 4.93 10.04 14.67
CA LEU A 20 3.49 9.76 14.78
C LEU A 20 3.20 8.30 14.41
N PRO A 21 2.04 7.69 14.84
CA PRO A 21 1.63 6.34 14.39
C PRO A 21 1.40 6.35 12.85
N PRO A 22 1.68 5.21 12.16
CA PRO A 22 1.60 5.13 10.69
C PRO A 22 0.15 5.30 10.21
N ARG A 23 -0.06 6.22 9.27
CA ARG A 23 -1.38 6.47 8.68
C ARG A 23 -1.21 6.58 7.16
N LEU A 24 -1.72 5.57 6.44
CA LEU A 24 -1.73 5.54 4.97
C LEU A 24 -2.63 6.67 4.42
N LYS A 25 -2.12 7.37 3.39
CA LYS A 25 -2.90 8.40 2.68
C LYS A 25 -3.99 7.73 1.84
N GLU A 26 -5.08 8.48 1.55
CA GLU A 26 -6.21 7.94 0.79
C GLU A 26 -5.78 7.62 -0.66
N MET A 27 -5.75 6.31 -0.97
CA MET A 27 -5.46 5.80 -2.32
C MET A 27 -6.65 6.13 -3.22
N LYS A 28 -6.38 6.61 -4.43
CA LYS A 28 -7.39 7.19 -5.34
C LYS A 28 -8.32 6.10 -5.92
N SER A 29 -9.60 6.11 -5.50
CA SER A 29 -10.65 5.23 -6.04
C SER A 29 -10.97 5.69 -7.48
N GLN A 30 -10.47 4.94 -8.48
CA GLN A 30 -10.44 5.38 -9.89
C GLN A 30 -11.27 4.47 -10.79
N GLU A 31 -12.13 5.10 -11.60
CA GLU A 31 -12.87 4.44 -12.68
C GLU A 31 -12.28 4.88 -14.03
N SER A 32 -11.96 3.89 -14.88
CA SER A 32 -11.36 4.13 -16.21
C SER A 32 -11.76 3.00 -17.19
N ALA A 33 -11.33 3.12 -18.44
CA ALA A 33 -11.68 2.18 -19.52
C ALA A 33 -10.83 0.89 -19.48
N ALA A 34 -11.27 -0.13 -20.23
CA ALA A 34 -10.56 -1.42 -20.37
C ALA A 34 -9.26 -1.24 -21.16
N GLY A 35 -8.12 -1.52 -20.50
CA GLY A 35 -6.79 -1.35 -21.09
C GLY A 35 -6.03 -0.17 -20.49
N SER A 36 -6.59 0.48 -19.45
CA SER A 36 -5.96 1.64 -18.77
C SER A 36 -4.90 1.19 -17.75
N LYS A 37 -3.89 2.03 -17.52
CA LYS A 37 -2.83 1.76 -16.53
C LYS A 37 -3.11 2.60 -15.26
N LEU A 38 -3.41 1.92 -14.15
CA LEU A 38 -3.78 2.53 -12.86
C LEU A 38 -2.70 2.24 -11.81
N VAL A 39 -2.33 3.26 -11.03
CA VAL A 39 -1.34 3.14 -9.93
C VAL A 39 -1.97 3.66 -8.63
N LEU A 40 -2.25 2.74 -7.71
CA LEU A 40 -2.70 3.07 -6.35
C LEU A 40 -1.47 3.15 -5.44
N ARG A 41 -1.29 4.23 -4.68
CA ARG A 41 -0.06 4.44 -3.87
C ARG A 41 -0.37 4.21 -2.38
N CYS A 42 0.22 3.16 -1.80
CA CYS A 42 0.12 2.86 -0.35
C CYS A 42 1.41 3.25 0.36
N GLU A 43 1.36 4.38 1.06
CA GLU A 43 2.47 4.89 1.89
C GLU A 43 1.91 5.79 3.00
N THR A 44 2.71 5.97 4.05
CA THR A 44 2.29 6.70 5.24
C THR A 44 2.58 8.20 5.10
N SER A 45 1.92 9.01 5.94
CA SER A 45 2.05 10.48 5.97
C SER A 45 3.52 10.92 6.12
N SER A 46 4.21 10.31 7.10
CA SER A 46 5.66 10.47 7.30
C SER A 46 6.34 9.12 7.09
N GLU A 47 7.38 9.06 6.24
CA GLU A 47 8.11 7.80 5.94
C GLU A 47 8.97 7.40 7.15
N TYR A 48 8.68 6.22 7.72
CA TYR A 48 9.36 5.68 8.92
C TYR A 48 10.35 4.57 8.53
N SER A 49 11.19 4.17 9.50
CA SER A 49 12.13 3.07 9.33
C SER A 49 11.38 1.73 9.40
N SER A 50 11.60 0.89 8.36
CA SER A 50 10.94 -0.42 8.17
C SER A 50 9.42 -0.24 7.93
N LEU A 51 9.05 0.06 6.66
CA LEU A 51 7.63 0.13 6.22
C LEU A 51 7.34 -1.03 5.25
N ARG A 52 6.54 -2.00 5.73
CA ARG A 52 6.04 -3.13 4.93
C ARG A 52 4.61 -2.81 4.49
N PHE A 53 4.19 -3.31 3.31
CA PHE A 53 2.83 -3.04 2.78
C PHE A 53 2.24 -4.33 2.16
N LYS A 54 0.96 -4.56 2.43
CA LYS A 54 0.20 -5.73 1.94
C LYS A 54 -1.00 -5.23 1.14
N TRP A 55 -1.10 -5.62 -0.13
CA TRP A 55 -2.24 -5.27 -1.00
C TRP A 55 -3.26 -6.40 -1.01
N PHE A 56 -4.51 -6.08 -0.65
CA PHE A 56 -5.63 -7.04 -0.64
C PHE A 56 -6.62 -6.68 -1.76
N LYS A 57 -6.85 -7.63 -2.67
CA LYS A 57 -7.94 -7.58 -3.64
C LYS A 57 -9.15 -8.29 -3.02
N ASN A 58 -10.17 -7.50 -2.63
CA ASN A 58 -11.45 -8.00 -2.07
C ASN A 58 -11.24 -8.70 -0.71
N GLY A 59 -10.19 -8.29 0.01
CA GLY A 59 -9.82 -8.89 1.30
C GLY A 59 -8.95 -10.14 1.13
N ASN A 60 -8.29 -10.26 -0.03
CA ASN A 60 -7.40 -11.41 -0.35
C ASN A 60 -6.06 -10.86 -0.81
N GLU A 61 -5.00 -11.05 0.00
CA GLU A 61 -3.66 -10.51 -0.28
C GLU A 61 -3.12 -11.09 -1.62
N LEU A 62 -2.72 -10.18 -2.53
CA LEU A 62 -2.17 -10.54 -3.82
C LEU A 62 -0.72 -11.03 -3.63
N ASN A 63 -0.60 -12.35 -3.49
CA ASN A 63 0.68 -13.07 -3.52
C ASN A 63 1.17 -13.15 -4.99
N ARG A 64 2.32 -13.79 -5.23
CA ARG A 64 2.95 -13.80 -6.57
C ARG A 64 2.05 -14.52 -7.61
N LYS A 65 1.60 -15.75 -7.28
CA LYS A 65 0.69 -16.54 -8.16
C LYS A 65 -0.77 -16.07 -8.05
N ASN A 66 -1.12 -15.41 -6.91
CA ASN A 66 -2.48 -14.85 -6.68
C ASN A 66 -2.69 -13.55 -7.49
N LYS A 67 -1.61 -13.04 -8.05
CA LYS A 67 -1.58 -11.81 -8.83
C LYS A 67 -1.55 -12.15 -10.32
N PRO A 68 -2.45 -11.55 -11.18
CA PRO A 68 -2.32 -11.58 -12.65
C PRO A 68 -1.02 -10.87 -13.10
N GLN A 69 -0.42 -11.37 -14.20
CA GLN A 69 0.91 -10.92 -14.70
C GLN A 69 0.88 -9.45 -15.14
N ASN A 70 -0.28 -8.99 -15.63
CA ASN A 70 -0.47 -7.59 -16.07
C ASN A 70 -0.46 -6.60 -14.87
N ILE A 71 -0.65 -7.12 -13.65
CA ILE A 71 -0.52 -6.34 -12.40
C ILE A 71 0.86 -6.64 -11.76
N LYS A 72 1.44 -5.63 -11.09
CA LYS A 72 2.67 -5.77 -10.29
C LYS A 72 2.60 -4.85 -9.08
N ILE A 73 2.90 -5.41 -7.89
CA ILE A 73 3.05 -4.64 -6.66
C ILE A 73 4.51 -4.14 -6.60
N GLN A 74 4.67 -2.83 -6.44
CA GLN A 74 5.99 -2.17 -6.35
C GLN A 74 6.43 -2.13 -4.88
N LYS A 75 7.74 -2.30 -4.61
CA LYS A 75 8.35 -2.11 -3.27
C LYS A 75 9.55 -1.17 -3.40
N LYS A 76 9.29 0.14 -3.35
CA LYS A 76 10.35 1.17 -3.30
C LYS A 76 10.42 1.67 -1.84
N PRO A 77 11.58 1.49 -1.13
CA PRO A 77 11.75 1.73 0.34
C PRO A 77 10.90 2.88 0.95
N GLY A 78 9.84 2.49 1.69
CA GLY A 78 8.93 3.44 2.37
C GLY A 78 7.57 3.60 1.69
N LYS A 79 7.42 2.98 0.51
CA LYS A 79 6.16 3.00 -0.28
C LYS A 79 6.01 1.71 -1.09
N SER A 80 4.76 1.40 -1.43
CA SER A 80 4.40 0.28 -2.31
C SER A 80 3.17 0.68 -3.11
N GLU A 81 3.33 0.78 -4.44
CA GLU A 81 2.23 1.16 -5.33
C GLU A 81 1.78 -0.05 -6.15
N LEU A 82 0.47 -0.32 -6.15
CA LEU A 82 -0.13 -1.36 -6.98
C LEU A 82 -0.22 -0.82 -8.41
N ARG A 83 0.73 -1.24 -9.25
CA ARG A 83 0.77 -0.81 -10.65
C ARG A 83 0.00 -1.83 -11.49
N ILE A 84 -1.29 -1.54 -11.69
CA ILE A 84 -2.15 -2.33 -12.57
C ILE A 84 -1.93 -1.84 -14.01
N ASN A 85 -1.39 -2.70 -14.87
CA ASN A 85 -1.30 -2.42 -16.32
C ASN A 85 -2.40 -3.22 -17.01
N LYS A 86 -3.02 -2.62 -18.05
CA LYS A 86 -4.10 -3.26 -18.85
C LYS A 86 -5.32 -3.62 -17.97
N ALA A 87 -5.70 -2.66 -17.10
CA ALA A 87 -6.83 -2.81 -16.17
C ALA A 87 -8.16 -3.07 -16.92
N SER A 88 -8.71 -4.27 -16.70
CA SER A 88 -9.99 -4.72 -17.29
C SER A 88 -11.00 -4.98 -16.16
N LEU A 89 -12.17 -5.55 -16.53
CA LEU A 89 -13.27 -5.84 -15.59
C LEU A 89 -12.82 -6.85 -14.49
N ALA A 90 -11.84 -7.70 -14.84
CA ALA A 90 -11.23 -8.68 -13.90
C ALA A 90 -10.21 -8.00 -12.96
N ASP A 91 -9.58 -6.93 -13.45
CA ASP A 91 -8.61 -6.12 -12.67
C ASP A 91 -9.33 -5.03 -11.87
N SER A 92 -10.66 -5.02 -11.95
CA SER A 92 -11.53 -4.22 -11.07
C SER A 92 -11.64 -4.90 -9.69
N GLY A 93 -12.31 -4.24 -8.75
CA GLY A 93 -12.54 -4.76 -7.41
C GLY A 93 -12.10 -3.81 -6.34
N GLU A 94 -12.30 -4.25 -5.10
CA GLU A 94 -11.83 -3.57 -3.90
C GLU A 94 -10.30 -3.78 -3.76
N TYR A 95 -9.57 -2.70 -3.47
CA TYR A 95 -8.13 -2.78 -3.14
C TYR A 95 -7.88 -2.00 -1.85
N MET A 96 -7.51 -2.73 -0.80
CA MET A 96 -7.20 -2.14 0.51
C MET A 96 -5.80 -2.58 0.91
N CYS A 97 -4.87 -1.62 1.05
CA CYS A 97 -3.51 -1.89 1.50
C CYS A 97 -3.38 -1.68 3.01
N LYS A 98 -2.40 -2.37 3.63
CA LYS A 98 -2.11 -2.27 5.07
C LYS A 98 -0.60 -2.09 5.28
N VAL A 99 -0.22 -1.14 6.16
CA VAL A 99 1.19 -0.89 6.53
C VAL A 99 1.54 -1.65 7.82
N ILE A 100 2.77 -2.18 7.88
CA ILE A 100 3.35 -2.83 9.06
C ILE A 100 4.64 -2.08 9.40
N SER A 101 4.73 -1.50 10.59
CA SER A 101 5.91 -0.75 11.06
C SER A 101 6.12 -1.02 12.55
N LYS A 102 7.31 -0.62 13.03
CA LYS A 102 7.66 -0.70 14.46
C LYS A 102 6.75 0.20 15.31
N LEU A 103 6.22 1.26 14.69
CA LEU A 103 5.31 2.21 15.35
C LEU A 103 3.91 1.59 15.46
N GLY A 104 3.45 0.91 14.40
CA GLY A 104 2.19 0.15 14.44
C GLY A 104 1.69 -0.24 13.05
N ASN A 105 0.36 -0.16 12.84
CA ASN A 105 -0.30 -0.56 11.56
C ASN A 105 -1.37 0.48 11.17
N ASP A 106 -1.91 0.33 9.93
CA ASP A 106 -3.01 1.15 9.39
C ASP A 106 -3.54 0.50 8.09
N SER A 107 -4.71 0.97 7.58
CA SER A 107 -5.33 0.47 6.35
C SER A 107 -5.96 1.64 5.56
N ALA A 108 -5.80 1.60 4.22
CA ALA A 108 -6.42 2.55 3.28
C ALA A 108 -7.06 1.77 2.12
N SER A 109 -8.23 2.22 1.64
CA SER A 109 -9.02 1.50 0.61
C SER A 109 -9.25 2.37 -0.65
N ALA A 110 -9.38 1.70 -1.81
CA ALA A 110 -9.58 2.34 -3.11
C ALA A 110 -10.28 1.35 -4.04
N ASN A 111 -11.50 1.69 -4.47
CA ASN A 111 -12.25 0.88 -5.43
C ASN A 111 -11.79 1.20 -6.85
N ILE A 112 -11.22 0.21 -7.53
CA ILE A 112 -11.00 0.27 -8.97
C ILE A 112 -12.24 -0.31 -9.66
N THR A 113 -12.86 0.49 -10.51
CA THR A 113 -13.97 0.06 -11.36
C THR A 113 -13.56 0.33 -12.82
N ILE A 114 -13.66 -0.67 -13.66
CA ILE A 114 -13.39 -0.52 -15.10
C ILE A 114 -14.71 -0.60 -15.87
N VAL A 115 -14.77 0.18 -16.94
CA VAL A 115 -15.86 0.15 -17.93
C VAL A 115 -15.27 -0.30 -19.27
N GLU A 116 -16.04 -1.07 -20.05
CA GLU A 116 -15.58 -1.64 -21.33
C GLU A 116 -15.31 -0.54 -22.37
N SER A 117 -14.02 -0.38 -22.73
CA SER A 117 -13.57 0.55 -23.77
C SER A 117 -14.11 0.11 -25.14
N ASN A 118 -15.09 0.85 -25.67
CA ASN A 118 -15.77 0.54 -26.93
C ASN A 118 -14.77 0.60 -28.12
N MET A 1 11.98 17.16 54.04
CA MET A 1 12.26 17.79 52.73
C MET A 1 13.71 17.49 52.32
N HIS A 2 13.89 16.88 51.13
CA HIS A 2 15.20 16.55 50.56
C HIS A 2 15.08 16.37 49.03
N HIS A 3 15.78 17.22 48.26
CA HIS A 3 15.86 17.12 46.79
C HIS A 3 17.25 16.62 46.38
N HIS A 4 17.32 15.86 45.28
CA HIS A 4 18.56 15.29 44.76
C HIS A 4 19.16 16.23 43.71
N HIS A 5 20.24 16.94 44.06
CA HIS A 5 20.93 17.85 43.13
C HIS A 5 22.07 17.10 42.40
N HIS A 6 21.77 16.60 41.19
CA HIS A 6 22.75 15.96 40.31
C HIS A 6 22.65 16.61 38.92
N HIS A 7 23.68 17.39 38.54
CA HIS A 7 23.72 18.04 37.21
C HIS A 7 24.13 17.02 36.14
N SER A 8 23.15 16.20 35.72
CA SER A 8 23.33 15.21 34.67
C SER A 8 23.26 15.91 33.29
N SER A 9 24.38 15.84 32.55
CA SER A 9 24.49 16.43 31.21
C SER A 9 25.63 15.77 30.43
N GLY A 10 25.61 15.92 29.09
CA GLY A 10 26.63 15.34 28.21
C GLY A 10 26.09 15.11 26.81
N ARG A 11 26.65 14.12 26.09
CA ARG A 11 26.19 13.75 24.74
C ARG A 11 24.94 12.85 24.87
N GLU A 12 23.80 13.49 25.19
CA GLU A 12 22.51 12.80 25.42
C GLU A 12 21.73 12.67 24.12
N ASN A 13 21.29 11.44 23.80
CA ASN A 13 20.58 11.14 22.55
C ASN A 13 19.10 11.52 22.65
N LEU A 14 18.56 12.03 21.53
CA LEU A 14 17.13 12.41 21.43
C LEU A 14 16.28 11.14 21.19
N TYR A 15 15.01 11.21 21.63
CA TYR A 15 14.04 10.10 21.51
C TYR A 15 12.91 10.50 20.56
N PHE A 16 12.21 9.49 20.01
CA PHE A 16 11.10 9.68 19.06
C PHE A 16 9.78 9.96 19.83
N GLN A 17 9.81 10.98 20.71
CA GLN A 17 8.64 11.38 21.52
C GLN A 17 7.57 12.02 20.64
N GLY A 18 6.38 11.38 20.59
CA GLY A 18 5.26 11.88 19.80
C GLY A 18 5.36 11.50 18.33
N ALA A 19 6.07 10.39 18.03
CA ALA A 19 6.15 9.83 16.67
C ALA A 19 4.90 8.96 16.42
N LEU A 20 3.96 9.47 15.59
CA LEU A 20 2.67 8.82 15.33
C LEU A 20 2.85 7.55 14.45
N PRO A 21 1.91 6.55 14.55
CA PRO A 21 1.91 5.33 13.69
C PRO A 21 1.86 5.69 12.17
N PRO A 22 2.45 4.82 11.27
CA PRO A 22 2.52 5.11 9.81
C PRO A 22 1.12 5.11 9.15
N ARG A 23 0.57 6.30 8.93
CA ARG A 23 -0.75 6.45 8.29
C ARG A 23 -0.56 6.57 6.77
N LEU A 24 -1.20 5.66 6.02
CA LEU A 24 -1.16 5.66 4.55
C LEU A 24 -1.93 6.88 3.98
N LYS A 25 -1.58 7.27 2.75
CA LYS A 25 -2.25 8.38 2.05
C LYS A 25 -3.66 7.93 1.62
N GLU A 26 -4.59 8.90 1.60
CA GLU A 26 -5.94 8.69 1.11
C GLU A 26 -5.89 8.33 -0.38
N MET A 27 -6.35 7.12 -0.71
CA MET A 27 -6.48 6.67 -2.10
C MET A 27 -7.64 7.38 -2.80
N LYS A 28 -7.69 7.25 -4.13
CA LYS A 28 -8.83 7.67 -4.94
C LYS A 28 -9.54 6.41 -5.45
N SER A 29 -10.86 6.32 -5.21
CA SER A 29 -11.71 5.26 -5.76
C SER A 29 -12.01 5.63 -7.23
N GLN A 30 -11.29 4.99 -8.17
CA GLN A 30 -11.16 5.48 -9.57
C GLN A 30 -11.89 4.58 -10.56
N GLU A 31 -12.56 5.20 -11.54
CA GLU A 31 -13.08 4.51 -12.73
C GLU A 31 -12.09 4.67 -13.88
N SER A 32 -12.00 3.65 -14.75
CA SER A 32 -11.10 3.66 -15.90
C SER A 32 -11.67 2.76 -17.01
N ALA A 33 -11.28 3.08 -18.25
CA ALA A 33 -11.63 2.29 -19.43
C ALA A 33 -10.84 0.96 -19.44
N ALA A 34 -11.47 -0.13 -19.91
CA ALA A 34 -10.83 -1.45 -19.95
C ALA A 34 -9.70 -1.49 -21.01
N GLY A 35 -8.46 -1.70 -20.54
CA GLY A 35 -7.26 -1.61 -21.38
C GLY A 35 -6.38 -0.41 -21.02
N SER A 36 -6.78 0.35 -19.98
CA SER A 36 -5.97 1.49 -19.48
C SER A 36 -5.03 1.05 -18.33
N LYS A 37 -3.95 1.82 -18.12
CA LYS A 37 -3.00 1.61 -17.02
C LYS A 37 -3.38 2.50 -15.81
N LEU A 38 -3.48 1.90 -14.62
CA LEU A 38 -3.69 2.62 -13.35
C LEU A 38 -2.48 2.39 -12.43
N VAL A 39 -2.17 3.38 -11.57
CA VAL A 39 -1.11 3.27 -10.55
C VAL A 39 -1.69 3.68 -9.19
N LEU A 40 -1.90 2.69 -8.31
CA LEU A 40 -2.40 2.91 -6.95
C LEU A 40 -1.22 3.23 -6.04
N ARG A 41 -1.11 4.49 -5.65
CA ARG A 41 0.04 5.01 -4.90
C ARG A 41 -0.24 4.96 -3.38
N CYS A 42 0.22 3.88 -2.75
CA CYS A 42 0.06 3.67 -1.30
C CYS A 42 1.40 3.86 -0.59
N GLU A 43 1.46 4.88 0.25
CA GLU A 43 2.64 5.23 1.02
C GLU A 43 2.20 6.08 2.21
N THR A 44 3.09 6.22 3.19
CA THR A 44 2.77 6.83 4.48
C THR A 44 2.96 8.35 4.46
N SER A 45 2.47 9.01 5.53
CA SER A 45 2.64 10.45 5.76
C SER A 45 4.10 10.80 6.13
N SER A 46 4.88 9.76 6.49
CA SER A 46 6.31 9.87 6.81
C SER A 46 6.99 8.52 6.54
N GLU A 47 7.96 8.51 5.60
CA GLU A 47 8.67 7.29 5.17
C GLU A 47 9.62 6.80 6.29
N TYR A 48 9.17 5.84 7.10
CA TYR A 48 10.01 5.22 8.15
C TYR A 48 10.91 4.12 7.56
N SER A 49 12.01 3.82 8.27
CA SER A 49 13.07 2.91 7.81
C SER A 49 12.55 1.47 7.52
N SER A 50 11.59 1.03 8.34
CA SER A 50 11.03 -0.34 8.29
C SER A 50 9.49 -0.29 8.21
N LEU A 51 8.96 -0.36 6.98
CA LEU A 51 7.50 -0.39 6.70
C LEU A 51 7.16 -1.59 5.79
N ARG A 52 6.41 -2.56 6.35
CA ARG A 52 6.00 -3.79 5.66
C ARG A 52 4.65 -3.57 4.96
N PHE A 53 4.64 -3.50 3.62
CA PHE A 53 3.40 -3.27 2.84
C PHE A 53 2.73 -4.60 2.47
N LYS A 54 1.39 -4.56 2.42
CA LYS A 54 0.54 -5.71 2.04
C LYS A 54 -0.57 -5.22 1.11
N TRP A 55 -0.59 -5.70 -0.14
CA TRP A 55 -1.68 -5.42 -1.09
C TRP A 55 -2.77 -6.49 -0.98
N PHE A 56 -4.00 -6.08 -1.28
CA PHE A 56 -5.19 -6.92 -1.22
C PHE A 56 -6.06 -6.56 -2.42
N LYS A 57 -6.61 -7.57 -3.09
CA LYS A 57 -7.64 -7.39 -4.12
C LYS A 57 -8.88 -8.16 -3.65
N ASN A 58 -9.95 -7.42 -3.35
CA ASN A 58 -11.23 -7.98 -2.85
C ASN A 58 -11.01 -8.72 -1.52
N GLY A 59 -10.11 -8.15 -0.69
CA GLY A 59 -9.76 -8.69 0.62
C GLY A 59 -8.66 -9.75 0.57
N ASN A 60 -8.36 -10.28 -0.63
CA ASN A 60 -7.41 -11.39 -0.81
C ASN A 60 -6.00 -10.83 -1.05
N GLU A 61 -5.07 -11.10 -0.11
CA GLU A 61 -3.74 -10.47 -0.09
C GLU A 61 -2.88 -10.88 -1.31
N LEU A 62 -2.64 -9.90 -2.21
CA LEU A 62 -1.79 -10.10 -3.39
C LEU A 62 -0.31 -10.25 -2.95
N ASN A 63 0.12 -11.50 -2.72
CA ASN A 63 1.55 -11.87 -2.63
C ASN A 63 2.12 -12.03 -4.04
N ARG A 64 3.40 -12.46 -4.18
CA ARG A 64 4.03 -12.64 -5.52
C ARG A 64 3.28 -13.70 -6.35
N LYS A 65 2.79 -14.76 -5.67
CA LYS A 65 2.04 -15.87 -6.30
C LYS A 65 0.57 -15.47 -6.55
N ASN A 66 0.02 -14.69 -5.60
CA ASN A 66 -1.40 -14.26 -5.60
C ASN A 66 -1.62 -13.08 -6.57
N LYS A 67 -0.51 -12.41 -6.92
CA LYS A 67 -0.49 -11.24 -7.81
C LYS A 67 -0.90 -11.65 -9.23
N PRO A 68 -1.82 -10.90 -9.91
CA PRO A 68 -2.07 -11.08 -11.36
C PRO A 68 -0.81 -10.80 -12.20
N GLN A 69 -0.84 -11.19 -13.47
CA GLN A 69 0.29 -11.00 -14.39
C GLN A 69 0.31 -9.55 -14.93
N ASN A 70 -0.90 -9.02 -15.27
CA ASN A 70 -1.05 -7.65 -15.82
C ASN A 70 -0.91 -6.58 -14.72
N ILE A 71 -1.09 -7.01 -13.46
CA ILE A 71 -0.91 -6.15 -12.28
C ILE A 71 0.46 -6.48 -11.66
N LYS A 72 1.32 -5.47 -11.44
CA LYS A 72 2.66 -5.66 -10.85
C LYS A 72 2.83 -4.80 -9.60
N ILE A 73 3.35 -5.43 -8.53
CA ILE A 73 3.65 -4.77 -7.25
C ILE A 73 5.10 -4.30 -7.23
N GLN A 74 5.31 -2.99 -7.08
CA GLN A 74 6.66 -2.45 -6.80
C GLN A 74 6.71 -2.08 -5.30
N LYS A 75 7.18 -3.05 -4.50
CA LYS A 75 7.19 -2.93 -3.03
C LYS A 75 8.58 -2.48 -2.56
N LYS A 76 8.62 -1.25 -2.05
CA LYS A 76 9.83 -0.54 -1.67
C LYS A 76 9.87 -0.41 -0.13
N PRO A 77 11.08 -0.33 0.50
CA PRO A 77 11.19 -0.06 1.95
C PRO A 77 10.66 1.36 2.29
N GLY A 78 9.39 1.42 2.74
CA GLY A 78 8.76 2.69 3.15
C GLY A 78 7.59 3.13 2.26
N LYS A 79 7.39 2.46 1.11
CA LYS A 79 6.32 2.83 0.13
C LYS A 79 6.09 1.70 -0.90
N SER A 80 4.97 1.78 -1.67
CA SER A 80 4.64 0.74 -2.68
C SER A 80 3.46 1.20 -3.56
N GLU A 81 3.62 1.08 -4.89
CA GLU A 81 2.52 1.32 -5.83
C GLU A 81 2.09 0.00 -6.51
N LEU A 82 0.82 -0.03 -6.96
CA LEU A 82 0.24 -1.18 -7.65
C LEU A 82 -0.10 -0.76 -9.09
N ARG A 83 0.75 -1.13 -10.03
CA ARG A 83 0.53 -0.85 -11.45
C ARG A 83 -0.44 -1.88 -12.05
N ILE A 84 -1.71 -1.49 -12.17
CA ILE A 84 -2.72 -2.28 -12.90
C ILE A 84 -2.62 -1.93 -14.40
N ASN A 85 -1.74 -2.63 -15.11
CA ASN A 85 -1.44 -2.31 -16.53
C ASN A 85 -2.40 -3.08 -17.44
N LYS A 86 -3.10 -2.35 -18.33
CA LYS A 86 -4.14 -2.92 -19.22
C LYS A 86 -5.21 -3.66 -18.39
N ALA A 87 -6.03 -2.87 -17.70
CA ALA A 87 -7.01 -3.38 -16.73
C ALA A 87 -8.26 -3.93 -17.43
N SER A 88 -8.51 -5.24 -17.25
CA SER A 88 -9.77 -5.87 -17.72
C SER A 88 -10.86 -5.71 -16.64
N LEU A 89 -12.07 -6.21 -16.92
CA LEU A 89 -13.21 -6.16 -15.97
C LEU A 89 -13.00 -7.15 -14.81
N ALA A 90 -12.02 -8.06 -14.96
CA ALA A 90 -11.57 -8.96 -13.87
C ALA A 90 -10.85 -8.15 -12.78
N ASP A 91 -10.42 -6.92 -13.15
CA ASP A 91 -9.70 -6.00 -12.26
C ASP A 91 -10.63 -4.92 -11.66
N SER A 92 -11.95 -5.01 -11.91
CA SER A 92 -12.94 -4.11 -11.29
C SER A 92 -13.32 -4.65 -9.90
N GLY A 93 -12.84 -3.96 -8.85
CA GLY A 93 -13.13 -4.35 -7.47
C GLY A 93 -12.30 -3.58 -6.46
N GLU A 94 -12.33 -4.04 -5.21
CA GLU A 94 -11.60 -3.44 -4.08
C GLU A 94 -10.09 -3.69 -4.21
N TYR A 95 -9.30 -2.66 -3.90
CA TYR A 95 -7.85 -2.78 -3.75
C TYR A 95 -7.45 -2.06 -2.47
N MET A 96 -7.01 -2.85 -1.48
CA MET A 96 -6.59 -2.33 -0.17
C MET A 96 -5.09 -2.58 0.02
N CYS A 97 -4.36 -1.56 0.47
CA CYS A 97 -2.96 -1.70 0.86
C CYS A 97 -2.85 -1.62 2.39
N LYS A 98 -1.70 -2.02 2.94
CA LYS A 98 -1.47 -2.04 4.38
C LYS A 98 0.00 -1.68 4.68
N VAL A 99 0.27 -1.28 5.93
CA VAL A 99 1.62 -1.00 6.43
C VAL A 99 1.76 -1.55 7.87
N ILE A 100 2.88 -2.23 8.15
CA ILE A 100 3.17 -2.81 9.49
C ILE A 100 4.55 -2.31 9.96
N SER A 101 4.61 -1.72 11.18
CA SER A 101 5.89 -1.26 11.77
C SER A 101 5.79 -1.26 13.31
N LYS A 102 6.88 -0.83 13.94
CA LYS A 102 7.00 -0.72 15.41
C LYS A 102 6.10 0.39 15.97
N LEU A 103 5.96 1.50 15.21
CA LEU A 103 5.10 2.63 15.61
C LEU A 103 3.61 2.25 15.50
N GLY A 104 3.28 1.28 14.64
CA GLY A 104 1.91 0.78 14.49
C GLY A 104 1.58 0.32 13.09
N ASN A 105 0.27 0.11 12.82
CA ASN A 105 -0.24 -0.40 11.53
C ASN A 105 -1.35 0.52 11.01
N ASP A 106 -1.63 0.41 9.70
CA ASP A 106 -2.72 1.16 9.02
C ASP A 106 -3.05 0.50 7.68
N SER A 107 -4.27 0.75 7.16
CA SER A 107 -4.77 0.09 5.94
C SER A 107 -5.75 1.04 5.20
N ALA A 108 -5.48 1.32 3.91
CA ALA A 108 -6.32 2.19 3.06
C ALA A 108 -6.79 1.41 1.82
N SER A 109 -8.08 1.60 1.43
CA SER A 109 -8.68 0.90 0.26
C SER A 109 -9.22 1.88 -0.79
N ALA A 110 -9.39 1.37 -2.03
CA ALA A 110 -9.98 2.10 -3.16
C ALA A 110 -10.76 1.12 -4.06
N ASN A 111 -12.02 1.45 -4.37
CA ASN A 111 -12.85 0.63 -5.26
C ASN A 111 -12.61 1.06 -6.71
N ILE A 112 -11.85 0.25 -7.44
CA ILE A 112 -11.49 0.53 -8.82
C ILE A 112 -12.56 -0.06 -9.76
N THR A 113 -13.33 0.84 -10.39
CA THR A 113 -14.38 0.48 -11.34
C THR A 113 -13.79 0.46 -12.77
N ILE A 114 -13.50 -0.73 -13.29
CA ILE A 114 -13.06 -0.88 -14.68
C ILE A 114 -14.28 -1.19 -15.53
N VAL A 115 -14.48 -0.38 -16.58
CA VAL A 115 -15.61 -0.50 -17.49
C VAL A 115 -15.10 -0.34 -18.94
N GLU A 116 -15.58 -1.20 -19.85
CA GLU A 116 -15.27 -1.10 -21.28
C GLU A 116 -15.94 0.15 -21.85
N SER A 117 -15.16 1.22 -22.05
CA SER A 117 -15.65 2.47 -22.66
C SER A 117 -15.45 2.39 -24.18
N ASN A 118 -16.49 1.92 -24.87
CA ASN A 118 -16.45 1.64 -26.31
C ASN A 118 -17.86 1.90 -26.89
N MET A 1 27.20 -5.54 2.77
CA MET A 1 26.64 -4.61 3.78
C MET A 1 26.73 -5.22 5.19
N HIS A 2 27.09 -4.37 6.18
CA HIS A 2 27.14 -4.76 7.61
C HIS A 2 26.44 -3.70 8.48
N HIS A 3 25.79 -4.18 9.55
CA HIS A 3 25.09 -3.36 10.56
C HIS A 3 24.74 -4.27 11.74
N HIS A 4 24.08 -5.41 11.42
CA HIS A 4 23.73 -6.50 12.37
C HIS A 4 22.68 -6.03 13.43
N HIS A 5 22.20 -6.96 14.26
CA HIS A 5 21.30 -6.67 15.40
C HIS A 5 22.01 -6.96 16.72
N HIS A 6 22.05 -5.94 17.61
CA HIS A 6 22.67 -6.04 18.95
C HIS A 6 22.15 -4.94 19.90
N HIS A 7 21.21 -4.10 19.42
CA HIS A 7 20.57 -3.06 20.26
C HIS A 7 19.56 -3.71 21.23
N SER A 8 19.92 -3.72 22.52
CA SER A 8 19.07 -4.24 23.60
C SER A 8 18.59 -3.08 24.48
N SER A 9 17.36 -2.62 24.23
CA SER A 9 16.67 -1.56 25.00
C SER A 9 15.14 -1.80 25.04
N GLY A 10 14.72 -3.04 24.68
CA GLY A 10 13.32 -3.43 24.68
C GLY A 10 12.77 -3.58 26.10
N ARG A 11 12.32 -2.45 26.67
CA ARG A 11 11.77 -2.39 28.05
C ARG A 11 10.41 -1.65 28.02
N GLU A 12 10.47 -0.32 27.79
CA GLU A 12 9.28 0.53 27.70
C GLU A 12 8.76 0.55 26.23
N ASN A 13 7.67 -0.17 25.99
CA ASN A 13 6.91 -0.11 24.71
C ASN A 13 5.84 0.99 24.82
N LEU A 14 5.01 1.12 23.75
CA LEU A 14 3.91 2.10 23.68
C LEU A 14 4.44 3.55 23.78
N TYR A 15 3.55 4.48 24.20
CA TYR A 15 3.91 5.89 24.51
C TYR A 15 4.49 6.59 23.24
N PHE A 16 3.89 6.24 22.08
CA PHE A 16 4.39 6.66 20.75
C PHE A 16 4.16 8.17 20.51
N GLN A 17 5.06 8.99 21.05
CA GLN A 17 5.09 10.45 20.84
C GLN A 17 6.43 10.81 20.19
N GLY A 18 6.45 11.90 19.39
CA GLY A 18 7.54 12.16 18.47
C GLY A 18 7.35 11.36 17.19
N ALA A 19 7.55 10.03 17.29
CA ALA A 19 7.16 9.07 16.25
C ALA A 19 5.83 8.41 16.65
N LEU A 20 4.75 8.83 15.99
CA LEU A 20 3.38 8.29 16.20
C LEU A 20 3.10 7.18 15.17
N PRO A 21 2.18 6.19 15.46
CA PRO A 21 1.87 5.06 14.54
C PRO A 21 1.55 5.51 13.09
N PRO A 22 1.90 4.67 12.05
CA PRO A 22 1.80 5.07 10.62
C PRO A 22 0.33 5.28 10.19
N ARG A 23 0.09 6.32 9.38
CA ARG A 23 -1.26 6.63 8.87
C ARG A 23 -1.16 6.78 7.35
N LEU A 24 -1.80 5.86 6.62
CA LEU A 24 -1.80 5.83 5.16
C LEU A 24 -2.64 6.98 4.58
N LYS A 25 -2.08 7.63 3.56
CA LYS A 25 -2.76 8.65 2.76
C LYS A 25 -3.90 7.99 1.97
N GLU A 26 -4.97 8.76 1.72
CA GLU A 26 -6.20 8.25 1.11
C GLU A 26 -5.95 7.81 -0.34
N MET A 27 -6.07 6.49 -0.58
CA MET A 27 -5.93 5.88 -1.91
C MET A 27 -7.15 6.23 -2.77
N LYS A 28 -6.89 6.65 -4.03
CA LYS A 28 -7.92 7.21 -4.93
C LYS A 28 -8.82 6.10 -5.51
N SER A 29 -10.12 6.18 -5.19
CA SER A 29 -11.16 5.33 -5.76
C SER A 29 -11.50 5.85 -7.17
N GLN A 30 -10.97 5.17 -8.20
CA GLN A 30 -10.94 5.68 -9.58
C GLN A 30 -11.82 4.85 -10.51
N GLU A 31 -12.15 5.41 -11.68
CA GLU A 31 -12.83 4.70 -12.79
C GLU A 31 -12.12 5.05 -14.11
N SER A 32 -11.92 4.02 -14.94
CA SER A 32 -11.17 4.15 -16.19
C SER A 32 -11.67 3.14 -17.23
N ALA A 33 -11.27 3.36 -18.49
CA ALA A 33 -11.57 2.45 -19.60
C ALA A 33 -10.68 1.19 -19.51
N ALA A 34 -11.15 0.08 -20.09
CA ALA A 34 -10.40 -1.19 -20.10
C ALA A 34 -9.18 -1.11 -21.03
N GLY A 35 -8.09 -1.79 -20.62
CA GLY A 35 -6.82 -1.74 -21.35
C GLY A 35 -5.88 -0.65 -20.81
N SER A 36 -6.36 0.16 -19.85
CA SER A 36 -5.57 1.25 -19.24
C SER A 36 -4.65 0.72 -18.13
N LYS A 37 -3.68 1.55 -17.68
CA LYS A 37 -2.75 1.19 -16.60
C LYS A 37 -2.86 2.20 -15.44
N LEU A 38 -3.45 1.73 -14.32
CA LEU A 38 -3.68 2.57 -13.12
C LEU A 38 -2.59 2.32 -12.08
N VAL A 39 -2.01 3.42 -11.57
CA VAL A 39 -1.03 3.38 -10.49
C VAL A 39 -1.72 3.73 -9.16
N LEU A 40 -1.63 2.81 -8.20
CA LEU A 40 -2.11 3.02 -6.83
C LEU A 40 -0.90 3.21 -5.92
N ARG A 41 -0.86 4.30 -5.16
CA ARG A 41 0.25 4.59 -4.24
C ARG A 41 -0.23 4.43 -2.79
N CYS A 42 0.21 3.34 -2.15
CA CYS A 42 0.05 3.14 -0.70
C CYS A 42 1.29 3.72 -0.03
N GLU A 43 1.10 4.82 0.68
CA GLU A 43 2.19 5.59 1.30
C GLU A 43 1.66 6.36 2.51
N THR A 44 2.51 6.47 3.53
CA THR A 44 2.22 7.19 4.77
C THR A 44 2.66 8.67 4.62
N SER A 45 2.09 9.56 5.46
CA SER A 45 2.39 11.02 5.45
C SER A 45 3.89 11.28 5.70
N SER A 46 4.42 10.60 6.73
CA SER A 46 5.85 10.59 7.08
C SER A 46 6.43 9.20 6.77
N GLU A 47 7.74 9.13 6.46
CA GLU A 47 8.43 7.85 6.26
C GLU A 47 8.86 7.30 7.63
N TYR A 48 8.65 6.00 7.85
CA TYR A 48 9.05 5.30 9.08
C TYR A 48 10.00 4.15 8.72
N SER A 49 10.57 3.50 9.74
CA SER A 49 11.53 2.41 9.58
C SER A 49 10.80 1.06 9.39
N SER A 50 11.26 0.30 8.36
CA SER A 50 10.77 -1.06 8.04
C SER A 50 9.26 -1.06 7.69
N LEU A 51 8.84 -0.07 6.87
CA LEU A 51 7.48 -0.02 6.33
C LEU A 51 7.28 -1.16 5.30
N ARG A 52 6.55 -2.19 5.73
CA ARG A 52 6.23 -3.37 4.92
C ARG A 52 4.77 -3.26 4.48
N PHE A 53 4.57 -2.90 3.20
CA PHE A 53 3.22 -2.74 2.63
C PHE A 53 2.75 -4.07 2.02
N LYS A 54 1.47 -4.34 2.19
CA LYS A 54 0.77 -5.43 1.52
C LYS A 54 -0.38 -4.83 0.73
N TRP A 55 -0.92 -5.61 -0.22
CA TRP A 55 -2.05 -5.20 -1.06
C TRP A 55 -3.05 -6.35 -1.11
N PHE A 56 -4.35 -6.02 -0.98
CA PHE A 56 -5.44 -7.00 -0.94
C PHE A 56 -6.46 -6.62 -2.02
N LYS A 57 -6.66 -7.50 -3.02
CA LYS A 57 -7.64 -7.29 -4.08
C LYS A 57 -8.96 -7.96 -3.64
N ASN A 58 -9.90 -7.11 -3.18
CA ASN A 58 -11.24 -7.50 -2.69
C ASN A 58 -11.14 -8.31 -1.38
N GLY A 59 -10.01 -8.15 -0.66
CA GLY A 59 -9.72 -8.90 0.57
C GLY A 59 -8.70 -10.02 0.37
N ASN A 60 -8.47 -10.44 -0.89
CA ASN A 60 -7.48 -11.47 -1.23
C ASN A 60 -6.09 -10.83 -1.27
N GLU A 61 -5.23 -11.18 -0.29
CA GLU A 61 -3.84 -10.68 -0.21
C GLU A 61 -3.04 -11.11 -1.45
N LEU A 62 -2.72 -10.12 -2.31
CA LEU A 62 -1.92 -10.35 -3.51
C LEU A 62 -0.46 -10.63 -3.13
N ASN A 63 -0.19 -11.92 -2.96
CA ASN A 63 1.17 -12.47 -2.89
C ASN A 63 1.68 -12.67 -4.33
N ARG A 64 2.81 -13.38 -4.52
CA ARG A 64 3.40 -13.59 -5.87
C ARG A 64 2.42 -14.36 -6.79
N LYS A 65 1.97 -15.54 -6.33
CA LYS A 65 1.10 -16.45 -7.10
C LYS A 65 -0.38 -16.02 -7.05
N ASN A 66 -0.77 -15.34 -5.95
CA ASN A 66 -2.16 -14.84 -5.74
C ASN A 66 -2.47 -13.68 -6.70
N LYS A 67 -1.42 -12.96 -7.08
CA LYS A 67 -1.50 -11.82 -8.00
C LYS A 67 -1.66 -12.33 -9.45
N PRO A 68 -2.62 -11.77 -10.26
CA PRO A 68 -2.68 -12.05 -11.71
C PRO A 68 -1.47 -11.43 -12.43
N GLN A 69 -1.13 -11.98 -13.61
CA GLN A 69 0.09 -11.60 -14.36
C GLN A 69 0.08 -10.12 -14.80
N ASN A 70 -1.14 -9.59 -15.02
CA ASN A 70 -1.34 -8.22 -15.54
C ASN A 70 -1.17 -7.15 -14.44
N ILE A 71 -1.26 -7.56 -13.16
CA ILE A 71 -0.98 -6.67 -12.01
C ILE A 71 0.49 -6.86 -11.61
N LYS A 72 1.14 -5.78 -11.17
CA LYS A 72 2.51 -5.82 -10.63
C LYS A 72 2.61 -4.87 -9.43
N ILE A 73 3.40 -5.25 -8.41
CA ILE A 73 3.61 -4.44 -7.19
C ILE A 73 5.12 -4.22 -6.98
N GLN A 74 5.53 -2.97 -6.69
CA GLN A 74 6.93 -2.60 -6.39
C GLN A 74 6.98 -1.86 -5.04
N LYS A 75 7.79 -2.38 -4.09
CA LYS A 75 8.00 -1.73 -2.77
C LYS A 75 9.20 -0.76 -2.87
N LYS A 76 9.08 0.35 -2.14
CA LYS A 76 10.02 1.48 -2.19
C LYS A 76 10.30 1.97 -0.74
N PRO A 77 11.39 2.80 -0.51
CA PRO A 77 11.67 3.39 0.82
C PRO A 77 10.51 4.27 1.33
N GLY A 78 9.68 3.70 2.22
CA GLY A 78 8.59 4.44 2.88
C GLY A 78 7.27 4.43 2.12
N LYS A 79 7.18 3.66 1.02
CA LYS A 79 5.97 3.59 0.15
C LYS A 79 5.97 2.33 -0.73
N SER A 80 4.89 2.15 -1.50
CA SER A 80 4.73 1.01 -2.42
C SER A 80 3.62 1.32 -3.43
N GLU A 81 3.70 0.71 -4.63
CA GLU A 81 2.74 0.95 -5.71
C GLU A 81 2.22 -0.37 -6.30
N LEU A 82 0.97 -0.36 -6.75
CA LEU A 82 0.31 -1.45 -7.48
C LEU A 82 -0.15 -0.89 -8.82
N ARG A 83 0.51 -1.33 -9.89
CA ARG A 83 0.29 -0.84 -11.26
C ARG A 83 -0.39 -1.94 -12.09
N ILE A 84 -1.68 -1.70 -12.40
CA ILE A 84 -2.53 -2.67 -13.12
C ILE A 84 -2.36 -2.47 -14.63
N ASN A 85 -1.55 -3.32 -15.26
CA ASN A 85 -1.42 -3.34 -16.74
C ASN A 85 -2.69 -3.98 -17.35
N LYS A 86 -3.22 -3.36 -18.42
CA LYS A 86 -4.40 -3.84 -19.19
C LYS A 86 -5.67 -4.01 -18.30
N ALA A 87 -5.84 -3.09 -17.32
CA ALA A 87 -6.94 -3.12 -16.32
C ALA A 87 -8.32 -3.42 -16.95
N SER A 88 -8.93 -4.53 -16.53
CA SER A 88 -10.17 -5.08 -17.14
C SER A 88 -11.28 -5.22 -16.08
N LEU A 89 -12.42 -5.84 -16.47
CA LEU A 89 -13.52 -6.16 -15.53
C LEU A 89 -13.07 -7.19 -14.45
N ALA A 90 -12.01 -7.94 -14.75
CA ALA A 90 -11.35 -8.83 -13.78
C ALA A 90 -10.64 -8.03 -12.68
N ASP A 91 -10.25 -6.79 -13.02
CA ASP A 91 -9.54 -5.86 -12.12
C ASP A 91 -10.47 -4.83 -11.46
N SER A 92 -11.75 -4.77 -11.89
CA SER A 92 -12.72 -3.85 -11.27
C SER A 92 -13.13 -4.36 -9.86
N GLY A 93 -12.62 -3.67 -8.83
CA GLY A 93 -12.91 -3.99 -7.44
C GLY A 93 -12.10 -3.13 -6.48
N GLU A 94 -12.34 -3.30 -5.17
CA GLU A 94 -11.65 -2.54 -4.11
C GLU A 94 -10.25 -3.13 -3.85
N TYR A 95 -9.22 -2.31 -4.06
CA TYR A 95 -7.85 -2.63 -3.63
C TYR A 95 -7.58 -1.95 -2.28
N MET A 96 -7.42 -2.78 -1.25
CA MET A 96 -7.10 -2.34 0.12
C MET A 96 -5.64 -2.66 0.44
N CYS A 97 -4.79 -1.63 0.61
CA CYS A 97 -3.39 -1.82 1.03
C CYS A 97 -3.30 -1.74 2.56
N LYS A 98 -2.30 -2.40 3.14
CA LYS A 98 -2.06 -2.41 4.60
C LYS A 98 -0.56 -2.25 4.88
N VAL A 99 -0.19 -1.23 5.69
CA VAL A 99 1.20 -0.98 6.05
C VAL A 99 1.51 -1.60 7.43
N ILE A 100 2.74 -2.10 7.58
CA ILE A 100 3.28 -2.66 8.83
C ILE A 100 4.55 -1.85 9.20
N SER A 101 4.78 -1.58 10.49
CA SER A 101 6.00 -0.90 10.98
C SER A 101 6.35 -1.38 12.38
N LYS A 102 7.40 -0.76 12.95
CA LYS A 102 7.85 -0.99 14.33
C LYS A 102 6.87 -0.34 15.34
N LEU A 103 6.10 0.66 14.87
CA LEU A 103 5.15 1.42 15.70
C LEU A 103 3.76 0.73 15.71
N GLY A 104 3.32 0.26 14.53
CA GLY A 104 2.02 -0.40 14.39
C GLY A 104 1.61 -0.64 12.93
N ASN A 105 0.33 -1.01 12.72
CA ASN A 105 -0.24 -1.28 11.38
C ASN A 105 -1.34 -0.25 11.05
N ASP A 106 -1.65 -0.13 9.74
CA ASP A 106 -2.72 0.77 9.23
C ASP A 106 -3.22 0.21 7.86
N SER A 107 -4.31 0.79 7.28
CA SER A 107 -4.93 0.27 6.04
C SER A 107 -5.72 1.37 5.30
N ALA A 108 -5.46 1.48 3.97
CA ALA A 108 -6.23 2.37 3.06
C ALA A 108 -6.93 1.52 1.98
N SER A 109 -8.07 1.99 1.46
CA SER A 109 -8.88 1.26 0.45
C SER A 109 -9.24 2.19 -0.73
N ALA A 110 -9.40 1.61 -1.93
CA ALA A 110 -9.73 2.34 -3.17
C ALA A 110 -10.45 1.42 -4.16
N ASN A 111 -11.73 1.72 -4.46
CA ASN A 111 -12.50 0.95 -5.43
C ASN A 111 -12.15 1.39 -6.86
N ILE A 112 -11.40 0.54 -7.56
CA ILE A 112 -11.04 0.72 -8.96
C ILE A 112 -12.14 0.10 -9.84
N THR A 113 -13.00 0.96 -10.41
CA THR A 113 -14.05 0.55 -11.34
C THR A 113 -13.47 0.61 -12.76
N ILE A 114 -13.70 -0.43 -13.56
CA ILE A 114 -13.26 -0.47 -14.96
C ILE A 114 -14.50 -0.66 -15.83
N VAL A 115 -14.59 0.09 -16.91
CA VAL A 115 -15.63 -0.05 -17.93
C VAL A 115 -14.97 -0.55 -19.23
N GLU A 116 -15.58 -1.54 -19.91
CA GLU A 116 -15.06 -2.04 -21.19
C GLU A 116 -15.03 -0.89 -22.20
N SER A 117 -13.80 -0.56 -22.62
CA SER A 117 -13.48 0.58 -23.49
C SER A 117 -14.32 0.57 -24.79
N ASN A 118 -15.44 1.32 -24.78
CA ASN A 118 -16.40 1.39 -25.89
C ASN A 118 -16.64 2.88 -26.25
N MET A 1 29.26 -1.00 34.17
CA MET A 1 27.99 -1.12 33.41
C MET A 1 27.10 -2.21 34.03
N HIS A 2 27.66 -3.42 34.18
CA HIS A 2 26.95 -4.61 34.69
C HIS A 2 26.81 -4.56 36.23
N HIS A 3 25.86 -3.75 36.74
CA HIS A 3 25.51 -3.72 38.17
C HIS A 3 23.98 -3.62 38.30
N HIS A 4 23.42 -2.39 38.36
CA HIS A 4 21.96 -2.17 38.46
C HIS A 4 21.42 -1.79 37.07
N HIS A 5 22.16 -0.92 36.37
CA HIS A 5 21.88 -0.56 34.98
C HIS A 5 22.26 -1.71 34.03
N HIS A 6 21.70 -1.65 32.80
CA HIS A 6 21.84 -2.68 31.75
C HIS A 6 21.15 -3.99 32.19
N HIS A 7 20.14 -3.85 33.07
CA HIS A 7 19.35 -4.97 33.62
C HIS A 7 17.86 -4.58 33.65
N SER A 8 17.56 -3.45 34.30
CA SER A 8 16.21 -2.87 34.38
C SER A 8 15.77 -2.36 32.99
N SER A 9 15.03 -3.22 32.25
CA SER A 9 14.65 -2.98 30.83
C SER A 9 15.91 -2.97 29.93
N GLY A 10 16.92 -3.78 30.34
CA GLY A 10 18.20 -3.88 29.62
C GLY A 10 18.05 -4.53 28.25
N ARG A 11 17.81 -3.68 27.23
CA ARG A 11 17.70 -4.09 25.83
C ARG A 11 17.93 -2.84 24.95
N GLU A 12 19.18 -2.60 24.60
CA GLU A 12 19.63 -1.37 23.89
C GLU A 12 19.57 -1.58 22.36
N ASN A 13 18.61 -2.40 21.92
CA ASN A 13 18.42 -2.73 20.50
C ASN A 13 17.55 -1.68 19.78
N LEU A 14 17.02 -0.71 20.55
CA LEU A 14 16.08 0.30 20.03
C LEU A 14 16.24 1.62 20.80
N TYR A 15 15.58 2.67 20.29
CA TYR A 15 15.44 3.95 20.99
C TYR A 15 13.95 4.21 21.22
N PHE A 16 13.20 4.44 20.12
CA PHE A 16 11.75 4.67 20.13
C PHE A 16 11.39 5.89 21.01
N GLN A 17 11.53 7.10 20.44
CA GLN A 17 11.21 8.38 21.10
C GLN A 17 10.30 9.20 20.17
N GLY A 18 9.02 9.31 20.56
CA GLY A 18 8.02 10.07 19.83
C GLY A 18 7.69 9.50 18.44
N ALA A 19 7.98 8.21 18.26
CA ALA A 19 7.75 7.52 16.99
C ALA A 19 6.28 7.08 16.89
N LEU A 20 5.55 7.80 16.04
CA LEU A 20 4.09 7.69 15.91
C LEU A 20 3.71 6.55 14.92
N PRO A 21 2.59 5.80 15.16
CA PRO A 21 2.10 4.74 14.23
C PRO A 21 1.95 5.25 12.76
N PRO A 22 2.37 4.45 11.74
CA PRO A 22 2.39 4.91 10.32
C PRO A 22 0.96 5.06 9.75
N ARG A 23 0.73 6.14 9.03
CA ARG A 23 -0.60 6.54 8.54
C ARG A 23 -0.54 6.73 7.01
N LEU A 24 -1.22 5.83 6.26
CA LEU A 24 -1.31 5.91 4.79
C LEU A 24 -2.17 7.09 4.34
N LYS A 25 -1.87 7.59 3.16
CA LYS A 25 -2.64 8.67 2.52
C LYS A 25 -3.75 8.05 1.65
N GLU A 26 -4.66 8.91 1.15
CA GLU A 26 -5.85 8.45 0.43
C GLU A 26 -5.47 7.72 -0.88
N MET A 27 -5.68 6.41 -0.92
CA MET A 27 -5.63 5.63 -2.15
C MET A 27 -6.89 5.92 -2.96
N LYS A 28 -6.71 6.61 -4.11
CA LYS A 28 -7.82 7.08 -4.93
C LYS A 28 -8.59 5.92 -5.56
N SER A 29 -9.91 5.93 -5.35
CA SER A 29 -10.86 5.12 -6.11
C SER A 29 -10.87 5.64 -7.56
N GLN A 30 -10.46 4.80 -8.52
CA GLN A 30 -10.29 5.21 -9.93
C GLN A 30 -11.16 4.33 -10.85
N GLU A 31 -11.92 4.99 -11.73
CA GLU A 31 -12.73 4.36 -12.77
C GLU A 31 -12.02 4.60 -14.11
N SER A 32 -11.74 3.51 -14.84
CA SER A 32 -11.00 3.56 -16.10
C SER A 32 -11.57 2.54 -17.10
N ALA A 33 -11.26 2.77 -18.38
CA ALA A 33 -11.63 1.87 -19.48
C ALA A 33 -10.73 0.62 -19.49
N ALA A 34 -11.27 -0.51 -19.96
CA ALA A 34 -10.53 -1.79 -20.01
C ALA A 34 -9.35 -1.72 -21.00
N GLY A 35 -8.15 -2.08 -20.51
CA GLY A 35 -6.91 -1.99 -21.28
C GLY A 35 -5.98 -0.89 -20.78
N SER A 36 -6.45 -0.10 -19.80
CA SER A 36 -5.68 1.01 -19.20
C SER A 36 -4.61 0.52 -18.22
N LYS A 37 -3.81 1.46 -17.69
CA LYS A 37 -2.79 1.18 -16.67
C LYS A 37 -3.02 2.14 -15.49
N LEU A 38 -3.46 1.58 -14.36
CA LEU A 38 -3.76 2.33 -13.13
C LEU A 38 -2.61 2.16 -12.15
N VAL A 39 -2.36 3.19 -11.34
CA VAL A 39 -1.35 3.15 -10.26
C VAL A 39 -2.03 3.55 -8.95
N LEU A 40 -1.98 2.66 -7.96
CA LEU A 40 -2.47 2.94 -6.60
C LEU A 40 -1.29 3.37 -5.73
N ARG A 41 -1.29 4.63 -5.27
CA ARG A 41 -0.18 5.17 -4.47
C ARG A 41 -0.47 4.99 -2.96
N CYS A 42 0.15 3.94 -2.39
CA CYS A 42 0.13 3.67 -0.94
C CYS A 42 1.40 4.26 -0.32
N GLU A 43 1.25 5.39 0.36
CA GLU A 43 2.39 6.15 0.94
C GLU A 43 1.98 6.73 2.29
N THR A 44 2.92 6.73 3.25
CA THR A 44 2.68 7.26 4.59
C THR A 44 2.97 8.77 4.64
N SER A 45 2.24 9.49 5.52
CA SER A 45 2.42 10.94 5.76
C SER A 45 3.79 11.23 6.42
N SER A 46 4.36 10.22 7.09
CA SER A 46 5.75 10.23 7.57
C SER A 46 6.39 8.90 7.15
N GLU A 47 7.40 8.96 6.28
CA GLU A 47 8.00 7.77 5.67
C GLU A 47 9.11 7.20 6.56
N TYR A 48 8.86 6.00 7.11
CA TYR A 48 9.82 5.25 7.92
C TYR A 48 10.53 4.22 7.04
N SER A 49 11.78 3.91 7.39
CA SER A 49 12.61 2.91 6.68
C SER A 49 12.09 1.47 6.94
N SER A 50 11.49 1.26 8.13
CA SER A 50 11.03 -0.05 8.56
C SER A 50 9.48 -0.15 8.40
N LEU A 51 9.03 -0.30 7.14
CA LEU A 51 7.59 -0.43 6.79
C LEU A 51 7.39 -1.59 5.79
N ARG A 52 6.43 -2.48 6.09
CA ARG A 52 5.96 -3.52 5.16
C ARG A 52 4.68 -3.02 4.48
N PHE A 53 4.52 -3.31 3.19
CA PHE A 53 3.31 -2.94 2.43
C PHE A 53 2.71 -4.19 1.80
N LYS A 54 1.47 -4.50 2.22
CA LYS A 54 0.71 -5.64 1.68
C LYS A 54 -0.49 -5.10 0.91
N TRP A 55 -0.63 -5.57 -0.33
CA TRP A 55 -1.76 -5.23 -1.19
C TRP A 55 -2.85 -6.28 -1.05
N PHE A 56 -4.09 -5.82 -1.11
CA PHE A 56 -5.30 -6.64 -0.99
C PHE A 56 -6.24 -6.27 -2.12
N LYS A 57 -7.09 -7.21 -2.49
CA LYS A 57 -8.19 -6.99 -3.42
C LYS A 57 -9.41 -7.71 -2.88
N ASN A 58 -10.38 -6.94 -2.35
CA ASN A 58 -11.61 -7.46 -1.73
C ASN A 58 -11.29 -8.32 -0.48
N GLY A 59 -10.20 -7.92 0.22
CA GLY A 59 -9.72 -8.62 1.41
C GLY A 59 -8.89 -9.86 1.10
N ASN A 60 -8.46 -10.00 -0.17
CA ASN A 60 -7.60 -11.12 -0.62
C ASN A 60 -6.16 -10.62 -0.74
N GLU A 61 -5.24 -11.16 0.08
CA GLU A 61 -3.80 -10.83 0.01
C GLU A 61 -3.25 -11.11 -1.41
N LEU A 62 -2.92 -10.04 -2.15
CA LEU A 62 -2.22 -10.15 -3.43
C LEU A 62 -0.78 -10.64 -3.15
N ASN A 63 -0.65 -11.97 -3.15
CA ASN A 63 0.62 -12.69 -3.00
C ASN A 63 1.25 -12.81 -4.41
N ARG A 64 2.45 -13.40 -4.53
CA ARG A 64 3.19 -13.53 -5.82
C ARG A 64 2.32 -14.24 -6.88
N LYS A 65 1.64 -15.32 -6.44
CA LYS A 65 0.82 -16.18 -7.31
C LYS A 65 -0.60 -15.58 -7.52
N ASN A 66 -1.16 -14.99 -6.44
CA ASN A 66 -2.51 -14.38 -6.43
C ASN A 66 -2.56 -13.10 -7.29
N LYS A 67 -1.40 -12.43 -7.39
CA LYS A 67 -1.21 -11.23 -8.22
C LYS A 67 -1.35 -11.62 -9.71
N PRO A 68 -2.30 -10.99 -10.49
CA PRO A 68 -2.38 -11.20 -11.95
C PRO A 68 -1.05 -10.87 -12.68
N GLN A 69 -0.82 -11.56 -13.82
CA GLN A 69 0.40 -11.39 -14.64
C GLN A 69 0.44 -9.99 -15.30
N ASN A 70 -0.74 -9.34 -15.38
CA ASN A 70 -0.87 -7.96 -15.90
C ASN A 70 -0.63 -6.92 -14.78
N ILE A 71 -0.70 -7.35 -13.51
CA ILE A 71 -0.40 -6.47 -12.36
C ILE A 71 1.04 -6.73 -11.90
N LYS A 72 1.68 -5.68 -11.34
CA LYS A 72 3.01 -5.78 -10.73
C LYS A 72 3.04 -4.90 -9.46
N ILE A 73 3.48 -5.53 -8.34
CA ILE A 73 3.67 -4.85 -7.06
C ILE A 73 5.11 -4.27 -7.00
N GLN A 74 5.23 -2.94 -6.90
CA GLN A 74 6.54 -2.26 -6.74
C GLN A 74 6.57 -1.57 -5.36
N LYS A 75 7.54 -1.92 -4.53
CA LYS A 75 7.70 -1.34 -3.18
C LYS A 75 8.97 -0.49 -3.15
N LYS A 76 8.84 0.68 -2.51
CA LYS A 76 9.87 1.73 -2.46
C LYS A 76 10.12 2.15 -0.99
N PRO A 77 11.23 2.90 -0.68
CA PRO A 77 11.44 3.50 0.66
C PRO A 77 10.21 4.30 1.17
N GLY A 78 9.55 3.78 2.20
CA GLY A 78 8.47 4.48 2.91
C GLY A 78 7.11 4.48 2.19
N LYS A 79 7.00 3.72 1.08
CA LYS A 79 5.81 3.73 0.19
C LYS A 79 5.78 2.49 -0.73
N SER A 80 4.73 2.39 -1.55
CA SER A 80 4.52 1.29 -2.50
C SER A 80 3.45 1.72 -3.52
N GLU A 81 3.51 1.16 -4.74
CA GLU A 81 2.51 1.41 -5.79
C GLU A 81 2.10 0.09 -6.45
N LEU A 82 0.81 0.00 -6.82
CA LEU A 82 0.25 -1.16 -7.51
C LEU A 82 -0.02 -0.76 -8.97
N ARG A 83 0.88 -1.15 -9.87
CA ARG A 83 0.69 -0.92 -11.31
C ARG A 83 -0.17 -2.04 -11.91
N ILE A 84 -1.47 -1.76 -12.00
CA ILE A 84 -2.43 -2.61 -12.70
C ILE A 84 -2.35 -2.28 -14.21
N ASN A 85 -1.49 -3.00 -14.93
CA ASN A 85 -1.28 -2.79 -16.38
C ASN A 85 -2.35 -3.61 -17.12
N LYS A 86 -2.90 -3.07 -18.23
CA LYS A 86 -3.88 -3.79 -19.09
C LYS A 86 -5.12 -4.23 -18.27
N ALA A 87 -5.60 -3.33 -17.40
CA ALA A 87 -6.69 -3.61 -16.44
C ALA A 87 -8.00 -4.02 -17.15
N SER A 88 -8.41 -5.27 -16.94
CA SER A 88 -9.66 -5.84 -17.47
C SER A 88 -10.80 -5.67 -16.45
N LEU A 89 -12.00 -6.14 -16.84
CA LEU A 89 -13.19 -6.14 -15.96
C LEU A 89 -12.99 -7.07 -14.76
N ALA A 90 -12.07 -8.05 -14.92
CA ALA A 90 -11.64 -8.94 -13.85
C ALA A 90 -10.79 -8.18 -12.81
N ASP A 91 -10.03 -7.17 -13.27
CA ASP A 91 -9.20 -6.30 -12.39
C ASP A 91 -10.04 -5.23 -11.68
N SER A 92 -11.31 -5.12 -12.05
CA SER A 92 -12.27 -4.28 -11.33
C SER A 92 -12.65 -4.97 -10.01
N GLY A 93 -12.48 -4.24 -8.90
CA GLY A 93 -12.81 -4.73 -7.57
C GLY A 93 -12.39 -3.76 -6.49
N GLU A 94 -12.62 -4.14 -5.23
CA GLU A 94 -12.13 -3.40 -4.06
C GLU A 94 -10.62 -3.67 -3.90
N TYR A 95 -9.86 -2.66 -3.47
CA TYR A 95 -8.41 -2.80 -3.19
C TYR A 95 -8.07 -2.13 -1.86
N MET A 96 -6.97 -2.58 -1.22
CA MET A 96 -6.50 -2.01 0.04
C MET A 96 -5.00 -2.27 0.21
N CYS A 97 -4.25 -1.23 0.58
CA CYS A 97 -2.86 -1.38 1.03
C CYS A 97 -2.83 -1.29 2.55
N LYS A 98 -1.92 -2.02 3.18
CA LYS A 98 -1.67 -1.94 4.64
C LYS A 98 -0.21 -1.66 4.88
N VAL A 99 0.06 -0.73 5.80
CA VAL A 99 1.40 -0.45 6.29
C VAL A 99 1.57 -1.14 7.68
N ILE A 100 2.53 -2.08 7.75
CA ILE A 100 2.84 -2.85 8.95
C ILE A 100 4.18 -2.35 9.53
N SER A 101 4.22 -2.11 10.85
CA SER A 101 5.45 -1.70 11.55
C SER A 101 5.34 -2.07 13.03
N LYS A 102 6.43 -1.79 13.75
CA LYS A 102 6.51 -1.96 15.21
C LYS A 102 5.84 -0.77 15.93
N LEU A 103 5.62 0.33 15.18
CA LEU A 103 4.96 1.54 15.69
C LEU A 103 3.43 1.33 15.72
N GLY A 104 2.92 0.66 14.69
CA GLY A 104 1.50 0.37 14.56
C GLY A 104 1.12 -0.09 13.16
N ASN A 105 -0.18 -0.05 12.85
CA ASN A 105 -0.71 -0.48 11.54
C ASN A 105 -1.81 0.49 11.07
N ASP A 106 -1.93 0.65 9.75
CA ASP A 106 -3.00 1.45 9.12
C ASP A 106 -3.28 0.92 7.70
N SER A 107 -4.44 1.27 7.14
CA SER A 107 -4.85 0.82 5.81
C SER A 107 -5.57 1.93 5.04
N ALA A 108 -5.42 1.92 3.71
CA ALA A 108 -6.16 2.81 2.79
C ALA A 108 -6.85 1.94 1.73
N SER A 109 -8.11 2.26 1.41
CA SER A 109 -8.92 1.47 0.47
C SER A 109 -9.12 2.26 -0.84
N ALA A 110 -9.32 1.54 -1.96
CA ALA A 110 -9.47 2.13 -3.31
C ALA A 110 -10.42 1.29 -4.16
N ASN A 111 -11.57 1.88 -4.52
CA ASN A 111 -12.57 1.22 -5.37
C ASN A 111 -12.15 1.37 -6.84
N ILE A 112 -11.61 0.30 -7.42
CA ILE A 112 -11.21 0.29 -8.85
C ILE A 112 -12.35 -0.27 -9.71
N THR A 113 -12.97 0.62 -10.49
CA THR A 113 -14.06 0.26 -11.42
C THR A 113 -13.49 0.28 -12.84
N ILE A 114 -13.52 -0.86 -13.52
CA ILE A 114 -13.04 -0.97 -14.90
C ILE A 114 -14.25 -1.34 -15.76
N VAL A 115 -14.54 -0.51 -16.79
CA VAL A 115 -15.72 -0.69 -17.64
C VAL A 115 -15.30 -0.77 -19.12
N GLU A 116 -16.16 -1.39 -19.95
CA GLU A 116 -16.00 -1.37 -21.40
C GLU A 116 -16.43 -0.01 -21.94
N SER A 117 -15.45 0.78 -22.38
CA SER A 117 -15.66 2.11 -22.97
C SER A 117 -15.34 2.06 -24.47
N ASN A 118 -16.41 2.05 -25.29
CA ASN A 118 -16.32 1.86 -26.75
C ASN A 118 -16.10 3.20 -27.47
N MET A 1 23.17 -32.62 6.96
CA MET A 1 22.23 -31.52 6.67
C MET A 1 22.80 -30.18 7.15
N HIS A 2 22.25 -29.07 6.61
CA HIS A 2 22.67 -27.69 6.93
C HIS A 2 21.43 -26.82 7.10
N HIS A 3 20.95 -26.70 8.35
CA HIS A 3 19.81 -25.87 8.71
C HIS A 3 20.13 -25.13 10.01
N HIS A 4 20.48 -23.85 9.88
CA HIS A 4 20.74 -22.95 11.02
C HIS A 4 19.44 -22.27 11.49
N HIS A 5 19.51 -21.65 12.68
CA HIS A 5 18.38 -20.90 13.26
C HIS A 5 18.26 -19.50 12.63
N HIS A 6 17.04 -18.96 12.62
CA HIS A 6 16.75 -17.60 12.15
C HIS A 6 17.00 -16.61 13.28
N HIS A 7 17.75 -15.54 13.00
CA HIS A 7 18.12 -14.51 13.98
C HIS A 7 16.87 -13.70 14.37
N SER A 8 16.19 -14.14 15.44
CA SER A 8 14.93 -13.56 15.92
C SER A 8 15.19 -12.20 16.59
N SER A 9 14.76 -11.11 15.93
CA SER A 9 14.95 -9.74 16.41
C SER A 9 14.03 -9.45 17.62
N GLY A 10 14.51 -9.85 18.81
CA GLY A 10 13.84 -9.54 20.08
C GLY A 10 14.25 -8.17 20.62
N ARG A 11 13.88 -7.90 21.88
CA ARG A 11 14.17 -6.61 22.57
C ARG A 11 13.54 -5.45 21.78
N GLU A 12 12.20 -5.46 21.72
CA GLU A 12 11.41 -4.52 20.92
C GLU A 12 11.30 -3.14 21.61
N ASN A 13 12.31 -2.27 21.34
CA ASN A 13 12.37 -0.90 21.89
C ASN A 13 11.17 -0.07 21.38
N LEU A 14 10.51 0.64 22.29
CA LEU A 14 9.25 1.36 22.01
C LEU A 14 9.33 2.77 22.60
N TYR A 15 8.40 3.64 22.15
CA TYR A 15 8.23 5.01 22.63
C TYR A 15 9.42 5.90 22.26
N PHE A 16 9.24 6.73 21.22
CA PHE A 16 10.28 7.65 20.70
C PHE A 16 9.71 9.08 20.67
N GLN A 17 9.70 9.72 21.86
CA GLN A 17 9.21 11.12 22.07
C GLN A 17 7.69 11.25 21.78
N GLY A 18 7.33 11.31 20.49
CA GLY A 18 5.94 11.36 20.04
C GLY A 18 5.80 10.67 18.70
N ALA A 19 6.35 9.45 18.60
CA ALA A 19 6.38 8.64 17.37
C ALA A 19 4.97 8.13 17.03
N LEU A 20 4.40 8.72 15.96
CA LEU A 20 3.01 8.46 15.53
C LEU A 20 2.96 7.33 14.49
N PRO A 21 1.87 6.47 14.49
CA PRO A 21 1.66 5.42 13.44
C PRO A 21 1.70 5.97 11.99
N PRO A 22 2.08 5.12 10.97
CA PRO A 22 2.20 5.55 9.57
C PRO A 22 0.84 5.52 8.84
N ARG A 23 0.19 6.69 8.72
CA ARG A 23 -1.12 6.79 8.04
C ARG A 23 -0.94 6.75 6.52
N LEU A 24 -1.45 5.68 5.89
CA LEU A 24 -1.37 5.48 4.44
C LEU A 24 -2.19 6.54 3.69
N LYS A 25 -1.47 7.44 2.99
CA LYS A 25 -2.04 8.46 2.12
C LYS A 25 -3.07 7.84 1.17
N GLU A 26 -4.34 8.30 1.30
CA GLU A 26 -5.52 7.70 0.66
C GLU A 26 -5.31 7.51 -0.85
N MET A 27 -5.28 6.23 -1.28
CA MET A 27 -5.33 5.86 -2.69
C MET A 27 -6.79 6.04 -3.17
N LYS A 28 -6.95 6.78 -4.27
CA LYS A 28 -8.28 7.17 -4.77
C LYS A 28 -9.05 5.97 -5.37
N SER A 29 -10.36 5.92 -5.07
CA SER A 29 -11.31 5.06 -5.78
C SER A 29 -11.44 5.57 -7.23
N GLN A 30 -10.77 4.88 -8.16
CA GLN A 30 -10.61 5.37 -9.53
C GLN A 30 -11.40 4.48 -10.51
N GLU A 31 -12.17 5.14 -11.38
CA GLU A 31 -12.90 4.48 -12.48
C GLU A 31 -12.22 4.83 -13.81
N SER A 32 -12.08 3.82 -14.69
CA SER A 32 -11.44 4.00 -15.99
C SER A 32 -11.89 2.88 -16.96
N ALA A 33 -11.49 3.02 -18.23
CA ALA A 33 -11.84 2.06 -19.29
C ALA A 33 -10.96 0.79 -19.22
N ALA A 34 -11.46 -0.29 -19.85
CA ALA A 34 -10.74 -1.57 -19.95
C ALA A 34 -9.54 -1.46 -20.90
N GLY A 35 -8.32 -1.72 -20.37
CA GLY A 35 -7.07 -1.55 -21.13
C GLY A 35 -6.22 -0.37 -20.62
N SER A 36 -6.70 0.32 -19.56
CA SER A 36 -5.99 1.46 -18.95
C SER A 36 -5.11 1.02 -17.77
N LYS A 37 -3.92 1.65 -17.58
CA LYS A 37 -3.06 1.39 -16.41
C LYS A 37 -3.50 2.28 -15.23
N LEU A 38 -4.00 1.67 -14.13
CA LEU A 38 -4.35 2.39 -12.89
C LEU A 38 -3.31 2.04 -11.81
N VAL A 39 -2.52 3.03 -11.42
CA VAL A 39 -1.41 2.86 -10.45
C VAL A 39 -1.83 3.38 -9.08
N LEU A 40 -1.81 2.50 -8.07
CA LEU A 40 -2.14 2.83 -6.68
C LEU A 40 -0.86 3.09 -5.90
N ARG A 41 -0.64 4.33 -5.48
CA ARG A 41 0.59 4.73 -4.77
C ARG A 41 0.29 4.77 -3.27
N CYS A 42 0.51 3.64 -2.60
CA CYS A 42 0.31 3.53 -1.15
C CYS A 42 1.56 4.04 -0.43
N GLU A 43 1.47 5.28 0.07
CA GLU A 43 2.57 5.95 0.76
C GLU A 43 2.21 6.12 2.23
N THR A 44 3.21 6.26 3.08
CA THR A 44 3.01 6.64 4.49
C THR A 44 3.00 8.16 4.62
N SER A 45 2.28 8.67 5.63
CA SER A 45 2.22 10.11 5.95
C SER A 45 3.61 10.64 6.34
N SER A 46 4.36 9.80 7.05
CA SER A 46 5.74 10.07 7.45
C SER A 46 6.58 8.82 7.23
N GLU A 47 7.82 8.99 6.74
CA GLU A 47 8.74 7.88 6.43
C GLU A 47 9.34 7.28 7.73
N TYR A 48 9.37 5.94 7.81
CA TYR A 48 9.99 5.18 8.91
C TYR A 48 10.86 4.07 8.34
N SER A 49 11.65 3.41 9.19
CA SER A 49 12.52 2.31 8.78
C SER A 49 11.72 1.00 8.67
N SER A 50 11.02 0.63 9.76
CA SER A 50 10.13 -0.55 9.76
C SER A 50 8.81 -0.20 9.06
N LEU A 51 8.74 -0.49 7.75
CA LEU A 51 7.51 -0.32 6.94
C LEU A 51 7.32 -1.57 6.06
N ARG A 52 6.21 -2.31 6.26
CA ARG A 52 5.89 -3.54 5.50
C ARG A 52 4.58 -3.32 4.74
N PHE A 53 4.68 -3.02 3.43
CA PHE A 53 3.52 -2.73 2.58
C PHE A 53 2.99 -4.03 1.95
N LYS A 54 1.79 -4.43 2.35
CA LYS A 54 1.11 -5.64 1.88
C LYS A 54 -0.15 -5.22 1.12
N TRP A 55 -0.34 -5.74 -0.10
CA TRP A 55 -1.52 -5.40 -0.92
C TRP A 55 -2.61 -6.47 -0.80
N PHE A 56 -3.85 -6.04 -1.03
CA PHE A 56 -5.08 -6.83 -0.85
C PHE A 56 -6.11 -6.43 -1.91
N LYS A 57 -7.09 -7.30 -2.13
CA LYS A 57 -8.21 -7.06 -3.06
C LYS A 57 -9.37 -7.99 -2.67
N ASN A 58 -10.52 -7.39 -2.27
CA ASN A 58 -11.76 -8.12 -1.90
C ASN A 58 -11.51 -9.06 -0.70
N GLY A 59 -10.55 -8.67 0.16
CA GLY A 59 -10.16 -9.44 1.34
C GLY A 59 -9.04 -10.46 1.08
N ASN A 60 -8.69 -10.66 -0.19
CA ASN A 60 -7.66 -11.63 -0.61
C ASN A 60 -6.30 -10.92 -0.71
N GLU A 61 -5.27 -11.47 -0.05
CA GLU A 61 -3.90 -10.92 -0.12
C GLU A 61 -3.37 -11.02 -1.55
N LEU A 62 -3.04 -9.87 -2.18
CA LEU A 62 -2.37 -9.85 -3.48
C LEU A 62 -0.94 -10.37 -3.28
N ASN A 63 -0.83 -11.69 -3.46
CA ASN A 63 0.40 -12.45 -3.30
C ASN A 63 0.98 -12.69 -4.70
N ARG A 64 2.10 -13.42 -4.81
CA ARG A 64 2.66 -13.80 -6.14
C ARG A 64 1.71 -14.80 -6.84
N LYS A 65 1.10 -15.68 -6.04
CA LYS A 65 0.11 -16.67 -6.55
C LYS A 65 -1.24 -15.99 -6.93
N ASN A 66 -1.62 -14.94 -6.16
CA ASN A 66 -2.93 -14.26 -6.30
C ASN A 66 -2.84 -13.02 -7.21
N LYS A 67 -1.73 -12.89 -7.94
CA LYS A 67 -1.46 -11.73 -8.82
C LYS A 67 -1.60 -12.15 -10.29
N PRO A 68 -2.48 -11.46 -11.10
CA PRO A 68 -2.45 -11.59 -12.57
C PRO A 68 -1.16 -10.91 -13.12
N GLN A 69 -0.67 -11.39 -14.26
CA GLN A 69 0.62 -10.94 -14.84
C GLN A 69 0.56 -9.47 -15.28
N ASN A 70 -0.65 -8.93 -15.49
CA ASN A 70 -0.87 -7.53 -15.90
C ASN A 70 -0.78 -6.57 -14.68
N ILE A 71 -0.87 -7.10 -13.46
CA ILE A 71 -0.68 -6.35 -12.20
C ILE A 71 0.72 -6.66 -11.65
N LYS A 72 1.34 -5.67 -10.96
CA LYS A 72 2.64 -5.87 -10.28
C LYS A 72 2.78 -4.94 -9.07
N ILE A 73 3.31 -5.50 -7.96
CA ILE A 73 3.69 -4.74 -6.75
C ILE A 73 5.16 -4.29 -6.91
N GLN A 74 5.42 -2.98 -6.79
CA GLN A 74 6.79 -2.45 -6.73
C GLN A 74 6.95 -1.76 -5.36
N LYS A 75 8.03 -2.09 -4.63
CA LYS A 75 8.27 -1.56 -3.27
C LYS A 75 9.40 -0.53 -3.30
N LYS A 76 9.22 0.52 -2.50
CA LYS A 76 10.15 1.67 -2.41
C LYS A 76 10.39 1.99 -0.91
N PRO A 77 11.52 2.67 -0.54
CA PRO A 77 11.72 3.14 0.86
C PRO A 77 10.69 4.25 1.21
N GLY A 78 9.60 3.86 1.93
CA GLY A 78 8.57 4.82 2.38
C GLY A 78 7.22 4.69 1.65
N LYS A 79 7.17 3.83 0.60
CA LYS A 79 5.91 3.57 -0.15
C LYS A 79 5.98 2.26 -0.95
N SER A 80 4.87 1.94 -1.62
CA SER A 80 4.76 0.84 -2.58
C SER A 80 3.68 1.23 -3.58
N GLU A 81 3.88 0.91 -4.88
CA GLU A 81 2.91 1.23 -5.94
C GLU A 81 2.48 -0.03 -6.70
N LEU A 82 1.16 -0.23 -6.79
CA LEU A 82 0.54 -1.33 -7.52
C LEU A 82 0.19 -0.87 -8.93
N ARG A 83 1.03 -1.23 -9.90
CA ARG A 83 0.75 -0.97 -11.32
C ARG A 83 -0.22 -2.02 -11.86
N ILE A 84 -1.51 -1.65 -11.91
CA ILE A 84 -2.54 -2.44 -12.58
C ILE A 84 -2.51 -2.05 -14.07
N ASN A 85 -1.63 -2.70 -14.82
CA ASN A 85 -1.38 -2.39 -16.24
C ASN A 85 -2.43 -3.09 -17.11
N LYS A 86 -3.07 -2.35 -18.04
CA LYS A 86 -4.14 -2.89 -18.93
C LYS A 86 -5.26 -3.54 -18.09
N ALA A 87 -5.84 -2.72 -17.19
CA ALA A 87 -6.89 -3.16 -16.26
C ALA A 87 -8.19 -3.50 -17.01
N SER A 88 -8.55 -4.78 -16.96
CA SER A 88 -9.84 -5.30 -17.49
C SER A 88 -10.89 -5.35 -16.37
N LEU A 89 -12.06 -5.95 -16.67
CA LEU A 89 -13.15 -6.11 -15.68
C LEU A 89 -12.73 -7.05 -14.53
N ALA A 90 -11.79 -7.98 -14.83
CA ALA A 90 -11.18 -8.88 -13.82
C ALA A 90 -10.30 -8.10 -12.83
N ASP A 91 -9.77 -6.96 -13.31
CA ASP A 91 -8.93 -6.05 -12.52
C ASP A 91 -9.77 -4.96 -11.84
N SER A 92 -11.09 -5.00 -12.05
CA SER A 92 -12.03 -4.18 -11.28
C SER A 92 -12.30 -4.87 -9.93
N GLY A 93 -12.15 -4.12 -8.84
CA GLY A 93 -12.44 -4.60 -7.50
C GLY A 93 -11.98 -3.63 -6.43
N GLU A 94 -12.27 -3.96 -5.16
CA GLU A 94 -11.85 -3.15 -4.01
C GLU A 94 -10.44 -3.56 -3.59
N TYR A 95 -9.46 -2.72 -3.90
CA TYR A 95 -8.07 -2.92 -3.50
C TYR A 95 -7.79 -2.25 -2.14
N MET A 96 -6.73 -2.71 -1.48
CA MET A 96 -6.27 -2.16 -0.20
C MET A 96 -4.76 -2.40 -0.06
N CYS A 97 -4.12 -1.61 0.79
CA CYS A 97 -2.74 -1.82 1.22
C CYS A 97 -2.67 -1.65 2.75
N LYS A 98 -1.68 -2.30 3.38
CA LYS A 98 -1.44 -2.19 4.84
C LYS A 98 0.03 -1.94 5.09
N VAL A 99 0.34 -0.96 5.94
CA VAL A 99 1.70 -0.75 6.43
C VAL A 99 1.81 -1.34 7.85
N ILE A 100 2.61 -2.40 7.98
CA ILE A 100 2.91 -3.01 9.28
C ILE A 100 4.25 -2.42 9.78
N SER A 101 4.21 -1.68 10.90
CA SER A 101 5.40 -1.07 11.51
C SER A 101 5.43 -1.35 13.01
N LYS A 102 6.55 -1.00 13.65
CA LYS A 102 6.69 -1.08 15.11
C LYS A 102 5.73 -0.10 15.83
N LEU A 103 5.36 1.00 15.14
CA LEU A 103 4.51 2.06 15.70
C LEU A 103 3.02 1.65 15.65
N GLY A 104 2.61 1.00 14.54
CA GLY A 104 1.22 0.58 14.36
C GLY A 104 0.94 0.07 12.95
N ASN A 105 -0.26 -0.50 12.74
CA ASN A 105 -0.70 -0.99 11.42
C ASN A 105 -1.85 -0.12 10.91
N ASP A 106 -1.69 0.45 9.70
CA ASP A 106 -2.72 1.29 9.05
C ASP A 106 -3.05 0.72 7.68
N SER A 107 -4.20 1.10 7.12
CA SER A 107 -4.68 0.61 5.82
C SER A 107 -5.35 1.73 5.00
N ALA A 108 -5.04 1.79 3.69
CA ALA A 108 -5.73 2.67 2.71
C ALA A 108 -6.39 1.80 1.63
N SER A 109 -7.65 2.11 1.27
CA SER A 109 -8.42 1.33 0.31
C SER A 109 -8.76 2.17 -0.93
N ALA A 110 -8.70 1.53 -2.11
CA ALA A 110 -9.05 2.16 -3.39
C ALA A 110 -9.91 1.22 -4.21
N ASN A 111 -11.18 1.61 -4.44
CA ASN A 111 -12.12 0.84 -5.26
C ASN A 111 -11.88 1.16 -6.75
N ILE A 112 -11.21 0.25 -7.46
CA ILE A 112 -10.89 0.39 -8.88
C ILE A 112 -12.05 -0.16 -9.72
N THR A 113 -12.89 0.73 -10.24
CA THR A 113 -14.02 0.37 -11.10
C THR A 113 -13.55 0.42 -12.56
N ILE A 114 -13.73 -0.66 -13.31
CA ILE A 114 -13.38 -0.71 -14.73
C ILE A 114 -14.66 -0.89 -15.56
N VAL A 115 -14.78 -0.07 -16.60
CA VAL A 115 -15.89 -0.09 -17.54
C VAL A 115 -15.35 -0.45 -18.94
N GLU A 116 -16.20 -1.04 -19.78
CA GLU A 116 -15.81 -1.48 -21.14
C GLU A 116 -15.89 -0.29 -22.11
N SER A 117 -14.76 0.02 -22.74
CA SER A 117 -14.68 1.08 -23.76
C SER A 117 -15.23 0.55 -25.09
N ASN A 118 -16.42 1.05 -25.50
CA ASN A 118 -17.03 0.72 -26.80
C ASN A 118 -16.20 1.37 -27.95
N MET A 1 25.82 14.06 -2.66
CA MET A 1 26.43 12.91 -1.98
C MET A 1 26.27 13.05 -0.45
N HIS A 2 25.19 12.47 0.08
CA HIS A 2 24.89 12.49 1.53
C HIS A 2 25.62 11.37 2.28
N HIS A 3 25.93 11.60 3.56
CA HIS A 3 26.41 10.55 4.48
C HIS A 3 25.77 10.77 5.85
N HIS A 4 24.91 9.83 6.27
CA HIS A 4 24.19 9.90 7.54
C HIS A 4 25.18 9.67 8.70
N HIS A 5 25.40 10.73 9.50
CA HIS A 5 26.35 10.74 10.62
C HIS A 5 25.68 10.26 11.93
N HIS A 6 24.92 9.15 11.82
CA HIS A 6 24.18 8.55 12.94
C HIS A 6 24.53 7.05 13.03
N HIS A 7 24.47 6.50 14.25
CA HIS A 7 24.64 5.07 14.50
C HIS A 7 23.94 4.72 15.83
N SER A 8 22.61 4.55 15.74
CA SER A 8 21.77 4.18 16.88
C SER A 8 21.57 2.66 16.91
N SER A 9 21.98 2.01 18.03
CA SER A 9 21.80 0.56 18.21
C SER A 9 20.30 0.21 18.36
N GLY A 10 19.87 -0.88 17.67
CA GLY A 10 18.44 -1.26 17.59
C GLY A 10 17.96 -2.01 18.83
N ARG A 11 17.93 -1.30 19.95
CA ARG A 11 17.53 -1.85 21.25
C ARG A 11 16.10 -1.42 21.61
N GLU A 12 15.63 -1.86 22.79
CA GLU A 12 14.36 -1.42 23.39
C GLU A 12 14.53 -0.06 24.09
N ASN A 13 13.48 0.38 24.83
CA ASN A 13 13.43 1.70 25.48
C ASN A 13 13.35 2.78 24.38
N LEU A 14 12.12 3.16 23.99
CA LEU A 14 11.87 4.06 22.85
C LEU A 14 12.55 5.43 23.03
N TYR A 15 13.68 5.58 22.31
CA TYR A 15 14.48 6.82 22.26
C TYR A 15 13.67 7.95 21.60
N PHE A 16 12.80 7.54 20.67
CA PHE A 16 11.82 8.40 20.01
C PHE A 16 10.60 8.58 20.95
N GLN A 17 10.78 9.45 21.98
CA GLN A 17 9.76 9.68 23.01
C GLN A 17 8.57 10.47 22.42
N GLY A 18 7.48 9.75 22.14
CA GLY A 18 6.30 10.33 21.49
C GLY A 18 6.32 10.05 19.99
N ALA A 19 6.69 8.80 19.63
CA ALA A 19 6.75 8.33 18.24
C ALA A 19 5.34 8.00 17.72
N LEU A 20 5.05 8.41 16.46
CA LEU A 20 3.72 8.28 15.86
C LEU A 20 3.64 7.02 14.97
N PRO A 21 2.41 6.42 14.81
CA PRO A 21 2.19 5.24 13.93
C PRO A 21 2.30 5.62 12.42
N PRO A 22 2.38 4.61 11.49
CA PRO A 22 2.37 4.87 10.03
C PRO A 22 0.99 5.38 9.57
N ARG A 23 0.97 6.25 8.54
CA ARG A 23 -0.27 6.89 8.07
C ARG A 23 -0.23 7.00 6.54
N LEU A 24 -1.01 6.16 5.85
CA LEU A 24 -1.16 6.16 4.39
C LEU A 24 -2.04 7.31 3.92
N LYS A 25 -1.97 7.62 2.62
CA LYS A 25 -2.84 8.63 1.99
C LYS A 25 -4.08 7.94 1.39
N GLU A 26 -5.16 8.74 1.18
CA GLU A 26 -6.44 8.22 0.70
C GLU A 26 -6.28 7.60 -0.72
N MET A 27 -6.40 6.28 -0.76
CA MET A 27 -6.44 5.51 -2.00
C MET A 27 -7.80 5.73 -2.67
N LYS A 28 -7.82 6.60 -3.68
CA LYS A 28 -9.05 7.06 -4.34
C LYS A 28 -9.68 5.96 -5.21
N SER A 29 -11.01 5.89 -5.17
CA SER A 29 -11.81 5.00 -6.03
C SER A 29 -11.72 5.50 -7.48
N GLN A 30 -11.28 4.62 -8.40
CA GLN A 30 -10.98 5.04 -9.77
C GLN A 30 -11.65 4.12 -10.79
N GLU A 31 -12.37 4.73 -11.75
CA GLU A 31 -12.91 4.05 -12.93
C GLU A 31 -12.05 4.39 -14.15
N SER A 32 -11.74 3.38 -14.98
CA SER A 32 -10.99 3.59 -16.22
C SER A 32 -11.30 2.47 -17.23
N ALA A 33 -10.85 2.66 -18.49
CA ALA A 33 -11.15 1.75 -19.60
C ALA A 33 -10.28 0.48 -19.56
N ALA A 34 -10.77 -0.59 -20.21
CA ALA A 34 -10.04 -1.85 -20.37
C ALA A 34 -8.83 -1.65 -21.29
N GLY A 35 -7.61 -1.84 -20.73
CA GLY A 35 -6.36 -1.58 -21.45
C GLY A 35 -5.61 -0.37 -20.90
N SER A 36 -6.28 0.44 -20.07
CA SER A 36 -5.66 1.61 -19.40
C SER A 36 -4.91 1.18 -18.12
N LYS A 37 -3.77 1.84 -17.83
CA LYS A 37 -2.99 1.58 -16.59
C LYS A 37 -3.57 2.39 -15.43
N LEU A 38 -3.72 1.77 -14.25
CA LEU A 38 -4.12 2.45 -13.00
C LEU A 38 -3.00 2.29 -11.96
N VAL A 39 -2.64 3.37 -11.27
CA VAL A 39 -1.61 3.36 -10.22
C VAL A 39 -2.26 3.71 -8.87
N LEU A 40 -2.33 2.72 -7.97
CA LEU A 40 -2.74 2.92 -6.59
C LEU A 40 -1.50 3.20 -5.74
N ARG A 41 -1.48 4.37 -5.09
CA ARG A 41 -0.31 4.82 -4.30
C ARG A 41 -0.53 4.48 -2.83
N CYS A 42 0.52 3.98 -2.17
CA CYS A 42 0.49 3.64 -0.75
C CYS A 42 1.89 3.87 -0.16
N GLU A 43 2.03 4.97 0.56
CA GLU A 43 3.23 5.32 1.32
C GLU A 43 2.82 6.21 2.50
N THR A 44 3.73 6.37 3.47
CA THR A 44 3.42 7.07 4.73
C THR A 44 3.75 8.57 4.65
N SER A 45 3.02 9.37 5.45
CA SER A 45 3.25 10.82 5.60
C SER A 45 4.66 11.10 6.15
N SER A 46 5.02 10.37 7.21
CA SER A 46 6.37 10.40 7.78
C SER A 46 7.06 9.09 7.38
N GLU A 47 8.15 9.19 6.60
CA GLU A 47 8.86 8.03 6.03
C GLU A 47 9.66 7.30 7.13
N TYR A 48 9.08 6.21 7.65
CA TYR A 48 9.75 5.36 8.64
C TYR A 48 10.54 4.24 7.93
N SER A 49 11.19 3.39 8.72
CA SER A 49 11.94 2.23 8.21
C SER A 49 11.17 0.93 8.53
N SER A 50 11.36 -0.10 7.67
CA SER A 50 10.70 -1.42 7.79
C SER A 50 9.17 -1.30 7.60
N LEU A 51 8.78 -0.47 6.62
CA LEU A 51 7.37 -0.29 6.23
C LEU A 51 6.97 -1.41 5.25
N ARG A 52 6.16 -2.35 5.76
CA ARG A 52 5.79 -3.59 5.04
C ARG A 52 4.38 -3.42 4.46
N PHE A 53 4.29 -3.12 3.17
CA PHE A 53 3.02 -2.82 2.51
C PHE A 53 2.37 -4.11 1.95
N LYS A 54 1.15 -4.40 2.41
CA LYS A 54 0.32 -5.52 1.94
C LYS A 54 -0.90 -4.95 1.23
N TRP A 55 -1.35 -5.65 0.18
CA TRP A 55 -2.46 -5.19 -0.65
C TRP A 55 -3.52 -6.29 -0.72
N PHE A 56 -4.81 -5.91 -0.62
CA PHE A 56 -5.92 -6.86 -0.54
C PHE A 56 -6.98 -6.52 -1.60
N LYS A 57 -7.15 -7.43 -2.58
CA LYS A 57 -8.16 -7.29 -3.64
C LYS A 57 -9.38 -8.12 -3.23
N ASN A 58 -10.47 -7.43 -2.85
CA ASN A 58 -11.70 -8.04 -2.26
C ASN A 58 -11.38 -8.73 -0.92
N GLY A 59 -10.33 -8.21 -0.23
CA GLY A 59 -9.87 -8.77 1.06
C GLY A 59 -8.84 -9.89 0.91
N ASN A 60 -8.59 -10.31 -0.35
CA ASN A 60 -7.61 -11.38 -0.64
C ASN A 60 -6.21 -10.76 -0.78
N GLU A 61 -5.29 -11.15 0.12
CA GLU A 61 -3.91 -10.66 0.15
C GLU A 61 -3.18 -11.02 -1.16
N LEU A 62 -2.95 -10.01 -2.03
CA LEU A 62 -2.21 -10.18 -3.27
C LEU A 62 -0.71 -10.39 -2.98
N ASN A 63 -0.35 -11.66 -2.82
CA ASN A 63 1.03 -12.14 -2.93
C ASN A 63 1.36 -12.28 -4.43
N ARG A 64 2.58 -12.67 -4.80
CA ARG A 64 2.99 -12.73 -6.23
C ARG A 64 2.18 -13.81 -6.99
N LYS A 65 1.94 -14.96 -6.33
CA LYS A 65 1.12 -16.05 -6.87
C LYS A 65 -0.38 -15.67 -6.89
N ASN A 66 -0.79 -14.94 -5.83
CA ASN A 66 -2.21 -14.55 -5.61
C ASN A 66 -2.63 -13.39 -6.53
N LYS A 67 -1.65 -12.83 -7.25
CA LYS A 67 -1.81 -11.63 -8.06
C LYS A 67 -1.95 -11.98 -9.56
N PRO A 68 -2.84 -11.28 -10.32
CA PRO A 68 -2.88 -11.39 -11.81
C PRO A 68 -1.59 -10.83 -12.46
N GLN A 69 -1.27 -11.35 -13.65
CA GLN A 69 -0.01 -11.02 -14.37
C GLN A 69 0.07 -9.54 -14.81
N ASN A 70 -1.11 -8.92 -15.05
CA ASN A 70 -1.18 -7.52 -15.53
C ASN A 70 -0.91 -6.52 -14.39
N ILE A 71 -1.03 -6.99 -13.14
CA ILE A 71 -0.75 -6.18 -11.94
C ILE A 71 0.65 -6.51 -11.41
N LYS A 72 1.34 -5.48 -10.90
CA LYS A 72 2.63 -5.64 -10.22
C LYS A 72 2.84 -4.46 -9.25
N ILE A 73 3.36 -4.77 -8.05
CA ILE A 73 3.65 -3.78 -6.99
C ILE A 73 5.16 -3.52 -6.98
N GLN A 74 5.55 -2.27 -7.24
CA GLN A 74 6.95 -1.83 -7.11
C GLN A 74 7.16 -1.27 -5.68
N LYS A 75 7.71 -2.12 -4.82
CA LYS A 75 7.88 -1.85 -3.41
C LYS A 75 9.25 -1.22 -3.15
N LYS A 76 9.26 0.12 -3.16
CA LYS A 76 10.47 0.95 -2.97
C LYS A 76 10.65 1.29 -1.46
N PRO A 77 11.83 1.86 -1.03
CA PRO A 77 12.04 2.33 0.39
C PRO A 77 10.90 3.24 0.92
N GLY A 78 10.00 2.63 1.72
CA GLY A 78 8.86 3.34 2.32
C GLY A 78 7.76 3.69 1.32
N LYS A 79 7.75 3.00 0.16
CA LYS A 79 6.76 3.21 -0.93
C LYS A 79 6.27 1.83 -1.45
N SER A 80 5.04 1.79 -1.96
CA SER A 80 4.50 0.66 -2.76
C SER A 80 3.35 1.17 -3.63
N GLU A 81 3.49 1.04 -4.96
CA GLU A 81 2.41 1.35 -5.90
C GLU A 81 1.95 0.06 -6.58
N LEU A 82 0.65 -0.24 -6.47
CA LEU A 82 0.03 -1.35 -7.18
C LEU A 82 -0.42 -0.83 -8.54
N ARG A 83 0.41 -1.10 -9.56
CA ARG A 83 0.21 -0.60 -10.91
C ARG A 83 -0.44 -1.69 -11.76
N ILE A 84 -1.76 -1.53 -11.97
CA ILE A 84 -2.56 -2.36 -12.88
C ILE A 84 -2.26 -1.95 -14.33
N ASN A 85 -1.29 -2.60 -14.96
CA ASN A 85 -0.90 -2.29 -16.34
C ASN A 85 -1.84 -3.04 -17.29
N LYS A 86 -2.49 -2.29 -18.19
CA LYS A 86 -3.55 -2.80 -19.08
C LYS A 86 -4.65 -3.52 -18.28
N ALA A 87 -5.44 -2.70 -17.57
CA ALA A 87 -6.51 -3.17 -16.69
C ALA A 87 -7.59 -3.96 -17.43
N SER A 88 -7.76 -5.23 -17.05
CA SER A 88 -8.86 -6.06 -17.52
C SER A 88 -10.10 -5.81 -16.64
N LEU A 89 -11.28 -6.27 -17.09
CA LEU A 89 -12.53 -6.16 -16.30
C LEU A 89 -12.46 -7.00 -15.01
N ALA A 90 -11.51 -7.95 -14.97
CA ALA A 90 -11.25 -8.82 -13.80
C ALA A 90 -10.57 -8.05 -12.64
N ASP A 91 -10.18 -6.79 -12.90
CA ASP A 91 -9.56 -5.91 -11.88
C ASP A 91 -10.59 -5.00 -11.20
N SER A 92 -11.89 -5.19 -11.52
CA SER A 92 -12.98 -4.48 -10.84
C SER A 92 -13.18 -5.07 -9.42
N GLY A 93 -12.80 -4.30 -8.40
CA GLY A 93 -12.91 -4.72 -7.01
C GLY A 93 -12.26 -3.72 -6.06
N GLU A 94 -12.41 -3.95 -4.75
CA GLU A 94 -11.91 -3.01 -3.73
C GLU A 94 -10.52 -3.44 -3.24
N TYR A 95 -9.49 -2.68 -3.66
CA TYR A 95 -8.10 -2.90 -3.23
C TYR A 95 -7.82 -2.13 -1.93
N MET A 96 -7.07 -2.75 -1.01
CA MET A 96 -6.74 -2.15 0.29
C MET A 96 -5.25 -2.34 0.61
N CYS A 97 -4.48 -1.25 0.66
CA CYS A 97 -3.06 -1.32 1.09
C CYS A 97 -2.98 -1.28 2.62
N LYS A 98 -1.86 -1.76 3.18
CA LYS A 98 -1.73 -2.03 4.62
C LYS A 98 -0.26 -1.91 5.02
N VAL A 99 0.10 -0.88 5.79
CA VAL A 99 1.50 -0.67 6.22
C VAL A 99 1.72 -1.23 7.64
N ILE A 100 2.42 -2.38 7.69
CA ILE A 100 2.88 -3.02 8.94
C ILE A 100 4.25 -2.41 9.30
N SER A 101 4.37 -1.88 10.52
CA SER A 101 5.66 -1.35 11.03
C SER A 101 5.76 -1.63 12.52
N LYS A 102 6.92 -1.30 13.10
CA LYS A 102 7.16 -1.40 14.54
C LYS A 102 6.36 -0.35 15.34
N LEU A 103 5.96 0.73 14.64
CA LEU A 103 5.19 1.83 15.24
C LEU A 103 3.68 1.53 15.20
N GLY A 104 3.26 0.59 14.35
CA GLY A 104 1.87 0.13 14.32
C GLY A 104 1.40 -0.26 12.93
N ASN A 105 0.07 -0.20 12.72
CA ASN A 105 -0.57 -0.57 11.44
C ASN A 105 -1.56 0.51 11.00
N ASP A 106 -1.74 0.62 9.67
CA ASP A 106 -2.71 1.53 9.02
C ASP A 106 -3.05 0.97 7.64
N SER A 107 -4.27 1.24 7.16
CA SER A 107 -4.75 0.68 5.88
C SER A 107 -5.77 1.62 5.20
N ALA A 108 -5.72 1.67 3.86
CA ALA A 108 -6.65 2.48 3.04
C ALA A 108 -7.27 1.61 1.94
N SER A 109 -8.58 1.78 1.69
CA SER A 109 -9.33 1.03 0.65
C SER A 109 -9.55 1.91 -0.60
N ALA A 110 -9.83 1.25 -1.74
CA ALA A 110 -10.01 1.92 -3.05
C ALA A 110 -10.93 1.07 -3.93
N ASN A 111 -12.10 1.59 -4.29
CA ASN A 111 -13.05 0.88 -5.17
C ASN A 111 -12.66 1.13 -6.64
N ILE A 112 -12.01 0.12 -7.23
CA ILE A 112 -11.57 0.16 -8.64
C ILE A 112 -12.66 -0.45 -9.52
N THR A 113 -13.10 0.32 -10.51
CA THR A 113 -14.10 -0.08 -11.50
C THR A 113 -13.46 -0.05 -12.89
N ILE A 114 -13.46 -1.18 -13.61
CA ILE A 114 -12.90 -1.22 -14.97
C ILE A 114 -14.06 -1.41 -15.95
N VAL A 115 -14.33 -0.37 -16.73
CA VAL A 115 -15.32 -0.42 -17.83
C VAL A 115 -14.60 -0.70 -19.15
N GLU A 116 -15.37 -1.06 -20.18
CA GLU A 116 -14.87 -1.13 -21.56
C GLU A 116 -15.04 0.24 -22.22
N SER A 117 -14.08 0.63 -23.07
CA SER A 117 -14.21 1.82 -23.91
C SER A 117 -15.07 1.46 -25.13
N ASN A 118 -16.38 1.72 -25.02
CA ASN A 118 -17.39 1.30 -26.01
C ASN A 118 -17.71 2.50 -26.94
N MET A 1 -0.78 5.99 61.75
CA MET A 1 -0.09 6.96 60.87
C MET A 1 1.39 6.57 60.72
N HIS A 2 1.89 6.55 59.47
CA HIS A 2 3.29 6.20 59.15
C HIS A 2 3.74 6.90 57.86
N HIS A 3 5.04 6.78 57.54
CA HIS A 3 5.65 7.32 56.33
C HIS A 3 6.74 6.37 55.83
N HIS A 4 6.92 6.29 54.50
CA HIS A 4 8.01 5.54 53.87
C HIS A 4 8.56 6.39 52.71
N HIS A 5 9.60 7.20 53.00
CA HIS A 5 10.26 8.05 52.00
C HIS A 5 10.93 7.20 50.91
N HIS A 6 10.60 7.47 49.64
CA HIS A 6 11.05 6.67 48.49
C HIS A 6 12.39 7.18 47.97
N HIS A 7 13.06 6.34 47.16
CA HIS A 7 14.30 6.69 46.45
C HIS A 7 14.26 6.06 45.06
N SER A 8 14.12 6.90 44.02
CA SER A 8 14.06 6.45 42.64
C SER A 8 15.43 5.90 42.17
N SER A 9 15.41 5.03 41.14
CA SER A 9 16.63 4.58 40.44
C SER A 9 17.29 5.76 39.70
N GLY A 10 16.45 6.72 39.26
CA GLY A 10 16.89 7.96 38.65
C GLY A 10 16.43 8.10 37.22
N ARG A 11 17.38 8.11 36.27
CA ARG A 11 17.09 8.22 34.84
C ARG A 11 16.77 6.85 34.24
N GLU A 12 15.76 6.83 33.37
CA GLU A 12 15.33 5.64 32.61
C GLU A 12 15.61 5.89 31.11
N ASN A 13 15.73 4.82 30.31
CA ASN A 13 15.93 4.93 28.85
C ASN A 13 14.71 5.62 28.20
N LEU A 14 14.96 6.82 27.67
CA LEU A 14 13.94 7.66 27.01
C LEU A 14 13.42 7.02 25.71
N TYR A 15 12.26 7.52 25.24
CA TYR A 15 11.64 7.15 23.96
C TYR A 15 11.09 8.42 23.30
N PHE A 16 11.01 8.42 21.95
CA PHE A 16 10.49 9.57 21.18
C PHE A 16 8.97 9.66 21.38
N GLN A 17 8.56 10.63 22.20
CA GLN A 17 7.15 10.91 22.47
C GLN A 17 6.55 11.69 21.30
N GLY A 18 5.31 11.33 20.92
CA GLY A 18 4.68 11.88 19.72
C GLY A 18 5.03 11.09 18.47
N ALA A 19 5.43 9.82 18.67
CA ALA A 19 5.65 8.87 17.57
C ALA A 19 4.29 8.27 17.21
N LEU A 20 3.72 8.73 16.08
CA LEU A 20 2.35 8.43 15.67
C LEU A 20 2.28 7.15 14.84
N PRO A 21 1.11 6.43 14.83
CA PRO A 21 0.88 5.25 13.94
C PRO A 21 1.09 5.62 12.44
N PRO A 22 1.58 4.65 11.60
CA PRO A 22 1.96 4.90 10.19
C PRO A 22 0.75 5.05 9.25
N ARG A 23 -0.02 6.14 9.42
CA ARG A 23 -1.29 6.34 8.71
C ARG A 23 -1.06 6.57 7.20
N LEU A 24 -1.51 5.59 6.41
CA LEU A 24 -1.43 5.62 4.94
C LEU A 24 -2.35 6.70 4.35
N LYS A 25 -1.78 7.52 3.48
CA LYS A 25 -2.48 8.58 2.76
C LYS A 25 -3.42 7.96 1.69
N GLU A 26 -4.38 8.78 1.22
CA GLU A 26 -5.52 8.32 0.41
C GLU A 26 -5.10 7.58 -0.87
N MET A 27 -5.49 6.30 -0.95
CA MET A 27 -5.52 5.54 -2.20
C MET A 27 -6.83 5.89 -2.91
N LYS A 28 -6.71 6.72 -3.95
CA LYS A 28 -7.85 7.30 -4.65
C LYS A 28 -8.61 6.23 -5.46
N SER A 29 -9.93 6.13 -5.22
CA SER A 29 -10.84 5.27 -5.98
C SER A 29 -10.95 5.81 -7.43
N GLN A 30 -10.62 4.97 -8.41
CA GLN A 30 -10.48 5.39 -9.82
C GLN A 30 -11.31 4.50 -10.75
N GLU A 31 -12.12 5.13 -11.63
CA GLU A 31 -12.73 4.46 -12.78
C GLU A 31 -11.76 4.55 -13.96
N SER A 32 -11.70 3.49 -14.76
CA SER A 32 -10.78 3.40 -15.91
C SER A 32 -11.42 2.58 -17.03
N ALA A 33 -11.01 2.89 -18.27
CA ALA A 33 -11.36 2.09 -19.44
C ALA A 33 -10.53 0.79 -19.49
N ALA A 34 -10.96 -0.15 -20.36
CA ALA A 34 -10.23 -1.39 -20.61
C ALA A 34 -8.90 -1.11 -21.35
N GLY A 35 -7.85 -1.91 -21.06
CA GLY A 35 -6.52 -1.74 -21.67
C GLY A 35 -5.62 -0.77 -20.90
N SER A 36 -6.24 0.15 -20.14
CA SER A 36 -5.54 1.25 -19.45
C SER A 36 -4.70 0.75 -18.24
N LYS A 37 -3.63 1.51 -17.93
CA LYS A 37 -2.77 1.24 -16.77
C LYS A 37 -3.15 2.17 -15.59
N LEU A 38 -3.54 1.56 -14.46
CA LEU A 38 -3.81 2.29 -13.21
C LEU A 38 -2.59 2.14 -12.29
N VAL A 39 -2.26 3.20 -11.54
CA VAL A 39 -1.17 3.17 -10.55
C VAL A 39 -1.72 3.62 -9.18
N LEU A 40 -1.80 2.66 -8.24
CA LEU A 40 -2.24 2.92 -6.87
C LEU A 40 -1.02 3.23 -6.00
N ARG A 41 -0.89 4.48 -5.57
CA ARG A 41 0.27 4.96 -4.81
C ARG A 41 -0.09 5.07 -3.32
N CYS A 42 0.50 4.18 -2.52
CA CYS A 42 0.26 4.08 -1.08
C CYS A 42 1.57 4.30 -0.32
N GLU A 43 1.51 5.19 0.68
CA GLU A 43 2.65 5.57 1.53
C GLU A 43 2.13 6.27 2.78
N THR A 44 2.98 6.36 3.81
CA THR A 44 2.58 6.85 5.13
C THR A 44 2.72 8.38 5.21
N SER A 45 2.08 8.97 6.23
CA SER A 45 2.09 10.42 6.50
C SER A 45 3.52 10.90 6.81
N SER A 46 4.18 10.16 7.70
CA SER A 46 5.60 10.33 8.00
C SER A 46 6.30 9.00 7.68
N GLU A 47 7.22 9.03 6.70
CA GLU A 47 7.88 7.81 6.19
C GLU A 47 8.96 7.33 7.16
N TYR A 48 8.57 6.41 8.05
CA TYR A 48 9.45 5.84 9.10
C TYR A 48 10.47 4.85 8.47
N SER A 49 11.47 4.43 9.27
CA SER A 49 12.65 3.69 8.79
C SER A 49 12.28 2.34 8.13
N SER A 50 11.47 1.53 8.83
CA SER A 50 11.03 0.22 8.34
C SER A 50 9.51 0.20 8.18
N LEU A 51 9.06 0.25 6.90
CA LEU A 51 7.64 0.20 6.52
C LEU A 51 7.42 -1.00 5.58
N ARG A 52 6.69 -2.01 6.06
CA ARG A 52 6.33 -3.22 5.29
C ARG A 52 4.98 -2.94 4.58
N PHE A 53 4.83 -3.32 3.31
CA PHE A 53 3.59 -3.04 2.53
C PHE A 53 3.01 -4.34 1.92
N LYS A 54 1.72 -4.59 2.19
CA LYS A 54 0.92 -5.67 1.59
C LYS A 54 -0.28 -5.07 0.85
N TRP A 55 -0.88 -5.84 -0.06
CA TRP A 55 -2.06 -5.42 -0.84
C TRP A 55 -3.08 -6.57 -0.85
N PHE A 56 -4.36 -6.24 -0.59
CA PHE A 56 -5.47 -7.20 -0.53
C PHE A 56 -6.59 -6.70 -1.49
N LYS A 57 -6.87 -7.47 -2.55
CA LYS A 57 -7.94 -7.13 -3.51
C LYS A 57 -9.23 -7.86 -3.09
N ASN A 58 -10.22 -7.09 -2.63
CA ASN A 58 -11.52 -7.62 -2.13
C ASN A 58 -11.31 -8.42 -0.83
N GLY A 59 -10.20 -8.12 -0.11
CA GLY A 59 -9.80 -8.87 1.09
C GLY A 59 -8.89 -10.04 0.77
N ASN A 60 -8.74 -10.38 -0.53
CA ASN A 60 -7.90 -11.50 -0.99
C ASN A 60 -6.43 -11.03 -1.05
N GLU A 61 -5.58 -11.56 -0.14
CA GLU A 61 -4.16 -11.21 -0.06
C GLU A 61 -3.43 -11.51 -1.37
N LEU A 62 -2.99 -10.45 -2.07
CA LEU A 62 -2.23 -10.58 -3.31
C LEU A 62 -0.75 -10.91 -2.97
N ASN A 63 -0.47 -12.22 -2.93
CA ASN A 63 0.91 -12.76 -2.96
C ASN A 63 1.42 -12.74 -4.42
N ARG A 64 2.51 -13.45 -4.74
CA ARG A 64 3.07 -13.47 -6.10
C ARG A 64 2.17 -14.30 -7.05
N LYS A 65 1.82 -15.52 -6.61
CA LYS A 65 0.93 -16.43 -7.36
C LYS A 65 -0.53 -15.92 -7.35
N ASN A 66 -0.93 -15.27 -6.24
CA ASN A 66 -2.30 -14.76 -6.05
C ASN A 66 -2.55 -13.51 -6.90
N LYS A 67 -1.49 -12.72 -7.10
CA LYS A 67 -1.49 -11.52 -7.92
C LYS A 67 -1.67 -11.92 -9.39
N PRO A 68 -2.75 -11.46 -10.10
CA PRO A 68 -2.87 -11.63 -11.56
C PRO A 68 -1.64 -11.00 -12.27
N GLN A 69 -1.08 -11.73 -13.25
CA GLN A 69 0.25 -11.42 -13.83
C GLN A 69 0.23 -10.21 -14.79
N ASN A 70 -0.95 -9.57 -14.97
CA ASN A 70 -1.05 -8.27 -15.67
C ASN A 70 -0.85 -7.10 -14.67
N ILE A 71 -1.01 -7.41 -13.37
CA ILE A 71 -0.77 -6.47 -12.27
C ILE A 71 0.62 -6.73 -11.67
N LYS A 72 1.34 -5.65 -11.29
CA LYS A 72 2.67 -5.75 -10.65
C LYS A 72 2.73 -4.79 -9.45
N ILE A 73 3.28 -5.28 -8.32
CA ILE A 73 3.44 -4.50 -7.08
C ILE A 73 4.94 -4.19 -6.87
N GLN A 74 5.26 -2.92 -6.58
CA GLN A 74 6.64 -2.43 -6.44
C GLN A 74 6.77 -1.60 -5.13
N LYS A 75 7.25 -2.27 -4.08
CA LYS A 75 7.54 -1.64 -2.78
C LYS A 75 8.86 -0.86 -2.87
N LYS A 76 8.73 0.46 -2.80
CA LYS A 76 9.85 1.42 -2.95
C LYS A 76 10.18 2.06 -1.57
N PRO A 77 11.31 2.87 -1.43
CA PRO A 77 11.64 3.61 -0.18
C PRO A 77 10.44 4.37 0.46
N GLY A 78 9.88 3.77 1.53
CA GLY A 78 8.80 4.37 2.32
C GLY A 78 7.44 4.40 1.62
N LYS A 79 7.26 3.53 0.60
CA LYS A 79 6.05 3.53 -0.23
C LYS A 79 5.89 2.20 -1.00
N SER A 80 4.79 2.09 -1.76
CA SER A 80 4.53 0.95 -2.64
C SER A 80 3.48 1.35 -3.68
N GLU A 81 3.60 0.82 -4.90
CA GLU A 81 2.66 1.11 -6.00
C GLU A 81 2.17 -0.20 -6.64
N LEU A 82 0.86 -0.26 -6.94
CA LEU A 82 0.23 -1.40 -7.63
C LEU A 82 -0.23 -0.94 -9.01
N ARG A 83 0.52 -1.36 -10.05
CA ARG A 83 0.18 -1.08 -11.45
C ARG A 83 -0.76 -2.15 -12.02
N ILE A 84 -2.03 -1.76 -12.23
CA ILE A 84 -2.98 -2.56 -13.01
C ILE A 84 -2.74 -2.31 -14.50
N ASN A 85 -1.94 -3.16 -15.14
CA ASN A 85 -1.55 -2.99 -16.56
C ASN A 85 -2.51 -3.83 -17.42
N LYS A 86 -3.09 -3.19 -18.45
CA LYS A 86 -4.14 -3.79 -19.31
C LYS A 86 -5.33 -4.26 -18.46
N ALA A 87 -6.03 -3.28 -17.89
CA ALA A 87 -7.18 -3.51 -17.01
C ALA A 87 -8.39 -4.08 -17.78
N SER A 88 -8.90 -5.24 -17.34
CA SER A 88 -10.18 -5.79 -17.83
C SER A 88 -11.25 -5.59 -16.75
N LEU A 89 -12.48 -6.03 -17.04
CA LEU A 89 -13.61 -5.92 -16.09
C LEU A 89 -13.44 -6.87 -14.89
N ALA A 90 -12.48 -7.82 -14.99
CA ALA A 90 -12.10 -8.73 -13.90
C ALA A 90 -11.22 -8.01 -12.85
N ASP A 91 -10.53 -6.91 -13.29
CA ASP A 91 -9.62 -6.11 -12.44
C ASP A 91 -10.38 -5.14 -11.52
N SER A 92 -11.71 -5.07 -11.65
CA SER A 92 -12.55 -4.26 -10.77
C SER A 92 -12.62 -4.90 -9.36
N GLY A 93 -12.32 -4.10 -8.34
CA GLY A 93 -12.38 -4.54 -6.95
C GLY A 93 -11.75 -3.52 -6.02
N GLU A 94 -11.87 -3.76 -4.71
CA GLU A 94 -11.32 -2.86 -3.68
C GLU A 94 -9.90 -3.32 -3.31
N TYR A 95 -8.89 -2.61 -3.84
CA TYR A 95 -7.48 -2.89 -3.52
C TYR A 95 -7.10 -2.12 -2.25
N MET A 96 -6.64 -2.84 -1.23
CA MET A 96 -6.26 -2.24 0.06
C MET A 96 -4.76 -2.44 0.28
N CYS A 97 -4.00 -1.34 0.36
CA CYS A 97 -2.59 -1.40 0.78
C CYS A 97 -2.56 -1.45 2.32
N LYS A 98 -1.49 -1.99 2.89
CA LYS A 98 -1.42 -2.33 4.31
C LYS A 98 0.02 -2.14 4.79
N VAL A 99 0.25 -1.17 5.69
CA VAL A 99 1.59 -0.95 6.26
C VAL A 99 1.68 -1.64 7.63
N ILE A 100 2.88 -2.17 7.91
CA ILE A 100 3.24 -2.81 9.19
C ILE A 100 4.58 -2.20 9.64
N SER A 101 4.67 -1.71 10.89
CA SER A 101 5.90 -1.03 11.38
C SER A 101 6.03 -1.14 12.90
N LYS A 102 7.12 -0.54 13.39
CA LYS A 102 7.42 -0.40 14.83
C LYS A 102 6.29 0.36 15.57
N LEU A 103 5.71 1.37 14.89
CA LEU A 103 4.70 2.27 15.47
C LEU A 103 3.26 1.76 15.22
N GLY A 104 3.14 0.54 14.69
CA GLY A 104 1.84 -0.13 14.52
C GLY A 104 1.53 -0.44 13.06
N ASN A 105 0.24 -0.69 12.78
CA ASN A 105 -0.26 -1.03 11.43
C ASN A 105 -1.30 -0.01 10.97
N ASP A 106 -1.54 0.03 9.65
CA ASP A 106 -2.59 0.87 9.03
C ASP A 106 -2.95 0.30 7.64
N SER A 107 -4.01 0.85 7.00
CA SER A 107 -4.44 0.43 5.67
C SER A 107 -5.20 1.57 4.94
N ALA A 108 -4.98 1.66 3.62
CA ALA A 108 -5.75 2.54 2.71
C ALA A 108 -6.39 1.67 1.62
N SER A 109 -7.62 1.98 1.22
CA SER A 109 -8.36 1.17 0.22
C SER A 109 -8.89 2.06 -0.93
N ALA A 110 -8.79 1.54 -2.17
CA ALA A 110 -9.22 2.20 -3.40
C ALA A 110 -10.21 1.30 -4.13
N ASN A 111 -11.46 1.78 -4.28
CA ASN A 111 -12.47 1.11 -5.11
C ASN A 111 -12.11 1.33 -6.59
N ILE A 112 -11.57 0.29 -7.21
CA ILE A 112 -11.22 0.32 -8.63
C ILE A 112 -12.40 -0.17 -9.47
N THR A 113 -12.96 0.75 -10.25
CA THR A 113 -14.06 0.50 -11.18
C THR A 113 -13.47 0.41 -12.59
N ILE A 114 -13.56 -0.75 -13.25
CA ILE A 114 -13.16 -0.86 -14.66
C ILE A 114 -14.41 -1.03 -15.51
N VAL A 115 -14.57 -0.16 -16.50
CA VAL A 115 -15.65 -0.20 -17.49
C VAL A 115 -15.02 -0.21 -18.89
N GLU A 116 -15.66 -0.86 -19.87
CA GLU A 116 -15.22 -0.78 -21.27
C GLU A 116 -15.82 0.48 -21.90
N SER A 117 -14.99 1.53 -21.98
CA SER A 117 -15.40 2.86 -22.44
C SER A 117 -14.77 3.15 -23.83
N ASN A 118 -15.57 2.92 -24.88
CA ASN A 118 -15.18 3.16 -26.28
C ASN A 118 -16.48 3.32 -27.12
N MET A 1 3.41 -16.70 0.61
CA MET A 1 4.78 -16.11 0.59
C MET A 1 5.82 -17.22 0.37
N HIS A 2 6.84 -16.93 -0.48
CA HIS A 2 7.97 -17.86 -0.74
C HIS A 2 8.80 -18.04 0.56
N HIS A 3 9.17 -19.30 0.86
CA HIS A 3 9.80 -19.70 2.13
C HIS A 3 8.85 -19.37 3.31
N HIS A 4 8.08 -20.38 3.75
CA HIS A 4 7.05 -20.21 4.79
C HIS A 4 7.72 -19.99 6.16
N HIS A 5 7.84 -18.71 6.55
CA HIS A 5 8.39 -18.31 7.86
C HIS A 5 7.31 -17.52 8.62
N HIS A 6 7.16 -17.83 9.92
CA HIS A 6 6.24 -17.11 10.81
C HIS A 6 6.94 -15.89 11.43
N HIS A 7 6.16 -15.05 12.11
CA HIS A 7 6.63 -13.84 12.79
C HIS A 7 5.60 -13.44 13.87
N SER A 8 6.05 -12.73 14.91
CA SER A 8 5.19 -12.25 15.99
C SER A 8 4.15 -11.24 15.45
N SER A 9 2.96 -11.22 16.09
CA SER A 9 1.83 -10.35 15.68
C SER A 9 2.22 -8.88 15.89
N GLY A 10 2.20 -8.09 14.78
CA GLY A 10 2.64 -6.71 14.79
C GLY A 10 1.69 -5.79 15.54
N ARG A 11 1.84 -5.75 16.88
CA ARG A 11 1.00 -4.93 17.77
C ARG A 11 1.75 -3.64 18.16
N GLU A 12 1.00 -2.63 18.65
CA GLU A 12 1.53 -1.27 18.92
C GLU A 12 2.51 -1.24 20.11
N ASN A 13 3.14 -0.06 20.31
CA ASN A 13 4.06 0.19 21.42
C ASN A 13 3.89 1.66 21.87
N LEU A 14 3.74 1.89 23.19
CA LEU A 14 3.35 3.20 23.77
C LEU A 14 4.41 3.75 24.73
N TYR A 15 5.46 2.95 25.03
CA TYR A 15 6.54 3.33 25.96
C TYR A 15 7.42 4.45 25.33
N PHE A 16 7.51 4.43 23.99
CA PHE A 16 8.11 5.53 23.22
C PHE A 16 7.09 6.68 23.16
N GLN A 17 7.21 7.65 24.08
CA GLN A 17 6.30 8.79 24.16
C GLN A 17 6.57 9.74 22.97
N GLY A 18 5.64 9.78 22.01
CA GLY A 18 5.79 10.54 20.78
C GLY A 18 5.72 9.66 19.53
N ALA A 19 5.68 8.32 19.74
CA ALA A 19 5.57 7.34 18.65
C ALA A 19 4.17 7.39 18.03
N LEU A 20 4.08 7.99 16.84
CA LEU A 20 2.82 8.14 16.11
C LEU A 20 2.71 6.99 15.09
N PRO A 21 1.70 6.06 15.23
CA PRO A 21 1.47 4.95 14.27
C PRO A 21 1.36 5.47 12.81
N PRO A 22 1.95 4.74 11.80
CA PRO A 22 2.01 5.20 10.38
C PRO A 22 0.61 5.33 9.75
N ARG A 23 0.43 6.31 8.86
CA ARG A 23 -0.81 6.50 8.08
C ARG A 23 -0.47 6.55 6.59
N LEU A 24 -1.21 5.79 5.79
CA LEU A 24 -1.11 5.82 4.32
C LEU A 24 -1.86 7.04 3.79
N LYS A 25 -1.39 7.58 2.65
CA LYS A 25 -2.03 8.71 1.98
C LYS A 25 -3.27 8.23 1.21
N GLU A 26 -4.12 9.19 0.85
CA GLU A 26 -5.37 8.92 0.13
C GLU A 26 -5.07 8.35 -1.26
N MET A 27 -5.35 7.05 -1.45
CA MET A 27 -5.37 6.43 -2.77
C MET A 27 -6.76 6.68 -3.36
N LYS A 28 -6.84 7.64 -4.29
CA LYS A 28 -8.10 8.07 -4.92
C LYS A 28 -8.79 6.90 -5.65
N SER A 29 -10.07 6.70 -5.32
CA SER A 29 -10.94 5.69 -5.96
C SER A 29 -11.31 6.16 -7.38
N GLN A 30 -10.98 5.33 -8.38
CA GLN A 30 -11.01 5.71 -9.80
C GLN A 30 -11.96 4.83 -10.60
N GLU A 31 -12.29 5.31 -11.80
CA GLU A 31 -12.97 4.53 -12.84
C GLU A 31 -12.20 4.71 -14.15
N SER A 32 -12.11 3.63 -14.94
CA SER A 32 -11.45 3.66 -16.25
C SER A 32 -11.95 2.50 -17.13
N ALA A 33 -11.57 2.53 -18.42
CA ALA A 33 -11.98 1.51 -19.41
C ALA A 33 -11.01 0.32 -19.43
N ALA A 34 -11.48 -0.80 -20.04
CA ALA A 34 -10.72 -2.05 -20.17
C ALA A 34 -9.52 -1.87 -21.13
N GLY A 35 -8.31 -2.16 -20.63
CA GLY A 35 -7.07 -1.97 -21.38
C GLY A 35 -6.22 -0.81 -20.85
N SER A 36 -6.69 -0.12 -19.81
CA SER A 36 -6.01 1.07 -19.24
C SER A 36 -5.01 0.72 -18.12
N LYS A 37 -4.20 1.72 -17.73
CA LYS A 37 -3.18 1.62 -16.67
C LYS A 37 -3.58 2.51 -15.47
N LEU A 38 -3.94 1.89 -14.33
CA LEU A 38 -4.29 2.61 -13.09
C LEU A 38 -3.23 2.35 -12.03
N VAL A 39 -2.55 3.42 -11.58
CA VAL A 39 -1.48 3.34 -10.58
C VAL A 39 -1.97 3.92 -9.24
N LEU A 40 -1.99 3.08 -8.20
CA LEU A 40 -2.35 3.47 -6.83
C LEU A 40 -1.06 3.63 -6.00
N ARG A 41 -0.80 4.83 -5.48
CA ARG A 41 0.40 5.10 -4.68
C ARG A 41 0.09 4.98 -3.18
N CYS A 42 0.55 3.85 -2.61
CA CYS A 42 0.44 3.57 -1.17
C CYS A 42 1.75 3.94 -0.49
N GLU A 43 1.73 5.07 0.20
CA GLU A 43 2.90 5.70 0.83
C GLU A 43 2.46 6.34 2.14
N THR A 44 3.37 6.40 3.11
CA THR A 44 3.06 6.91 4.46
C THR A 44 3.23 8.44 4.53
N SER A 45 2.61 9.05 5.56
CA SER A 45 2.70 10.50 5.84
C SER A 45 4.17 10.89 6.16
N SER A 46 4.88 9.95 6.82
CA SER A 46 6.34 10.02 7.03
C SER A 46 6.92 8.61 6.91
N GLU A 47 7.96 8.45 6.08
CA GLU A 47 8.55 7.16 5.70
C GLU A 47 9.46 6.66 6.83
N TYR A 48 8.94 5.76 7.67
CA TYR A 48 9.74 5.09 8.71
C TYR A 48 10.59 3.97 8.06
N SER A 49 11.64 3.52 8.75
CA SER A 49 12.53 2.46 8.22
C SER A 49 11.79 1.10 8.12
N SER A 50 11.08 0.74 9.21
CA SER A 50 10.36 -0.54 9.34
C SER A 50 8.90 -0.37 8.86
N LEU A 51 8.70 -0.48 7.53
CA LEU A 51 7.37 -0.43 6.88
C LEU A 51 7.20 -1.67 5.99
N ARG A 52 6.14 -2.45 6.25
CA ARG A 52 5.81 -3.68 5.50
C ARG A 52 4.52 -3.45 4.70
N PHE A 53 4.65 -3.19 3.39
CA PHE A 53 3.52 -2.86 2.52
C PHE A 53 2.92 -4.13 1.89
N LYS A 54 1.58 -4.26 2.02
CA LYS A 54 0.79 -5.36 1.45
C LYS A 54 -0.40 -4.79 0.68
N TRP A 55 -0.91 -5.55 -0.30
CA TRP A 55 -2.10 -5.17 -1.09
C TRP A 55 -3.11 -6.32 -1.02
N PHE A 56 -4.41 -5.96 -1.04
CA PHE A 56 -5.52 -6.90 -0.90
C PHE A 56 -6.59 -6.61 -1.96
N LYS A 57 -6.84 -7.57 -2.86
CA LYS A 57 -7.91 -7.52 -3.86
C LYS A 57 -9.14 -8.20 -3.27
N ASN A 58 -10.13 -7.38 -2.86
CA ASN A 58 -11.40 -7.83 -2.26
C ASN A 58 -11.13 -8.59 -0.93
N GLY A 59 -10.08 -8.12 -0.21
CA GLY A 59 -9.66 -8.72 1.07
C GLY A 59 -8.62 -9.83 0.92
N ASN A 60 -8.46 -10.35 -0.32
CA ASN A 60 -7.50 -11.46 -0.63
C ASN A 60 -6.10 -10.86 -0.83
N GLU A 61 -5.10 -11.35 -0.07
CA GLU A 61 -3.71 -10.83 -0.14
C GLU A 61 -3.13 -11.10 -1.53
N LEU A 62 -2.82 -10.02 -2.27
CA LEU A 62 -2.04 -10.11 -3.51
C LEU A 62 -0.60 -10.48 -3.12
N ASN A 63 -0.40 -11.80 -3.06
CA ASN A 63 0.88 -12.45 -2.73
C ASN A 63 1.69 -12.59 -4.03
N ARG A 64 2.82 -13.31 -4.00
CA ARG A 64 3.62 -13.55 -5.21
C ARG A 64 2.90 -14.55 -6.15
N LYS A 65 2.24 -15.55 -5.53
CA LYS A 65 1.45 -16.58 -6.26
C LYS A 65 0.06 -16.06 -6.65
N ASN A 66 -0.53 -15.21 -5.79
CA ASN A 66 -1.88 -14.64 -6.00
C ASN A 66 -1.82 -13.44 -6.96
N LYS A 67 -0.60 -12.99 -7.29
CA LYS A 67 -0.37 -11.80 -8.14
C LYS A 67 -0.68 -12.10 -9.62
N PRO A 68 -1.70 -11.42 -10.23
CA PRO A 68 -1.93 -11.47 -11.69
C PRO A 68 -0.75 -10.84 -12.47
N GLN A 69 -0.53 -11.28 -13.74
CA GLN A 69 0.64 -10.85 -14.55
C GLN A 69 0.54 -9.35 -14.94
N ASN A 70 -0.70 -8.86 -15.08
CA ASN A 70 -0.98 -7.47 -15.48
C ASN A 70 -0.96 -6.52 -14.25
N ILE A 71 -1.08 -7.11 -13.05
CA ILE A 71 -1.04 -6.37 -11.77
C ILE A 71 0.35 -6.56 -11.12
N LYS A 72 1.11 -5.47 -11.01
CA LYS A 72 2.49 -5.51 -10.47
C LYS A 72 2.60 -4.56 -9.27
N ILE A 73 3.05 -5.11 -8.15
CA ILE A 73 3.35 -4.35 -6.93
C ILE A 73 4.85 -4.00 -6.92
N GLN A 74 5.17 -2.72 -7.13
CA GLN A 74 6.57 -2.23 -7.06
C GLN A 74 6.84 -1.71 -5.63
N LYS A 75 7.88 -2.27 -4.97
CA LYS A 75 8.32 -1.83 -3.64
C LYS A 75 9.46 -0.82 -3.77
N LYS A 76 9.42 0.20 -2.90
CA LYS A 76 10.42 1.27 -2.81
C LYS A 76 10.68 1.62 -1.31
N PRO A 77 11.81 2.33 -0.95
CA PRO A 77 12.04 2.81 0.45
C PRO A 77 10.95 3.82 0.91
N GLY A 78 9.94 3.30 1.65
CA GLY A 78 8.90 4.13 2.28
C GLY A 78 7.55 4.12 1.55
N LYS A 79 7.44 3.32 0.46
CA LYS A 79 6.20 3.22 -0.35
C LYS A 79 6.19 1.95 -1.20
N SER A 80 5.01 1.65 -1.75
CA SER A 80 4.78 0.60 -2.74
C SER A 80 3.59 1.02 -3.60
N GLU A 81 3.76 1.04 -4.93
CA GLU A 81 2.67 1.39 -5.86
C GLU A 81 2.19 0.16 -6.64
N LEU A 82 0.90 0.17 -6.98
CA LEU A 82 0.26 -0.90 -7.73
C LEU A 82 -0.06 -0.41 -9.15
N ARG A 83 0.68 -0.90 -10.14
CA ARG A 83 0.45 -0.58 -11.55
C ARG A 83 -0.40 -1.68 -12.19
N ILE A 84 -1.71 -1.44 -12.26
CA ILE A 84 -2.66 -2.34 -12.93
C ILE A 84 -2.70 -1.98 -14.42
N ASN A 85 -1.82 -2.62 -15.19
CA ASN A 85 -1.75 -2.46 -16.64
C ASN A 85 -2.83 -3.34 -17.28
N LYS A 86 -3.44 -2.85 -18.36
CA LYS A 86 -4.49 -3.57 -19.11
C LYS A 86 -5.67 -4.00 -18.19
N ALA A 87 -6.00 -3.08 -17.26
CA ALA A 87 -7.07 -3.23 -16.26
C ALA A 87 -8.43 -3.47 -16.93
N SER A 88 -9.08 -4.57 -16.53
CA SER A 88 -10.33 -5.06 -17.12
C SER A 88 -11.40 -5.28 -16.01
N LEU A 89 -12.57 -5.81 -16.39
CA LEU A 89 -13.72 -6.00 -15.46
C LEU A 89 -13.36 -6.93 -14.29
N ALA A 90 -12.43 -7.87 -14.54
CA ALA A 90 -11.95 -8.82 -13.52
C ALA A 90 -11.03 -8.12 -12.50
N ASP A 91 -10.32 -7.07 -12.97
CA ASP A 91 -9.47 -6.21 -12.11
C ASP A 91 -10.32 -5.18 -11.36
N SER A 92 -11.57 -4.97 -11.83
CA SER A 92 -12.51 -4.08 -11.15
C SER A 92 -12.89 -4.66 -9.76
N GLY A 93 -12.54 -3.92 -8.70
CA GLY A 93 -12.89 -4.30 -7.33
C GLY A 93 -12.16 -3.45 -6.31
N GLU A 94 -12.07 -3.98 -5.09
CA GLU A 94 -11.41 -3.34 -3.95
C GLU A 94 -9.89 -3.58 -4.02
N TYR A 95 -9.09 -2.51 -3.94
CA TYR A 95 -7.63 -2.62 -3.72
C TYR A 95 -7.28 -1.90 -2.42
N MET A 96 -6.87 -2.68 -1.43
CA MET A 96 -6.62 -2.20 -0.08
C MET A 96 -5.15 -2.43 0.26
N CYS A 97 -4.36 -1.34 0.32
CA CYS A 97 -2.95 -1.42 0.73
C CYS A 97 -2.87 -1.40 2.26
N LYS A 98 -1.74 -1.84 2.82
CA LYS A 98 -1.57 -2.01 4.25
C LYS A 98 -0.11 -1.72 4.62
N VAL A 99 0.10 -1.02 5.74
CA VAL A 99 1.44 -0.77 6.29
C VAL A 99 1.51 -1.35 7.72
N ILE A 100 2.42 -2.32 7.91
CA ILE A 100 2.68 -2.97 9.21
C ILE A 100 4.03 -2.46 9.73
N SER A 101 4.08 -1.98 10.98
CA SER A 101 5.33 -1.47 11.59
C SER A 101 5.40 -1.89 13.07
N LYS A 102 6.43 -1.37 13.76
CA LYS A 102 6.62 -1.58 15.21
C LYS A 102 5.77 -0.56 16.01
N LEU A 103 5.37 0.54 15.34
CA LEU A 103 4.54 1.60 15.96
C LEU A 103 3.05 1.20 15.96
N GLY A 104 2.62 0.58 14.85
CA GLY A 104 1.22 0.15 14.67
C GLY A 104 0.93 -0.34 13.25
N ASN A 105 -0.33 -0.75 12.99
CA ASN A 105 -0.78 -1.20 11.65
C ASN A 105 -1.89 -0.28 11.13
N ASP A 106 -1.75 0.16 9.88
CA ASP A 106 -2.75 0.99 9.18
C ASP A 106 -3.05 0.36 7.82
N SER A 107 -4.19 0.73 7.24
CA SER A 107 -4.61 0.27 5.91
C SER A 107 -5.43 1.38 5.24
N ALA A 108 -5.34 1.45 3.89
CA ALA A 108 -6.12 2.37 3.04
C ALA A 108 -6.66 1.60 1.84
N SER A 109 -7.88 1.95 1.39
CA SER A 109 -8.60 1.24 0.33
C SER A 109 -9.05 2.23 -0.77
N ALA A 110 -8.99 1.76 -2.02
CA ALA A 110 -9.41 2.50 -3.23
C ALA A 110 -10.27 1.59 -4.11
N ASN A 111 -11.49 2.04 -4.40
CA ASN A 111 -12.40 1.36 -5.33
C ASN A 111 -11.94 1.62 -6.77
N ILE A 112 -11.46 0.59 -7.44
CA ILE A 112 -11.11 0.64 -8.86
C ILE A 112 -12.25 -0.01 -9.66
N THR A 113 -13.13 0.84 -10.20
CA THR A 113 -14.23 0.42 -11.08
C THR A 113 -13.75 0.48 -12.53
N ILE A 114 -13.91 -0.63 -13.26
CA ILE A 114 -13.51 -0.69 -14.67
C ILE A 114 -14.77 -0.98 -15.49
N VAL A 115 -14.87 -0.30 -16.63
CA VAL A 115 -15.92 -0.48 -17.62
C VAL A 115 -15.26 -0.98 -18.91
N GLU A 116 -16.07 -1.48 -19.85
CA GLU A 116 -15.56 -1.96 -21.15
C GLU A 116 -15.36 -0.77 -22.10
N SER A 117 -14.15 -0.66 -22.67
CA SER A 117 -13.75 0.40 -23.61
C SER A 117 -14.70 0.41 -24.83
N ASN A 118 -15.70 1.31 -24.77
CA ASN A 118 -16.78 1.41 -25.74
C ASN A 118 -16.23 1.89 -27.11
N MET A 1 23.93 37.09 31.96
CA MET A 1 22.56 36.74 31.53
C MET A 1 22.62 36.03 30.17
N HIS A 2 21.99 34.81 30.09
CA HIS A 2 21.88 34.00 28.84
C HIS A 2 23.28 33.59 28.31
N HIS A 3 23.33 33.08 27.07
CA HIS A 3 24.60 32.77 26.38
C HIS A 3 24.53 33.25 24.91
N HIS A 4 23.43 32.83 24.21
CA HIS A 4 23.18 33.14 22.76
C HIS A 4 24.17 32.36 21.85
N HIS A 5 23.74 32.10 20.60
CA HIS A 5 24.42 31.17 19.63
C HIS A 5 24.26 29.70 20.11
N HIS A 6 24.97 28.76 19.45
CA HIS A 6 24.94 27.32 19.82
C HIS A 6 26.26 26.62 19.50
N HIS A 7 26.66 25.69 20.38
CA HIS A 7 27.86 24.86 20.19
C HIS A 7 27.47 23.37 20.30
N SER A 8 28.14 22.53 19.51
CA SER A 8 27.80 21.09 19.40
C SER A 8 29.07 20.24 19.56
N SER A 9 29.08 19.38 20.61
CA SER A 9 30.20 18.46 20.89
C SER A 9 30.10 17.19 20.01
N GLY A 10 28.86 16.68 19.88
CA GLY A 10 28.59 15.46 19.13
C GLY A 10 27.40 14.71 19.72
N ARG A 11 26.23 15.40 19.71
CA ARG A 11 24.98 14.86 20.26
C ARG A 11 24.55 13.60 19.52
N GLU A 12 24.17 12.58 20.30
CA GLU A 12 23.62 11.32 19.80
C GLU A 12 22.12 11.46 19.59
N ASN A 13 21.61 10.79 18.53
CA ASN A 13 20.18 10.85 18.17
C ASN A 13 19.33 10.26 19.30
N LEU A 14 18.35 11.03 19.77
CA LEU A 14 17.49 10.68 20.91
C LEU A 14 16.38 9.72 20.49
N TYR A 15 15.45 9.43 21.42
CA TYR A 15 14.28 8.60 21.15
C TYR A 15 13.30 9.37 20.25
N PHE A 16 12.64 8.65 19.32
CA PHE A 16 11.65 9.23 18.40
C PHE A 16 10.35 9.57 19.17
N GLN A 17 10.30 10.78 19.74
CA GLN A 17 9.19 11.26 20.58
C GLN A 17 7.95 11.56 19.73
N GLY A 18 8.19 12.02 18.50
CA GLY A 18 7.14 12.34 17.54
C GLY A 18 6.83 11.19 16.59
N ALA A 19 7.26 9.96 16.94
CA ALA A 19 6.99 8.76 16.14
C ALA A 19 5.52 8.36 16.30
N LEU A 20 4.73 8.64 15.27
CA LEU A 20 3.29 8.41 15.26
C LEU A 20 2.97 7.10 14.52
N PRO A 21 1.80 6.43 14.80
CA PRO A 21 1.33 5.25 14.01
C PRO A 21 1.32 5.53 12.47
N PRO A 22 1.95 4.64 11.62
CA PRO A 22 2.11 4.89 10.16
C PRO A 22 0.76 4.91 9.42
N ARG A 23 0.12 6.09 9.37
CA ARG A 23 -1.23 6.23 8.80
C ARG A 23 -1.11 6.49 7.29
N LEU A 24 -1.52 5.49 6.49
CA LEU A 24 -1.48 5.55 5.02
C LEU A 24 -2.40 6.65 4.47
N LYS A 25 -1.91 7.35 3.43
CA LYS A 25 -2.71 8.31 2.67
C LYS A 25 -3.83 7.58 1.92
N GLU A 26 -5.01 8.21 1.89
CA GLU A 26 -6.20 7.68 1.21
C GLU A 26 -5.94 7.56 -0.30
N MET A 27 -5.89 6.31 -0.80
CA MET A 27 -5.69 6.04 -2.24
C MET A 27 -6.98 6.39 -3.01
N LYS A 28 -6.83 6.87 -4.25
CA LYS A 28 -7.94 7.41 -5.05
C LYS A 28 -8.80 6.30 -5.66
N SER A 29 -10.13 6.41 -5.44
CA SER A 29 -11.13 5.53 -6.04
C SER A 29 -11.31 5.90 -7.53
N GLN A 30 -10.69 5.11 -8.43
CA GLN A 30 -10.56 5.43 -9.87
C GLN A 30 -11.39 4.45 -10.71
N GLU A 31 -11.93 4.97 -11.81
CA GLU A 31 -12.70 4.18 -12.80
C GLU A 31 -12.14 4.45 -14.20
N SER A 32 -11.68 3.39 -14.88
CA SER A 32 -11.04 3.50 -16.20
C SER A 32 -11.53 2.39 -17.13
N ALA A 33 -11.31 2.60 -18.44
CA ALA A 33 -11.73 1.65 -19.49
C ALA A 33 -10.79 0.43 -19.57
N ALA A 34 -11.30 -0.65 -20.18
CA ALA A 34 -10.54 -1.89 -20.41
C ALA A 34 -9.44 -1.65 -21.47
N GLY A 35 -8.19 -1.99 -21.09
CA GLY A 35 -7.00 -1.75 -21.94
C GLY A 35 -6.12 -0.65 -21.38
N SER A 36 -6.63 0.08 -20.38
CA SER A 36 -5.92 1.20 -19.74
C SER A 36 -4.90 0.73 -18.69
N LYS A 37 -4.11 1.67 -18.16
CA LYS A 37 -3.12 1.40 -17.10
C LYS A 37 -3.45 2.32 -15.90
N LEU A 38 -3.73 1.69 -14.73
CA LEU A 38 -4.05 2.42 -13.49
C LEU A 38 -2.89 2.27 -12.49
N VAL A 39 -2.62 3.33 -11.72
CA VAL A 39 -1.61 3.34 -10.65
C VAL A 39 -2.28 3.69 -9.31
N LEU A 40 -1.89 2.97 -8.26
CA LEU A 40 -2.37 3.20 -6.89
C LEU A 40 -1.18 3.49 -5.99
N ARG A 41 -1.11 4.71 -5.45
CA ARG A 41 0.01 5.16 -4.62
C ARG A 41 -0.31 4.96 -3.13
N CYS A 42 0.46 4.08 -2.47
CA CYS A 42 0.37 3.84 -1.03
C CYS A 42 1.66 4.30 -0.34
N GLU A 43 1.53 5.30 0.53
CA GLU A 43 2.63 5.81 1.36
C GLU A 43 2.06 6.31 2.69
N THR A 44 2.92 6.41 3.70
CA THR A 44 2.50 6.72 5.08
C THR A 44 2.45 8.23 5.34
N SER A 45 1.94 8.58 6.53
CA SER A 45 1.74 9.97 6.98
C SER A 45 3.08 10.69 7.21
N SER A 46 3.98 10.04 7.93
CA SER A 46 5.32 10.56 8.24
C SER A 46 6.38 9.66 7.58
N GLU A 47 7.67 9.91 7.87
CA GLU A 47 8.79 9.13 7.33
C GLU A 47 9.27 8.11 8.38
N TYR A 48 9.31 6.82 8.03
CA TYR A 48 9.69 5.73 8.95
C TYR A 48 10.77 4.86 8.31
N SER A 49 11.73 4.42 9.14
CA SER A 49 12.88 3.59 8.71
C SER A 49 12.49 2.11 8.49
N SER A 50 11.32 1.68 9.02
CA SER A 50 10.85 0.29 8.93
C SER A 50 9.36 0.26 8.52
N LEU A 51 9.08 -0.13 7.25
CA LEU A 51 7.71 -0.22 6.71
C LEU A 51 7.58 -1.46 5.78
N ARG A 52 6.48 -2.21 5.95
CA ARG A 52 6.14 -3.40 5.13
C ARG A 52 4.74 -3.18 4.55
N PHE A 53 4.54 -3.44 3.24
CA PHE A 53 3.25 -3.11 2.56
C PHE A 53 2.55 -4.36 2.02
N LYS A 54 1.21 -4.43 2.24
CA LYS A 54 0.36 -5.56 1.82
C LYS A 54 -0.88 -5.03 1.08
N TRP A 55 -1.06 -5.44 -0.18
CA TRP A 55 -2.20 -5.01 -1.01
C TRP A 55 -3.26 -6.10 -1.06
N PHE A 56 -4.51 -5.72 -0.76
CA PHE A 56 -5.67 -6.63 -0.72
C PHE A 56 -6.67 -6.22 -1.80
N LYS A 57 -6.92 -7.10 -2.77
CA LYS A 57 -7.97 -6.89 -3.78
C LYS A 57 -9.20 -7.67 -3.35
N ASN A 58 -10.29 -6.95 -3.03
CA ASN A 58 -11.56 -7.51 -2.52
C ASN A 58 -11.35 -8.21 -1.16
N GLY A 59 -10.36 -7.69 -0.40
CA GLY A 59 -10.02 -8.22 0.91
C GLY A 59 -9.05 -9.39 0.87
N ASN A 60 -8.67 -9.84 -0.33
CA ASN A 60 -7.74 -10.96 -0.52
C ASN A 60 -6.37 -10.42 -0.92
N GLU A 61 -5.37 -10.57 -0.03
CA GLU A 61 -4.00 -10.08 -0.24
C GLU A 61 -3.34 -10.73 -1.48
N LEU A 62 -3.11 -9.92 -2.53
CA LEU A 62 -2.47 -10.39 -3.75
C LEU A 62 -0.97 -10.62 -3.48
N ASN A 63 -0.64 -11.86 -3.09
CA ASN A 63 0.75 -12.32 -2.97
C ASN A 63 1.27 -12.71 -4.35
N ARG A 64 2.54 -13.13 -4.44
CA ARG A 64 3.20 -13.40 -5.73
C ARG A 64 2.49 -14.53 -6.51
N LYS A 65 1.94 -15.50 -5.76
CA LYS A 65 1.10 -16.59 -6.30
C LYS A 65 -0.32 -16.07 -6.60
N ASN A 66 -0.85 -15.26 -5.68
CA ASN A 66 -2.26 -14.79 -5.72
C ASN A 66 -2.43 -13.51 -6.55
N LYS A 67 -1.49 -13.24 -7.44
CA LYS A 67 -1.49 -12.02 -8.26
C LYS A 67 -1.49 -12.40 -9.76
N PRO A 68 -2.33 -11.74 -10.61
CA PRO A 68 -2.23 -11.84 -12.08
C PRO A 68 -0.93 -11.17 -12.60
N GLN A 69 -0.60 -11.45 -13.86
CA GLN A 69 0.68 -11.06 -14.46
C GLN A 69 0.68 -9.60 -14.91
N ASN A 70 -0.52 -9.06 -15.20
CA ASN A 70 -0.66 -7.66 -15.67
C ASN A 70 -0.66 -6.66 -14.48
N ILE A 71 -0.92 -7.17 -13.27
CA ILE A 71 -0.84 -6.38 -12.02
C ILE A 71 0.52 -6.61 -11.37
N LYS A 72 1.13 -5.53 -10.82
CA LYS A 72 2.44 -5.60 -10.15
C LYS A 72 2.49 -4.63 -8.97
N ILE A 73 3.30 -4.98 -7.96
CA ILE A 73 3.59 -4.12 -6.80
C ILE A 73 5.11 -3.88 -6.76
N GLN A 74 5.53 -2.62 -6.87
CA GLN A 74 6.95 -2.23 -6.70
C GLN A 74 7.12 -1.63 -5.29
N LYS A 75 8.00 -2.24 -4.48
CA LYS A 75 8.16 -1.88 -3.06
C LYS A 75 9.40 -0.99 -2.89
N LYS A 76 9.15 0.30 -2.70
CA LYS A 76 10.17 1.34 -2.48
C LYS A 76 10.48 1.48 -0.98
N PRO A 77 11.67 2.04 -0.59
CA PRO A 77 11.99 2.34 0.83
C PRO A 77 11.03 3.38 1.44
N GLY A 78 9.93 2.89 2.03
CA GLY A 78 8.96 3.73 2.74
C GLY A 78 7.61 3.87 2.02
N LYS A 79 7.44 3.17 0.88
CA LYS A 79 6.17 3.21 0.09
C LYS A 79 6.12 2.05 -0.91
N SER A 80 4.98 1.93 -1.61
CA SER A 80 4.77 0.92 -2.67
C SER A 80 3.58 1.33 -3.52
N GLU A 81 3.64 1.05 -4.83
CA GLU A 81 2.52 1.34 -5.74
C GLU A 81 2.14 0.08 -6.52
N LEU A 82 0.82 -0.08 -6.74
CA LEU A 82 0.27 -1.19 -7.51
C LEU A 82 -0.18 -0.65 -8.88
N ARG A 83 0.44 -1.15 -9.95
CA ARG A 83 0.15 -0.75 -11.32
C ARG A 83 -0.60 -1.87 -12.08
N ILE A 84 -1.89 -1.63 -12.36
CA ILE A 84 -2.69 -2.51 -13.23
C ILE A 84 -2.42 -2.12 -14.69
N ASN A 85 -1.59 -2.90 -15.39
CA ASN A 85 -1.29 -2.65 -16.82
C ASN A 85 -2.29 -3.42 -17.68
N LYS A 86 -2.94 -2.73 -18.63
CA LYS A 86 -3.97 -3.32 -19.52
C LYS A 86 -5.10 -3.98 -18.70
N ALA A 87 -5.90 -3.13 -18.07
CA ALA A 87 -6.96 -3.56 -17.15
C ALA A 87 -8.13 -4.23 -17.89
N SER A 88 -8.84 -5.11 -17.20
CA SER A 88 -10.05 -5.75 -17.69
C SER A 88 -11.09 -5.73 -16.56
N LEU A 89 -12.29 -6.23 -16.84
CA LEU A 89 -13.41 -6.22 -15.85
C LEU A 89 -13.09 -7.09 -14.62
N ALA A 90 -12.13 -8.03 -14.80
CA ALA A 90 -11.61 -8.88 -13.71
C ALA A 90 -10.68 -8.09 -12.76
N ASP A 91 -9.98 -7.08 -13.31
CA ASP A 91 -9.05 -6.23 -12.55
C ASP A 91 -9.78 -5.14 -11.73
N SER A 92 -11.09 -5.02 -11.95
CA SER A 92 -11.97 -4.20 -11.12
C SER A 92 -12.12 -4.84 -9.72
N GLY A 93 -11.99 -4.01 -8.68
CA GLY A 93 -12.20 -4.43 -7.29
C GLY A 93 -11.80 -3.36 -6.31
N GLU A 94 -12.06 -3.58 -5.01
CA GLU A 94 -11.63 -2.64 -3.95
C GLU A 94 -10.23 -3.02 -3.48
N TYR A 95 -9.24 -2.18 -3.80
CA TYR A 95 -7.86 -2.36 -3.36
C TYR A 95 -7.63 -1.62 -2.04
N MET A 96 -7.09 -2.33 -1.06
CA MET A 96 -6.71 -1.77 0.24
C MET A 96 -5.23 -2.09 0.49
N CYS A 97 -4.39 -1.05 0.55
CA CYS A 97 -2.99 -1.20 0.93
C CYS A 97 -2.90 -1.24 2.47
N LYS A 98 -1.87 -1.90 2.98
CA LYS A 98 -1.63 -2.06 4.42
C LYS A 98 -0.17 -1.74 4.71
N VAL A 99 0.13 -1.33 5.95
CA VAL A 99 1.50 -1.08 6.39
C VAL A 99 1.73 -1.72 7.79
N ILE A 100 2.91 -2.32 7.96
CA ILE A 100 3.36 -2.95 9.21
C ILE A 100 4.73 -2.32 9.57
N SER A 101 4.86 -1.82 10.81
CA SER A 101 6.11 -1.18 11.27
C SER A 101 6.43 -1.60 12.70
N LYS A 102 7.45 -0.95 13.29
CA LYS A 102 7.80 -1.14 14.71
C LYS A 102 6.77 -0.44 15.63
N LEU A 103 6.13 0.61 15.10
CA LEU A 103 5.19 1.46 15.86
C LEU A 103 3.78 0.83 15.89
N GLY A 104 3.31 0.39 14.71
CA GLY A 104 1.98 -0.19 14.58
C GLY A 104 1.60 -0.50 13.13
N ASN A 105 0.30 -0.75 12.92
CA ASN A 105 -0.24 -1.11 11.58
C ASN A 105 -1.33 -0.11 11.16
N ASP A 106 -1.73 -0.18 9.88
CA ASP A 106 -2.76 0.70 9.28
C ASP A 106 -3.15 0.17 7.89
N SER A 107 -4.29 0.64 7.35
CA SER A 107 -4.77 0.21 6.03
C SER A 107 -5.64 1.30 5.36
N ALA A 108 -5.32 1.64 4.08
CA ALA A 108 -6.06 2.63 3.27
C ALA A 108 -6.73 1.91 2.08
N SER A 109 -8.02 2.20 1.85
CA SER A 109 -8.82 1.55 0.78
C SER A 109 -9.01 2.48 -0.45
N ALA A 110 -9.45 1.87 -1.57
CA ALA A 110 -9.77 2.57 -2.83
C ALA A 110 -10.62 1.64 -3.71
N ASN A 111 -11.74 2.15 -4.23
CA ASN A 111 -12.67 1.37 -5.06
C ASN A 111 -12.33 1.57 -6.54
N ILE A 112 -11.68 0.57 -7.14
CA ILE A 112 -11.32 0.57 -8.56
C ILE A 112 -12.40 -0.13 -9.37
N THR A 113 -12.96 0.58 -10.36
CA THR A 113 -13.93 0.03 -11.30
C THR A 113 -13.34 0.06 -12.71
N ILE A 114 -13.51 -1.01 -13.46
CA ILE A 114 -13.13 -1.05 -14.88
C ILE A 114 -14.41 -1.23 -15.71
N VAL A 115 -14.58 -0.35 -16.70
CA VAL A 115 -15.70 -0.41 -17.65
C VAL A 115 -15.17 -0.78 -19.04
N GLU A 116 -16.09 -1.12 -19.95
CA GLU A 116 -15.78 -1.39 -21.35
C GLU A 116 -15.83 -0.08 -22.16
N SER A 117 -14.80 0.12 -22.99
CA SER A 117 -14.72 1.27 -23.91
C SER A 117 -15.57 1.02 -25.19
N ASN A 118 -16.70 1.75 -25.32
CA ASN A 118 -17.60 1.64 -26.48
C ASN A 118 -16.91 2.23 -27.74
N MET A 1 -6.29 34.61 14.17
CA MET A 1 -6.20 33.23 13.65
C MET A 1 -4.82 33.03 13.02
N HIS A 2 -3.89 32.43 13.80
CA HIS A 2 -2.51 32.21 13.37
C HIS A 2 -2.03 30.78 13.69
N HIS A 3 -1.27 30.20 12.76
CA HIS A 3 -0.57 28.93 12.93
C HIS A 3 0.56 28.89 11.91
N HIS A 4 1.76 29.31 12.34
CA HIS A 4 2.94 29.35 11.46
C HIS A 4 3.44 27.92 11.17
N HIS A 5 3.70 27.64 9.89
CA HIS A 5 4.23 26.35 9.44
C HIS A 5 5.72 26.26 9.81
N HIS A 6 5.98 25.75 11.02
CA HIS A 6 7.33 25.64 11.59
C HIS A 6 7.27 24.64 12.76
N HIS A 7 7.31 23.32 12.42
CA HIS A 7 7.21 22.23 13.41
C HIS A 7 8.57 21.95 14.08
N SER A 8 9.67 22.29 13.39
CA SER A 8 11.04 22.07 13.91
C SER A 8 11.94 23.28 13.60
N SER A 9 13.03 23.41 14.38
CA SER A 9 13.96 24.53 14.27
C SER A 9 15.42 24.00 14.26
N GLY A 10 16.17 24.34 13.19
CA GLY A 10 17.60 24.01 13.09
C GLY A 10 17.87 22.55 12.73
N ARG A 11 19.16 22.18 12.75
CA ARG A 11 19.62 20.82 12.42
C ARG A 11 19.58 19.93 13.67
N GLU A 12 18.54 19.07 13.76
CA GLU A 12 18.39 18.11 14.88
C GLU A 12 17.41 16.98 14.53
N ASN A 13 17.76 15.76 14.96
CA ASN A 13 16.85 14.58 14.93
C ASN A 13 17.03 13.82 16.24
N LEU A 14 15.95 13.69 17.00
CA LEU A 14 15.95 13.02 18.31
C LEU A 14 15.65 11.52 18.15
N TYR A 15 15.41 10.79 19.25
CA TYR A 15 15.12 9.34 19.20
C TYR A 15 13.66 9.04 18.70
N PHE A 16 13.03 10.06 18.09
CA PHE A 16 11.70 9.99 17.47
C PHE A 16 10.64 9.71 18.55
N GLN A 17 10.51 10.68 19.46
CA GLN A 17 9.60 10.62 20.61
C GLN A 17 8.14 10.74 20.15
N GLY A 18 7.93 11.50 19.05
CA GLY A 18 6.63 11.61 18.42
C GLY A 18 6.37 10.45 17.46
N ALA A 19 6.40 9.22 18.00
CA ALA A 19 6.21 7.99 17.22
C ALA A 19 4.74 7.57 17.23
N LEU A 20 4.06 7.78 16.09
CA LEU A 20 2.67 7.36 15.88
C LEU A 20 2.64 6.10 14.97
N PRO A 21 1.54 5.27 15.05
CA PRO A 21 1.23 4.26 14.01
C PRO A 21 1.16 4.91 12.60
N PRO A 22 1.94 4.43 11.59
CA PRO A 22 2.06 5.06 10.26
C PRO A 22 0.71 5.12 9.51
N ARG A 23 0.09 6.31 9.52
CA ARG A 23 -1.25 6.52 8.97
C ARG A 23 -1.15 6.76 7.43
N LEU A 24 -1.64 5.77 6.64
CA LEU A 24 -1.71 5.85 5.17
C LEU A 24 -2.68 6.95 4.72
N LYS A 25 -2.32 7.62 3.62
CA LYS A 25 -3.19 8.61 2.96
C LYS A 25 -4.41 7.93 2.34
N GLU A 26 -5.47 8.72 2.07
CA GLU A 26 -6.69 8.20 1.42
C GLU A 26 -6.36 7.74 -0.02
N MET A 27 -6.40 6.41 -0.23
CA MET A 27 -6.18 5.79 -1.56
C MET A 27 -7.35 6.14 -2.48
N LYS A 28 -7.10 7.09 -3.40
CA LYS A 28 -8.11 7.72 -4.28
C LYS A 28 -8.83 6.65 -5.14
N SER A 29 -10.17 6.63 -5.05
CA SER A 29 -11.04 5.80 -5.89
C SER A 29 -10.94 6.23 -7.37
N GLN A 30 -10.46 5.32 -8.23
CA GLN A 30 -10.18 5.60 -9.66
C GLN A 30 -11.03 4.71 -10.57
N GLU A 31 -11.53 5.29 -11.68
CA GLU A 31 -12.19 4.55 -12.76
C GLU A 31 -11.50 4.86 -14.10
N SER A 32 -11.34 3.83 -14.95
CA SER A 32 -10.76 3.99 -16.28
C SER A 32 -11.33 2.94 -17.25
N ALA A 33 -10.99 3.09 -18.53
CA ALA A 33 -11.40 2.19 -19.61
C ALA A 33 -10.64 0.86 -19.57
N ALA A 34 -11.28 -0.21 -20.05
CA ALA A 34 -10.70 -1.56 -20.08
C ALA A 34 -9.56 -1.63 -21.12
N GLY A 35 -8.36 -1.99 -20.65
CA GLY A 35 -7.14 -1.96 -21.47
C GLY A 35 -6.17 -0.88 -21.02
N SER A 36 -6.64 0.06 -20.16
CA SER A 36 -5.79 1.14 -19.61
C SER A 36 -5.06 0.67 -18.33
N LYS A 37 -3.91 1.28 -18.03
CA LYS A 37 -3.12 0.99 -16.81
C LYS A 37 -3.51 1.94 -15.67
N LEU A 38 -3.79 1.38 -14.48
CA LEU A 38 -4.08 2.17 -13.26
C LEU A 38 -2.98 1.89 -12.22
N VAL A 39 -2.21 2.93 -11.90
CA VAL A 39 -1.14 2.83 -10.88
C VAL A 39 -1.68 3.39 -9.54
N LEU A 40 -1.94 2.47 -8.61
CA LEU A 40 -2.31 2.78 -7.23
C LEU A 40 -1.06 3.17 -6.43
N ARG A 41 -1.21 4.06 -5.45
CA ARG A 41 -0.12 4.48 -4.57
C ARG A 41 -0.50 4.22 -3.11
N CYS A 42 0.51 3.89 -2.31
CA CYS A 42 0.37 3.63 -0.88
C CYS A 42 1.65 4.04 -0.15
N GLU A 43 1.58 5.19 0.52
CA GLU A 43 2.62 5.68 1.43
C GLU A 43 2.00 6.65 2.43
N THR A 44 2.71 6.87 3.52
CA THR A 44 2.24 7.61 4.68
C THR A 44 2.57 9.11 4.57
N SER A 45 1.80 9.96 5.27
CA SER A 45 1.94 11.43 5.25
C SER A 45 3.32 11.88 5.77
N SER A 46 3.73 11.31 6.91
CA SER A 46 5.11 11.44 7.42
C SER A 46 5.97 10.31 6.84
N GLU A 47 7.26 10.58 6.56
CA GLU A 47 8.19 9.55 6.06
C GLU A 47 8.65 8.63 7.22
N TYR A 48 8.77 7.33 6.94
CA TYR A 48 9.41 6.36 7.85
C TYR A 48 10.24 5.39 6.99
N SER A 49 11.35 4.88 7.53
CA SER A 49 12.23 3.90 6.83
C SER A 49 12.01 2.48 7.39
N SER A 50 10.81 2.24 7.96
CA SER A 50 10.47 0.97 8.63
C SER A 50 9.10 0.45 8.15
N LEU A 51 8.69 0.88 6.96
CA LEU A 51 7.35 0.58 6.41
C LEU A 51 7.37 -0.69 5.56
N ARG A 52 6.43 -1.61 5.85
CA ARG A 52 6.25 -2.89 5.13
C ARG A 52 4.85 -2.91 4.53
N PHE A 53 4.73 -2.62 3.24
CA PHE A 53 3.40 -2.51 2.59
C PHE A 53 2.94 -3.87 2.05
N LYS A 54 1.62 -4.04 1.98
CA LYS A 54 0.98 -5.25 1.45
C LYS A 54 -0.25 -4.83 0.67
N TRP A 55 -0.46 -5.43 -0.51
CA TRP A 55 -1.62 -5.11 -1.36
C TRP A 55 -2.63 -6.27 -1.33
N PHE A 56 -3.91 -5.88 -1.23
CA PHE A 56 -5.05 -6.79 -1.07
C PHE A 56 -6.08 -6.47 -2.15
N LYS A 57 -6.96 -7.43 -2.42
CA LYS A 57 -8.10 -7.25 -3.29
C LYS A 57 -9.28 -8.00 -2.71
N ASN A 58 -10.30 -7.26 -2.22
CA ASN A 58 -11.50 -7.81 -1.55
C ASN A 58 -11.12 -8.51 -0.22
N GLY A 59 -10.00 -8.05 0.38
CA GLY A 59 -9.46 -8.62 1.61
C GLY A 59 -8.44 -9.74 1.37
N ASN A 60 -8.32 -10.19 0.11
CA ASN A 60 -7.37 -11.26 -0.27
C ASN A 60 -5.98 -10.66 -0.48
N GLU A 61 -5.02 -10.99 0.41
CA GLU A 61 -3.63 -10.53 0.28
C GLU A 61 -3.05 -11.05 -1.05
N LEU A 62 -2.94 -10.13 -2.03
CA LEU A 62 -2.40 -10.45 -3.35
C LEU A 62 -0.93 -10.85 -3.24
N ASN A 63 -0.70 -12.16 -3.14
CA ASN A 63 0.64 -12.76 -3.18
C ASN A 63 1.09 -12.87 -4.64
N ARG A 64 2.37 -13.15 -4.85
CA ARG A 64 2.97 -13.29 -6.21
C ARG A 64 2.33 -14.46 -6.99
N LYS A 65 1.74 -15.42 -6.24
CA LYS A 65 1.03 -16.56 -6.82
C LYS A 65 -0.46 -16.21 -7.04
N ASN A 66 -1.03 -15.43 -6.09
CA ASN A 66 -2.48 -15.09 -6.05
C ASN A 66 -2.82 -13.95 -7.04
N LYS A 67 -1.79 -13.27 -7.52
CA LYS A 67 -1.91 -12.05 -8.35
C LYS A 67 -1.83 -12.40 -9.85
N PRO A 68 -2.63 -11.74 -10.74
CA PRO A 68 -2.44 -11.83 -12.20
C PRO A 68 -1.10 -11.23 -12.67
N GLN A 69 -0.65 -11.62 -13.88
CA GLN A 69 0.67 -11.22 -14.43
C GLN A 69 0.70 -9.73 -14.83
N ASN A 70 -0.46 -9.17 -15.18
CA ASN A 70 -0.59 -7.77 -15.64
C ASN A 70 -0.52 -6.79 -14.44
N ILE A 71 -0.77 -7.30 -13.23
CA ILE A 71 -0.64 -6.54 -11.98
C ILE A 71 0.72 -6.89 -11.35
N LYS A 72 1.40 -5.90 -10.75
CA LYS A 72 2.66 -6.15 -10.03
C LYS A 72 2.85 -5.10 -8.91
N ILE A 73 3.42 -5.57 -7.78
CA ILE A 73 3.83 -4.69 -6.67
C ILE A 73 5.29 -4.28 -6.88
N GLN A 74 5.52 -2.97 -7.04
CA GLN A 74 6.86 -2.39 -6.89
C GLN A 74 6.97 -1.90 -5.45
N LYS A 75 7.73 -2.64 -4.63
CA LYS A 75 7.92 -2.31 -3.21
C LYS A 75 9.14 -1.39 -3.09
N LYS A 76 8.86 -0.09 -2.97
CA LYS A 76 9.86 1.00 -3.09
C LYS A 76 10.37 1.42 -1.69
N PRO A 77 11.52 2.18 -1.58
CA PRO A 77 12.05 2.64 -0.27
C PRO A 77 11.06 3.57 0.48
N GLY A 78 10.38 3.00 1.50
CA GLY A 78 9.44 3.73 2.36
C GLY A 78 8.09 4.02 1.70
N LYS A 79 7.81 3.30 0.60
CA LYS A 79 6.58 3.47 -0.20
C LYS A 79 6.33 2.23 -1.08
N SER A 80 5.19 2.21 -1.78
CA SER A 80 4.85 1.11 -2.70
C SER A 80 3.74 1.56 -3.64
N GLU A 81 3.77 1.05 -4.89
CA GLU A 81 2.73 1.31 -5.90
C GLU A 81 2.31 -0.01 -6.56
N LEU A 82 1.04 -0.09 -6.97
CA LEU A 82 0.47 -1.27 -7.62
C LEU A 82 0.09 -0.92 -9.07
N ARG A 83 0.93 -1.34 -10.03
CA ARG A 83 0.68 -1.07 -11.45
C ARG A 83 -0.26 -2.16 -12.01
N ILE A 84 -1.54 -1.84 -12.17
CA ILE A 84 -2.52 -2.71 -12.82
C ILE A 84 -2.53 -2.41 -14.33
N ASN A 85 -1.73 -3.17 -15.09
CA ASN A 85 -1.53 -2.96 -16.55
C ASN A 85 -2.66 -3.63 -17.32
N LYS A 86 -3.12 -2.98 -18.43
CA LYS A 86 -4.17 -3.52 -19.33
C LYS A 86 -5.44 -3.97 -18.56
N ALA A 87 -5.81 -3.16 -17.55
CA ALA A 87 -6.86 -3.50 -16.57
C ALA A 87 -8.22 -3.82 -17.23
N SER A 88 -8.68 -5.06 -17.05
CA SER A 88 -9.98 -5.54 -17.55
C SER A 88 -11.07 -5.37 -16.46
N LEU A 89 -12.31 -5.82 -16.76
CA LEU A 89 -13.42 -5.78 -15.77
C LEU A 89 -13.12 -6.74 -14.59
N ALA A 90 -12.25 -7.74 -14.85
CA ALA A 90 -11.74 -8.68 -13.83
C ALA A 90 -10.77 -7.98 -12.87
N ASP A 91 -10.13 -6.89 -13.33
CA ASP A 91 -9.22 -6.06 -12.51
C ASP A 91 -9.99 -4.97 -11.74
N SER A 92 -11.31 -4.92 -11.93
CA SER A 92 -12.20 -4.00 -11.21
C SER A 92 -12.61 -4.61 -9.85
N GLY A 93 -12.38 -3.88 -8.74
CA GLY A 93 -12.80 -4.32 -7.41
C GLY A 93 -12.24 -3.46 -6.29
N GLU A 94 -12.31 -4.00 -5.06
CA GLU A 94 -11.76 -3.37 -3.85
C GLU A 94 -10.27 -3.68 -3.75
N TYR A 95 -9.44 -2.66 -3.50
CA TYR A 95 -7.99 -2.82 -3.33
C TYR A 95 -7.54 -2.10 -2.04
N MET A 96 -7.06 -2.87 -1.05
CA MET A 96 -6.57 -2.33 0.23
C MET A 96 -5.05 -2.46 0.31
N CYS A 97 -4.36 -1.38 0.66
CA CYS A 97 -2.97 -1.46 1.07
C CYS A 97 -2.88 -1.37 2.59
N LYS A 98 -2.09 -2.26 3.22
CA LYS A 98 -1.73 -2.16 4.63
C LYS A 98 -0.27 -1.67 4.74
N VAL A 99 0.05 -1.07 5.89
CA VAL A 99 1.41 -0.69 6.24
C VAL A 99 1.72 -1.28 7.64
N ILE A 100 2.69 -2.18 7.69
CA ILE A 100 3.12 -2.84 8.92
C ILE A 100 4.45 -2.21 9.36
N SER A 101 4.57 -1.82 10.63
CA SER A 101 5.83 -1.35 11.21
C SER A 101 5.89 -1.71 12.70
N LYS A 102 7.05 -1.46 13.31
CA LYS A 102 7.26 -1.64 14.76
C LYS A 102 6.48 -0.59 15.57
N LEU A 103 6.11 0.54 14.91
CA LEU A 103 5.30 1.60 15.52
C LEU A 103 3.84 1.16 15.62
N GLY A 104 3.32 0.63 14.50
CA GLY A 104 1.94 0.17 14.42
C GLY A 104 1.52 -0.11 13.00
N ASN A 105 0.22 -0.40 12.80
CA ASN A 105 -0.34 -0.77 11.49
C ASN A 105 -1.54 0.14 11.14
N ASP A 106 -1.72 0.37 9.82
CA ASP A 106 -2.85 1.17 9.28
C ASP A 106 -3.15 0.69 7.85
N SER A 107 -4.36 0.98 7.35
CA SER A 107 -4.79 0.53 6.01
C SER A 107 -5.74 1.54 5.35
N ALA A 108 -5.65 1.61 4.02
CA ALA A 108 -6.53 2.44 3.17
C ALA A 108 -7.13 1.58 2.06
N SER A 109 -8.34 1.92 1.61
CA SER A 109 -9.06 1.19 0.55
C SER A 109 -9.21 2.07 -0.70
N ALA A 110 -9.24 1.43 -1.88
CA ALA A 110 -9.38 2.10 -3.17
C ALA A 110 -10.45 1.40 -3.99
N ASN A 111 -11.53 2.12 -4.32
CA ASN A 111 -12.56 1.62 -5.24
C ASN A 111 -12.03 1.76 -6.68
N ILE A 112 -11.56 0.65 -7.25
CA ILE A 112 -11.06 0.62 -8.64
C ILE A 112 -12.13 0.03 -9.55
N THR A 113 -12.80 0.91 -10.29
CA THR A 113 -13.83 0.53 -11.26
C THR A 113 -13.25 0.56 -12.67
N ILE A 114 -13.57 -0.45 -13.46
CA ILE A 114 -13.18 -0.52 -14.87
C ILE A 114 -14.45 -0.63 -15.72
N VAL A 115 -14.51 0.12 -16.81
CA VAL A 115 -15.63 0.11 -17.77
C VAL A 115 -15.12 -0.29 -19.16
N GLU A 116 -15.96 -0.96 -19.97
CA GLU A 116 -15.61 -1.32 -21.36
C GLU A 116 -15.42 -0.06 -22.21
N SER A 117 -14.21 0.10 -22.78
CA SER A 117 -13.83 1.25 -23.60
C SER A 117 -14.79 1.39 -24.82
N ASN A 118 -15.56 2.49 -24.83
CA ASN A 118 -16.63 2.75 -25.81
C ASN A 118 -16.04 3.05 -27.21
#